data_7ORR
# 
_entry.id   7ORR 
# 
_audit_conform.dict_name       mmcif_pdbx.dic 
_audit_conform.dict_version    5.384 
_audit_conform.dict_location   http://mmcif.pdb.org/dictionaries/ascii/mmcif_pdbx.dic 
# 
loop_
_database_2.database_id 
_database_2.database_code 
_database_2.pdbx_database_accession 
_database_2.pdbx_DOI 
PDB   7ORR         pdb_00007orr 10.2210/pdb7orr/pdb 
WWPDB D_1292116317 ?            ?                   
# 
loop_
_pdbx_audit_revision_history.ordinal 
_pdbx_audit_revision_history.data_content_type 
_pdbx_audit_revision_history.major_revision 
_pdbx_audit_revision_history.minor_revision 
_pdbx_audit_revision_history.revision_date 
1 'Structure model' 1 0 2021-10-20 
2 'Structure model' 1 1 2022-02-23 
3 'Structure model' 1 2 2024-01-31 
# 
_pdbx_audit_revision_details.ordinal             1 
_pdbx_audit_revision_details.revision_ordinal    1 
_pdbx_audit_revision_details.data_content_type   'Structure model' 
_pdbx_audit_revision_details.provider            repository 
_pdbx_audit_revision_details.type                'Initial release' 
_pdbx_audit_revision_details.description         ? 
_pdbx_audit_revision_details.details             ? 
# 
loop_
_pdbx_audit_revision_group.ordinal 
_pdbx_audit_revision_group.revision_ordinal 
_pdbx_audit_revision_group.data_content_type 
_pdbx_audit_revision_group.group 
1 2 'Structure model' 'Database references'    
2 3 'Structure model' 'Data collection'        
3 3 'Structure model' 'Refinement description' 
# 
loop_
_pdbx_audit_revision_category.ordinal 
_pdbx_audit_revision_category.revision_ordinal 
_pdbx_audit_revision_category.data_content_type 
_pdbx_audit_revision_category.category 
1 2 'Structure model' citation                      
2 2 'Structure model' citation_author               
3 3 'Structure model' chem_comp_atom                
4 3 'Structure model' chem_comp_bond                
5 3 'Structure model' pdbx_initial_refinement_model 
# 
loop_
_pdbx_audit_revision_item.ordinal 
_pdbx_audit_revision_item.revision_ordinal 
_pdbx_audit_revision_item.data_content_type 
_pdbx_audit_revision_item.item 
1 2 'Structure model' '_citation.journal_volume'          
2 2 'Structure model' '_citation.page_first'              
3 2 'Structure model' '_citation.page_last'               
4 2 'Structure model' '_citation.pdbx_database_id_DOI'    
5 2 'Structure model' '_citation.pdbx_database_id_PubMed' 
6 2 'Structure model' '_citation.title'                   
7 2 'Structure model' '_citation.year'                    
8 2 'Structure model' '_citation_author.identifier_ORCID' 
# 
_pdbx_database_status.status_code                     REL 
_pdbx_database_status.status_code_sf                  REL 
_pdbx_database_status.status_code_mr                  ? 
_pdbx_database_status.entry_id                        7ORR 
_pdbx_database_status.recvd_initial_deposition_date   2021-06-06 
_pdbx_database_status.SG_entry                        N 
_pdbx_database_status.deposit_site                    PDBE 
_pdbx_database_status.process_site                    PDBE 
_pdbx_database_status.status_code_cs                  ? 
_pdbx_database_status.status_code_nmr_data            ? 
_pdbx_database_status.methods_development_category    ? 
_pdbx_database_status.pdb_format_compatible           Y 
# 
loop_
_audit_author.name 
_audit_author.pdbx_ordinal 
_audit_author.identifier_ORCID 
'Talibov, V.O.' 1  ? 
'Kozielski, F.' 2  ? 
'Sele, C.'      3  ? 
'Lou, J.'       4  ? 
'Dong, D.'      5  ? 
'Wang, Q.'      6  ? 
'Shi, X.'       7  ? 
'Nyblom, M.'    8  ? 
'Rogstam, A.'   9  ? 
'Krojer, T.'    10 ? 
'Knecht, W.'    11 ? 
'Fisher, S.Z.'  12 ? 
# 
_citation.abstract                  ? 
_citation.abstract_id_CAS           ? 
_citation.book_id_ISBN              ? 
_citation.book_publisher            ? 
_citation.book_publisher_city       ? 
_citation.book_title                ? 
_citation.coordinate_linkage        ? 
_citation.country                   UK 
_citation.database_id_Medline       ? 
_citation.details                   ? 
_citation.id                        primary 
_citation.journal_abbrev            'Rsc Chem Biol' 
_citation.journal_id_ASTM           ? 
_citation.journal_id_CSD            ? 
_citation.journal_id_ISSN           2633-0679 
_citation.journal_full              ? 
_citation.journal_issue             ? 
_citation.journal_volume            3 
_citation.language                  ? 
_citation.page_first                44 
_citation.page_last                 55 
_citation.title                     
;Identification of fragments binding to SARS-CoV-2 nsp10 reveals ligand-binding sites in conserved interfaces between nsp10 and nsp14/nsp16.
;
_citation.year                      2022 
_citation.database_id_CSD           ? 
_citation.pdbx_database_id_DOI      10.1039/d1cb00135c 
_citation.pdbx_database_id_PubMed   35128408 
_citation.pdbx_database_id_patent   ? 
_citation.unpublished_flag          ? 
# 
loop_
_citation_author.citation_id 
_citation_author.name 
_citation_author.ordinal 
_citation_author.identifier_ORCID 
primary 'Kozielski, F.' 1  ?                   
primary 'Sele, C.'      2  ?                   
primary 'Talibov, V.O.' 3  ?                   
primary 'Lou, J.'       4  ?                   
primary 'Dong, D.'      5  ?                   
primary 'Wang, Q.'      6  ?                   
primary 'Shi, X.'       7  ?                   
primary 'Nyblom, M.'    8  ?                   
primary 'Rogstam, A.'   9  ?                   
primary 'Krojer, T.'    10 ?                   
primary 'Fisher, Z.'    11 0000-0001-8287-0269 
primary 'Knecht, W.'    12 0000-0001-9530-7598 
# 
loop_
_entity.id 
_entity.type 
_entity.src_method 
_entity.pdbx_description 
_entity.formula_weight 
_entity.pdbx_number_of_molecules 
_entity.pdbx_ec 
_entity.pdbx_mutation 
_entity.pdbx_fragment 
_entity.details 
1 polymer     man 'Non-structural protein 10' 13284.236 1  ? ? ? ? 
2 non-polymer syn 'ZINC ION'                  65.409    2  ? ? ? ? 
3 non-polymer syn 'DIMETHYL SULFOXIDE'        78.133    2  ? ? ? ? 
4 non-polymer syn 4-PHENYL-1H-IMIDAZOLE       144.173   2  ? ? ? ? 
5 non-polymer syn GLYCEROL                    92.094    2  ? ? ? ? 
6 non-polymer syn 'CHLORIDE ION'              35.453    2  ? ? ? ? 
7 water       nat water                       18.015    92 ? ? ? ? 
# 
_entity_name_com.entity_id   1 
_entity_name_com.name        'nsp10,Growth factor-like peptide,GFL' 
# 
_entity_poly.entity_id                      1 
_entity_poly.type                           'polypeptide(L)' 
_entity_poly.nstd_linkage                   no 
_entity_poly.nstd_monomer                   no 
_entity_poly.pdbx_seq_one_letter_code       
;TMGNSTVLSFCAFAVDAAKAYKDYLASGGQPITNCVKMLCTHTGTGQAITVTPEANMDQESFGGASCCLYCRCHIDHPNP
KGFCDLKGKYVQIPTTCANDPVGFTLKNTVCTVCGMWKGYGCSCD
;
_entity_poly.pdbx_seq_one_letter_code_can   
;TMGNSTVLSFCAFAVDAAKAYKDYLASGGQPITNCVKMLCTHTGTGQAITVTPEANMDQESFGGASCCLYCRCHIDHPNP
KGFCDLKGKYVQIPTTCANDPVGFTLKNTVCTVCGMWKGYGCSCD
;
_entity_poly.pdbx_strand_id                 A 
_entity_poly.pdbx_target_identifier         ? 
# 
loop_
_pdbx_entity_nonpoly.entity_id 
_pdbx_entity_nonpoly.name 
_pdbx_entity_nonpoly.comp_id 
2 'ZINC ION'            ZN  
3 'DIMETHYL SULFOXIDE'  DMS 
4 4-PHENYL-1H-IMIDAZOLE PIM 
5 GLYCEROL              GOL 
6 'CHLORIDE ION'        CL  
7 water                 HOH 
# 
loop_
_entity_poly_seq.entity_id 
_entity_poly_seq.num 
_entity_poly_seq.mon_id 
_entity_poly_seq.hetero 
1 1   THR n 
1 2   MET n 
1 3   GLY n 
1 4   ASN n 
1 5   SER n 
1 6   THR n 
1 7   VAL n 
1 8   LEU n 
1 9   SER n 
1 10  PHE n 
1 11  CYS n 
1 12  ALA n 
1 13  PHE n 
1 14  ALA n 
1 15  VAL n 
1 16  ASP n 
1 17  ALA n 
1 18  ALA n 
1 19  LYS n 
1 20  ALA n 
1 21  TYR n 
1 22  LYS n 
1 23  ASP n 
1 24  TYR n 
1 25  LEU n 
1 26  ALA n 
1 27  SER n 
1 28  GLY n 
1 29  GLY n 
1 30  GLN n 
1 31  PRO n 
1 32  ILE n 
1 33  THR n 
1 34  ASN n 
1 35  CYS n 
1 36  VAL n 
1 37  LYS n 
1 38  MET n 
1 39  LEU n 
1 40  CYS n 
1 41  THR n 
1 42  HIS n 
1 43  THR n 
1 44  GLY n 
1 45  THR n 
1 46  GLY n 
1 47  GLN n 
1 48  ALA n 
1 49  ILE n 
1 50  THR n 
1 51  VAL n 
1 52  THR n 
1 53  PRO n 
1 54  GLU n 
1 55  ALA n 
1 56  ASN n 
1 57  MET n 
1 58  ASP n 
1 59  GLN n 
1 60  GLU n 
1 61  SER n 
1 62  PHE n 
1 63  GLY n 
1 64  GLY n 
1 65  ALA n 
1 66  SER n 
1 67  CYS n 
1 68  CYS n 
1 69  LEU n 
1 70  TYR n 
1 71  CYS n 
1 72  ARG n 
1 73  CYS n 
1 74  HIS n 
1 75  ILE n 
1 76  ASP n 
1 77  HIS n 
1 78  PRO n 
1 79  ASN n 
1 80  PRO n 
1 81  LYS n 
1 82  GLY n 
1 83  PHE n 
1 84  CYS n 
1 85  ASP n 
1 86  LEU n 
1 87  LYS n 
1 88  GLY n 
1 89  LYS n 
1 90  TYR n 
1 91  VAL n 
1 92  GLN n 
1 93  ILE n 
1 94  PRO n 
1 95  THR n 
1 96  THR n 
1 97  CYS n 
1 98  ALA n 
1 99  ASN n 
1 100 ASP n 
1 101 PRO n 
1 102 VAL n 
1 103 GLY n 
1 104 PHE n 
1 105 THR n 
1 106 LEU n 
1 107 LYS n 
1 108 ASN n 
1 109 THR n 
1 110 VAL n 
1 111 CYS n 
1 112 THR n 
1 113 VAL n 
1 114 CYS n 
1 115 GLY n 
1 116 MET n 
1 117 TRP n 
1 118 LYS n 
1 119 GLY n 
1 120 TYR n 
1 121 GLY n 
1 122 CYS n 
1 123 SER n 
1 124 CYS n 
1 125 ASP n 
# 
_entity_src_gen.entity_id                          1 
_entity_src_gen.pdbx_src_id                        1 
_entity_src_gen.pdbx_alt_source_flag               sample 
_entity_src_gen.pdbx_seq_type                      'Biological sequence' 
_entity_src_gen.pdbx_beg_seq_num                   1 
_entity_src_gen.pdbx_end_seq_num                   125 
_entity_src_gen.gene_src_common_name               '2019-nCoV, SARS-CoV-2' 
_entity_src_gen.gene_src_genus                     ? 
_entity_src_gen.pdbx_gene_src_gene                 'rep, 1a-1b' 
_entity_src_gen.gene_src_species                   ? 
_entity_src_gen.gene_src_strain                    ? 
_entity_src_gen.gene_src_tissue                    ? 
_entity_src_gen.gene_src_tissue_fraction           ? 
_entity_src_gen.gene_src_details                   ? 
_entity_src_gen.pdbx_gene_src_fragment             ? 
_entity_src_gen.pdbx_gene_src_scientific_name      'Severe acute respiratory syndrome coronavirus 2' 
_entity_src_gen.pdbx_gene_src_ncbi_taxonomy_id     2697049 
_entity_src_gen.pdbx_gene_src_variant              ? 
_entity_src_gen.pdbx_gene_src_cell_line            ? 
_entity_src_gen.pdbx_gene_src_atcc                 ? 
_entity_src_gen.pdbx_gene_src_organ                ? 
_entity_src_gen.pdbx_gene_src_organelle            ? 
_entity_src_gen.pdbx_gene_src_cell                 ? 
_entity_src_gen.pdbx_gene_src_cellular_location    ? 
_entity_src_gen.host_org_common_name               ? 
_entity_src_gen.pdbx_host_org_scientific_name      'Escherichia coli' 
_entity_src_gen.pdbx_host_org_ncbi_taxonomy_id     562 
_entity_src_gen.host_org_genus                     ? 
_entity_src_gen.pdbx_host_org_gene                 ? 
_entity_src_gen.pdbx_host_org_organ                ? 
_entity_src_gen.host_org_species                   ? 
_entity_src_gen.pdbx_host_org_tissue               ? 
_entity_src_gen.pdbx_host_org_tissue_fraction      ? 
_entity_src_gen.pdbx_host_org_strain               ? 
_entity_src_gen.pdbx_host_org_variant              ? 
_entity_src_gen.pdbx_host_org_cell_line            ? 
_entity_src_gen.pdbx_host_org_atcc                 ? 
_entity_src_gen.pdbx_host_org_culture_collection   ? 
_entity_src_gen.pdbx_host_org_cell                 ? 
_entity_src_gen.pdbx_host_org_organelle            ? 
_entity_src_gen.pdbx_host_org_cellular_location    ? 
_entity_src_gen.pdbx_host_org_vector_type          ? 
_entity_src_gen.pdbx_host_org_vector               ? 
_entity_src_gen.host_org_details                   ? 
_entity_src_gen.expression_system_id               ? 
_entity_src_gen.plasmid_name                       ? 
_entity_src_gen.plasmid_details                    ? 
_entity_src_gen.pdbx_description                   ? 
# 
loop_
_chem_comp.id 
_chem_comp.type 
_chem_comp.mon_nstd_flag 
_chem_comp.name 
_chem_comp.pdbx_synonyms 
_chem_comp.formula 
_chem_comp.formula_weight 
ALA 'L-peptide linking' y ALANINE               ?                               'C3 H7 N O2'     89.093  
ARG 'L-peptide linking' y ARGININE              ?                               'C6 H15 N4 O2 1' 175.209 
ASN 'L-peptide linking' y ASPARAGINE            ?                               'C4 H8 N2 O3'    132.118 
ASP 'L-peptide linking' y 'ASPARTIC ACID'       ?                               'C4 H7 N O4'     133.103 
CL  non-polymer         . 'CHLORIDE ION'        ?                               'Cl -1'          35.453  
CYS 'L-peptide linking' y CYSTEINE              ?                               'C3 H7 N O2 S'   121.158 
DMS non-polymer         . 'DIMETHYL SULFOXIDE'  ?                               'C2 H6 O S'      78.133  
GLN 'L-peptide linking' y GLUTAMINE             ?                               'C5 H10 N2 O3'   146.144 
GLU 'L-peptide linking' y 'GLUTAMIC ACID'       ?                               'C5 H9 N O4'     147.129 
GLY 'peptide linking'   y GLYCINE               ?                               'C2 H5 N O2'     75.067  
GOL non-polymer         . GLYCEROL              'GLYCERIN; PROPANE-1,2,3-TRIOL' 'C3 H8 O3'       92.094  
HIS 'L-peptide linking' y HISTIDINE             ?                               'C6 H10 N3 O2 1' 156.162 
HOH non-polymer         . WATER                 ?                               'H2 O'           18.015  
ILE 'L-peptide linking' y ISOLEUCINE            ?                               'C6 H13 N O2'    131.173 
LEU 'L-peptide linking' y LEUCINE               ?                               'C6 H13 N O2'    131.173 
LYS 'L-peptide linking' y LYSINE                ?                               'C6 H15 N2 O2 1' 147.195 
MET 'L-peptide linking' y METHIONINE            ?                               'C5 H11 N O2 S'  149.211 
PHE 'L-peptide linking' y PHENYLALANINE         ?                               'C9 H11 N O2'    165.189 
PIM non-polymer         . 4-PHENYL-1H-IMIDAZOLE ?                               'C9 H8 N2'       144.173 
PRO 'L-peptide linking' y PROLINE               ?                               'C5 H9 N O2'     115.130 
SER 'L-peptide linking' y SERINE                ?                               'C3 H7 N O3'     105.093 
THR 'L-peptide linking' y THREONINE             ?                               'C4 H9 N O3'     119.119 
TRP 'L-peptide linking' y TRYPTOPHAN            ?                               'C11 H12 N2 O2'  204.225 
TYR 'L-peptide linking' y TYROSINE              ?                               'C9 H11 N O3'    181.189 
VAL 'L-peptide linking' y VALINE                ?                               'C5 H11 N O2'    117.146 
ZN  non-polymer         . 'ZINC ION'            ?                               'Zn 2'           65.409  
# 
loop_
_pdbx_poly_seq_scheme.asym_id 
_pdbx_poly_seq_scheme.entity_id 
_pdbx_poly_seq_scheme.seq_id 
_pdbx_poly_seq_scheme.mon_id 
_pdbx_poly_seq_scheme.ndb_seq_num 
_pdbx_poly_seq_scheme.pdb_seq_num 
_pdbx_poly_seq_scheme.auth_seq_num 
_pdbx_poly_seq_scheme.pdb_mon_id 
_pdbx_poly_seq_scheme.auth_mon_id 
_pdbx_poly_seq_scheme.pdb_strand_id 
_pdbx_poly_seq_scheme.pdb_ins_code 
_pdbx_poly_seq_scheme.hetero 
A 1 1   THR 1   7   7   THR THR A . n 
A 1 2   MET 2   8   8   MET MET A . n 
A 1 3   GLY 3   9   9   GLY GLY A . n 
A 1 4   ASN 4   10  10  ASN ASN A . n 
A 1 5   SER 5   11  11  SER SER A . n 
A 1 6   THR 6   12  12  THR THR A . n 
A 1 7   VAL 7   13  13  VAL VAL A . n 
A 1 8   LEU 8   14  14  LEU LEU A . n 
A 1 9   SER 9   15  15  SER SER A . n 
A 1 10  PHE 10  16  16  PHE PHE A . n 
A 1 11  CYS 11  17  17  CYS CYS A . n 
A 1 12  ALA 12  18  18  ALA ALA A . n 
A 1 13  PHE 13  19  19  PHE PHE A . n 
A 1 14  ALA 14  20  20  ALA ALA A . n 
A 1 15  VAL 15  21  21  VAL VAL A . n 
A 1 16  ASP 16  22  22  ASP ASP A . n 
A 1 17  ALA 17  23  23  ALA ALA A . n 
A 1 18  ALA 18  24  24  ALA ALA A . n 
A 1 19  LYS 19  25  25  LYS LYS A . n 
A 1 20  ALA 20  26  26  ALA ALA A . n 
A 1 21  TYR 21  27  27  TYR TYR A . n 
A 1 22  LYS 22  28  28  LYS LYS A . n 
A 1 23  ASP 23  29  29  ASP ASP A . n 
A 1 24  TYR 24  30  30  TYR TYR A . n 
A 1 25  LEU 25  31  31  LEU LEU A . n 
A 1 26  ALA 26  32  32  ALA ALA A . n 
A 1 27  SER 27  33  33  SER SER A . n 
A 1 28  GLY 28  34  34  GLY GLY A . n 
A 1 29  GLY 29  35  35  GLY GLY A . n 
A 1 30  GLN 30  36  36  GLN GLN A . n 
A 1 31  PRO 31  37  37  PRO PRO A . n 
A 1 32  ILE 32  38  38  ILE ILE A . n 
A 1 33  THR 33  39  39  THR THR A . n 
A 1 34  ASN 34  40  40  ASN ASN A . n 
A 1 35  CYS 35  41  41  CYS CYS A . n 
A 1 36  VAL 36  42  42  VAL VAL A . n 
A 1 37  LYS 37  43  43  LYS LYS A . n 
A 1 38  MET 38  44  44  MET MET A . n 
A 1 39  LEU 39  45  45  LEU LEU A . n 
A 1 40  CYS 40  46  46  CYS CYS A . n 
A 1 41  THR 41  47  47  THR THR A . n 
A 1 42  HIS 42  48  48  HIS HIS A . n 
A 1 43  THR 43  49  49  THR THR A . n 
A 1 44  GLY 44  50  50  GLY GLY A . n 
A 1 45  THR 45  51  51  THR THR A . n 
A 1 46  GLY 46  52  52  GLY GLY A . n 
A 1 47  GLN 47  53  53  GLN GLN A . n 
A 1 48  ALA 48  54  54  ALA ALA A . n 
A 1 49  ILE 49  55  55  ILE ILE A . n 
A 1 50  THR 50  56  56  THR THR A . n 
A 1 51  VAL 51  57  57  VAL VAL A . n 
A 1 52  THR 52  58  58  THR THR A . n 
A 1 53  PRO 53  59  59  PRO PRO A . n 
A 1 54  GLU 54  60  60  GLU GLU A . n 
A 1 55  ALA 55  61  61  ALA ALA A . n 
A 1 56  ASN 56  62  62  ASN ASN A . n 
A 1 57  MET 57  63  63  MET MET A . n 
A 1 58  ASP 58  64  64  ASP ASP A . n 
A 1 59  GLN 59  65  65  GLN GLN A . n 
A 1 60  GLU 60  66  66  GLU GLU A . n 
A 1 61  SER 61  67  67  SER SER A . n 
A 1 62  PHE 62  68  68  PHE PHE A . n 
A 1 63  GLY 63  69  69  GLY GLY A . n 
A 1 64  GLY 64  70  70  GLY GLY A . n 
A 1 65  ALA 65  71  71  ALA ALA A . n 
A 1 66  SER 66  72  72  SER SER A . n 
A 1 67  CYS 67  73  73  CYS CYS A . n 
A 1 68  CYS 68  74  74  CYS CYS A . n 
A 1 69  LEU 69  75  75  LEU LEU A . n 
A 1 70  TYR 70  76  76  TYR TYR A . n 
A 1 71  CYS 71  77  77  CYS CYS A . n 
A 1 72  ARG 72  78  78  ARG ARG A . n 
A 1 73  CYS 73  79  79  CYS CYS A . n 
A 1 74  HIS 74  80  80  HIS HIS A . n 
A 1 75  ILE 75  81  81  ILE ILE A . n 
A 1 76  ASP 76  82  82  ASP ASP A . n 
A 1 77  HIS 77  83  83  HIS HIS A . n 
A 1 78  PRO 78  84  84  PRO PRO A . n 
A 1 79  ASN 79  85  85  ASN ASN A . n 
A 1 80  PRO 80  86  86  PRO PRO A . n 
A 1 81  LYS 81  87  87  LYS LYS A . n 
A 1 82  GLY 82  88  88  GLY GLY A . n 
A 1 83  PHE 83  89  89  PHE PHE A . n 
A 1 84  CYS 84  90  90  CYS CYS A . n 
A 1 85  ASP 85  91  91  ASP ASP A . n 
A 1 86  LEU 86  92  92  LEU LEU A . n 
A 1 87  LYS 87  93  93  LYS LYS A . n 
A 1 88  GLY 88  94  94  GLY GLY A . n 
A 1 89  LYS 89  95  95  LYS LYS A . n 
A 1 90  TYR 90  96  96  TYR TYR A . n 
A 1 91  VAL 91  97  97  VAL VAL A . n 
A 1 92  GLN 92  98  98  GLN GLN A . n 
A 1 93  ILE 93  99  99  ILE ILE A . n 
A 1 94  PRO 94  100 100 PRO PRO A . n 
A 1 95  THR 95  101 101 THR THR A . n 
A 1 96  THR 96  102 102 THR THR A . n 
A 1 97  CYS 97  103 103 CYS CYS A . n 
A 1 98  ALA 98  104 104 ALA ALA A . n 
A 1 99  ASN 99  105 105 ASN ASN A . n 
A 1 100 ASP 100 106 106 ASP ASP A . n 
A 1 101 PRO 101 107 107 PRO PRO A . n 
A 1 102 VAL 102 108 108 VAL VAL A . n 
A 1 103 GLY 103 109 109 GLY GLY A . n 
A 1 104 PHE 104 110 110 PHE PHE A . n 
A 1 105 THR 105 111 111 THR THR A . n 
A 1 106 LEU 106 112 112 LEU LEU A . n 
A 1 107 LYS 107 113 113 LYS LYS A . n 
A 1 108 ASN 108 114 114 ASN ASN A . n 
A 1 109 THR 109 115 115 THR THR A . n 
A 1 110 VAL 110 116 116 VAL VAL A . n 
A 1 111 CYS 111 117 117 CYS CYS A . n 
A 1 112 THR 112 118 118 THR THR A . n 
A 1 113 VAL 113 119 119 VAL VAL A . n 
A 1 114 CYS 114 120 120 CYS CYS A . n 
A 1 115 GLY 115 121 121 GLY GLY A . n 
A 1 116 MET 116 122 122 MET MET A . n 
A 1 117 TRP 117 123 123 TRP TRP A . n 
A 1 118 LYS 118 124 124 LYS LYS A . n 
A 1 119 GLY 119 125 125 GLY GLY A . n 
A 1 120 TYR 120 126 126 TYR TYR A . n 
A 1 121 GLY 121 127 127 GLY GLY A . n 
A 1 122 CYS 122 128 128 CYS CYS A . n 
A 1 123 SER 123 129 129 SER SER A . n 
A 1 124 CYS 124 130 130 CYS CYS A . n 
A 1 125 ASP 125 131 ?   ?   ?   A . n 
# 
loop_
_pdbx_nonpoly_scheme.asym_id 
_pdbx_nonpoly_scheme.entity_id 
_pdbx_nonpoly_scheme.mon_id 
_pdbx_nonpoly_scheme.ndb_seq_num 
_pdbx_nonpoly_scheme.pdb_seq_num 
_pdbx_nonpoly_scheme.auth_seq_num 
_pdbx_nonpoly_scheme.pdb_mon_id 
_pdbx_nonpoly_scheme.auth_mon_id 
_pdbx_nonpoly_scheme.pdb_strand_id 
_pdbx_nonpoly_scheme.pdb_ins_code 
B 2 ZN  1  201 201 ZN  ZN  A . 
C 2 ZN  1  202 202 ZN  ZN  A . 
D 3 DMS 1  203 203 DMS DMS A . 
E 3 DMS 1  204 204 DMS DMS A . 
F 4 PIM 1  205 205 PIM PIM A . 
G 4 PIM 1  206 206 PIM PIM A . 
H 5 GOL 1  207 207 GOL GOL A . 
I 5 GOL 1  208 208 GOL GOL A . 
J 6 CL  1  209 1   CL  CL  A . 
K 6 CL  1  210 2   CL  CL  A . 
L 7 HOH 1  301 35  HOH HOH A . 
L 7 HOH 2  302 38  HOH HOH A . 
L 7 HOH 3  303 54  HOH HOH A . 
L 7 HOH 4  304 86  HOH HOH A . 
L 7 HOH 5  305 8   HOH HOH A . 
L 7 HOH 6  306 71  HOH HOH A . 
L 7 HOH 7  307 14  HOH HOH A . 
L 7 HOH 8  308 15  HOH HOH A . 
L 7 HOH 9  309 30  HOH HOH A . 
L 7 HOH 10 310 74  HOH HOH A . 
L 7 HOH 11 311 51  HOH HOH A . 
L 7 HOH 12 312 17  HOH HOH A . 
L 7 HOH 13 313 16  HOH HOH A . 
L 7 HOH 14 314 75  HOH HOH A . 
L 7 HOH 15 315 20  HOH HOH A . 
L 7 HOH 16 316 21  HOH HOH A . 
L 7 HOH 17 317 94  HOH HOH A . 
L 7 HOH 18 318 52  HOH HOH A . 
L 7 HOH 19 319 58  HOH HOH A . 
L 7 HOH 20 320 5   HOH HOH A . 
L 7 HOH 21 321 4   HOH HOH A . 
L 7 HOH 22 322 13  HOH HOH A . 
L 7 HOH 23 323 53  HOH HOH A . 
L 7 HOH 24 324 59  HOH HOH A . 
L 7 HOH 25 325 73  HOH HOH A . 
L 7 HOH 26 326 68  HOH HOH A . 
L 7 HOH 27 327 85  HOH HOH A . 
L 7 HOH 28 328 3   HOH HOH A . 
L 7 HOH 29 329 56  HOH HOH A . 
L 7 HOH 30 330 7   HOH HOH A . 
L 7 HOH 31 331 28  HOH HOH A . 
L 7 HOH 32 332 49  HOH HOH A . 
L 7 HOH 33 333 12  HOH HOH A . 
L 7 HOH 34 334 32  HOH HOH A . 
L 7 HOH 35 335 22  HOH HOH A . 
L 7 HOH 36 336 43  HOH HOH A . 
L 7 HOH 37 337 1   HOH HOH A . 
L 7 HOH 38 338 36  HOH HOH A . 
L 7 HOH 39 339 89  HOH HOH A . 
L 7 HOH 40 340 50  HOH HOH A . 
L 7 HOH 41 341 29  HOH HOH A . 
L 7 HOH 42 342 27  HOH HOH A . 
L 7 HOH 43 343 9   HOH HOH A . 
L 7 HOH 44 344 31  HOH HOH A . 
L 7 HOH 45 345 64  HOH HOH A . 
L 7 HOH 46 346 37  HOH HOH A . 
L 7 HOH 47 347 90  HOH HOH A . 
L 7 HOH 48 348 67  HOH HOH A . 
L 7 HOH 49 349 18  HOH HOH A . 
L 7 HOH 50 350 62  HOH HOH A . 
L 7 HOH 51 351 92  HOH HOH A . 
L 7 HOH 52 352 34  HOH HOH A . 
L 7 HOH 53 353 23  HOH HOH A . 
L 7 HOH 54 354 79  HOH HOH A . 
L 7 HOH 55 355 25  HOH HOH A . 
L 7 HOH 56 356 2   HOH HOH A . 
L 7 HOH 57 357 6   HOH HOH A . 
L 7 HOH 58 358 66  HOH HOH A . 
L 7 HOH 59 359 69  HOH HOH A . 
L 7 HOH 60 360 26  HOH HOH A . 
L 7 HOH 61 361 63  HOH HOH A . 
L 7 HOH 62 362 46  HOH HOH A . 
L 7 HOH 63 363 10  HOH HOH A . 
L 7 HOH 64 364 78  HOH HOH A . 
L 7 HOH 65 365 19  HOH HOH A . 
L 7 HOH 66 366 33  HOH HOH A . 
L 7 HOH 67 367 45  HOH HOH A . 
L 7 HOH 68 368 48  HOH HOH A . 
L 7 HOH 69 369 55  HOH HOH A . 
L 7 HOH 70 370 84  HOH HOH A . 
L 7 HOH 71 371 77  HOH HOH A . 
L 7 HOH 72 372 80  HOH HOH A . 
L 7 HOH 73 373 39  HOH HOH A . 
L 7 HOH 74 374 87  HOH HOH A . 
L 7 HOH 75 375 11  HOH HOH A . 
L 7 HOH 76 376 61  HOH HOH A . 
L 7 HOH 77 377 42  HOH HOH A . 
L 7 HOH 78 378 93  HOH HOH A . 
L 7 HOH 79 379 60  HOH HOH A . 
L 7 HOH 80 380 40  HOH HOH A . 
L 7 HOH 81 381 70  HOH HOH A . 
L 7 HOH 82 382 76  HOH HOH A . 
L 7 HOH 83 383 24  HOH HOH A . 
L 7 HOH 84 384 47  HOH HOH A . 
L 7 HOH 85 385 41  HOH HOH A . 
L 7 HOH 86 386 44  HOH HOH A . 
L 7 HOH 87 387 57  HOH HOH A . 
L 7 HOH 88 388 82  HOH HOH A . 
L 7 HOH 89 389 83  HOH HOH A . 
L 7 HOH 90 390 65  HOH HOH A . 
L 7 HOH 91 391 81  HOH HOH A . 
L 7 HOH 92 392 91  HOH HOH A . 
# 
loop_
_software.citation_id 
_software.classification 
_software.compiler_name 
_software.compiler_version 
_software.contact_author 
_software.contact_author_email 
_software.date 
_software.description 
_software.dependencies 
_software.hardware 
_software.language 
_software.location 
_software.mods 
_software.name 
_software.os 
_software.os_version 
_software.type 
_software.version 
_software.pdbx_ordinal 
? 'data scaling'    ? ? ? ? ? ? ? ? ? ? ? Aimless     ? ? ? 0.7.4    1 
? refinement        ? ? ? ? ? ? ? ? ? ? ? REFMAC      ? ? ? 5.8.0267 2 
? 'data extraction' ? ? ? ? ? ? ? ? ? ? ? PDB_EXTRACT ? ? ? 3.27     3 
? 'data reduction'  ? ? ? ? ? ? ? ? ? ? ? XDS         ? ? ? .        4 
? phasing           ? ? ? ? ? ? ? ? ? ? ? PHASER      ? ? ? .        5 
# 
_cell.angle_alpha                  90.000 
_cell.angle_alpha_esd              ? 
_cell.angle_beta                   90.000 
_cell.angle_beta_esd               ? 
_cell.angle_gamma                  90.000 
_cell.angle_gamma_esd              ? 
_cell.entry_id                     7ORR 
_cell.details                      ? 
_cell.formula_units_Z              ? 
_cell.length_a                     105.883 
_cell.length_a_esd                 ? 
_cell.length_b                     105.883 
_cell.length_b_esd                 ? 
_cell.length_c                     105.883 
_cell.length_c_esd                 ? 
_cell.volume                       ? 
_cell.volume_esd                   ? 
_cell.Z_PDB                        24 
_cell.reciprocal_angle_alpha       ? 
_cell.reciprocal_angle_beta        ? 
_cell.reciprocal_angle_gamma       ? 
_cell.reciprocal_angle_alpha_esd   ? 
_cell.reciprocal_angle_beta_esd    ? 
_cell.reciprocal_angle_gamma_esd   ? 
_cell.reciprocal_length_a          ? 
_cell.reciprocal_length_b          ? 
_cell.reciprocal_length_c          ? 
_cell.reciprocal_length_a_esd      ? 
_cell.reciprocal_length_b_esd      ? 
_cell.reciprocal_length_c_esd      ? 
_cell.pdbx_unique_axis             ? 
# 
_symmetry.entry_id                         7ORR 
_symmetry.cell_setting                     ? 
_symmetry.Int_Tables_number                199 
_symmetry.space_group_name_Hall            ? 
_symmetry.space_group_name_H-M             'I 21 3' 
_symmetry.pdbx_full_space_group_name_H-M   ? 
# 
_exptl.absorpt_coefficient_mu     ? 
_exptl.absorpt_correction_T_max   ? 
_exptl.absorpt_correction_T_min   ? 
_exptl.absorpt_correction_type    ? 
_exptl.absorpt_process_details    ? 
_exptl.entry_id                   7ORR 
_exptl.crystals_number            1 
_exptl.details                    ? 
_exptl.method                     'X-RAY DIFFRACTION' 
_exptl.method_details             ? 
# 
_exptl_crystal.colour                      ? 
_exptl_crystal.density_diffrn              ? 
_exptl_crystal.density_Matthews            3.72 
_exptl_crystal.density_method              ? 
_exptl_crystal.density_percent_sol         66.97 
_exptl_crystal.description                 ? 
_exptl_crystal.F_000                       ? 
_exptl_crystal.id                          1 
_exptl_crystal.preparation                 ? 
_exptl_crystal.size_max                    ? 
_exptl_crystal.size_mid                    ? 
_exptl_crystal.size_min                    ? 
_exptl_crystal.size_rad                    ? 
_exptl_crystal.colour_lustre               ? 
_exptl_crystal.colour_modifier             ? 
_exptl_crystal.colour_primary              ? 
_exptl_crystal.density_meas                ? 
_exptl_crystal.density_meas_esd            ? 
_exptl_crystal.density_meas_gt             ? 
_exptl_crystal.density_meas_lt             ? 
_exptl_crystal.density_meas_temp           ? 
_exptl_crystal.density_meas_temp_esd       ? 
_exptl_crystal.density_meas_temp_gt        ? 
_exptl_crystal.density_meas_temp_lt        ? 
_exptl_crystal.pdbx_crystal_image_url      ? 
_exptl_crystal.pdbx_crystal_image_format   ? 
_exptl_crystal.pdbx_mosaicity              ? 
_exptl_crystal.pdbx_mosaicity_esd          ? 
# 
_exptl_crystal_grow.apparatus       ? 
_exptl_crystal_grow.atmosphere      ? 
_exptl_crystal_grow.crystal_id      1 
_exptl_crystal_grow.details         ? 
_exptl_crystal_grow.method          'VAPOR DIFFUSION, SITTING DROP' 
_exptl_crystal_grow.method_ref      ? 
_exptl_crystal_grow.pH              6.7 
_exptl_crystal_grow.pressure        ? 
_exptl_crystal_grow.pressure_esd    ? 
_exptl_crystal_grow.seeding         ? 
_exptl_crystal_grow.seeding_ref     ? 
_exptl_crystal_grow.temp            293 
_exptl_crystal_grow.temp_details    ? 
_exptl_crystal_grow.temp_esd        ? 
_exptl_crystal_grow.time            ? 
_exptl_crystal_grow.pdbx_details    
;Protein - 63 mg/mL in 50 mM Tris/HCl pH 8.0, 150 mM NaCl; precipitant (reservoir) - 0.1 M Bis-Tris/HCl pH 6.7, 2.4 M NaCl; 1:1, 1:2, 2:1 protein-to-precipitant ratios, 300 nL total drop volume. Soaking: reservoir solution, supplemented to 50 mM ligand, 5% (v/v) DMSO, 15% (v/v) glycerol; 2 h, 293K.
;
_exptl_crystal_grow.pdbx_pH_range   ? 
# 
_diffrn.ambient_environment              ? 
_diffrn.ambient_temp                     100 
_diffrn.ambient_temp_details             ? 
_diffrn.ambient_temp_esd                 ? 
_diffrn.crystal_id                       1 
_diffrn.crystal_support                  ? 
_diffrn.crystal_treatment                ? 
_diffrn.details                          ? 
_diffrn.id                               1 
_diffrn.ambient_pressure                 ? 
_diffrn.ambient_pressure_esd             ? 
_diffrn.ambient_pressure_gt              ? 
_diffrn.ambient_pressure_lt              ? 
_diffrn.ambient_temp_gt                  ? 
_diffrn.ambient_temp_lt                  ? 
_diffrn.pdbx_serial_crystal_experiment   N 
# 
_diffrn_detector.details                      ? 
_diffrn_detector.detector                     PIXEL 
_diffrn_detector.diffrn_id                    1 
_diffrn_detector.type                         'DECTRIS EIGER X 16M' 
_diffrn_detector.area_resol_mean              ? 
_diffrn_detector.dtime                        ? 
_diffrn_detector.pdbx_frames_total            ? 
_diffrn_detector.pdbx_collection_time_total   ? 
_diffrn_detector.pdbx_collection_date         2020-11-06 
_diffrn_detector.pdbx_frequency               ? 
# 
_diffrn_radiation.collimation                      ? 
_diffrn_radiation.diffrn_id                        1 
_diffrn_radiation.filter_edge                      ? 
_diffrn_radiation.inhomogeneity                    ? 
_diffrn_radiation.monochromator                    0.979 
_diffrn_radiation.polarisn_norm                    ? 
_diffrn_radiation.polarisn_ratio                   ? 
_diffrn_radiation.probe                            ? 
_diffrn_radiation.type                             ? 
_diffrn_radiation.xray_symbol                      ? 
_diffrn_radiation.wavelength_id                    1 
_diffrn_radiation.pdbx_monochromatic_or_laue_m_l   M 
_diffrn_radiation.pdbx_wavelength_list             ? 
_diffrn_radiation.pdbx_wavelength                  ? 
_diffrn_radiation.pdbx_diffrn_protocol             'SINGLE WAVELENGTH' 
_diffrn_radiation.pdbx_analyzer                    ? 
_diffrn_radiation.pdbx_scattering_type             x-ray 
# 
_diffrn_radiation_wavelength.id           1 
_diffrn_radiation_wavelength.wavelength   0.979 
_diffrn_radiation_wavelength.wt           1.0 
# 
_diffrn_source.current                     ? 
_diffrn_source.details                     ? 
_diffrn_source.diffrn_id                   1 
_diffrn_source.power                       ? 
_diffrn_source.size                        ? 
_diffrn_source.source                      SYNCHROTRON 
_diffrn_source.target                      ? 
_diffrn_source.type                        'MAX IV BEAMLINE BioMAX' 
_diffrn_source.voltage                     ? 
_diffrn_source.take-off_angle              ? 
_diffrn_source.pdbx_wavelength_list        0.979 
_diffrn_source.pdbx_wavelength             ? 
_diffrn_source.pdbx_synchrotron_beamline   BioMAX 
_diffrn_source.pdbx_synchrotron_site       'MAX IV' 
# 
_reflns.B_iso_Wilson_estimate                          ? 
_reflns.entry_id                                       7ORR 
_reflns.data_reduction_details                         ? 
_reflns.data_reduction_method                          ? 
_reflns.d_resolution_high                              1.790 
_reflns.d_resolution_low                               74.870 
_reflns.details                                        ? 
_reflns.limit_h_max                                    ? 
_reflns.limit_h_min                                    ? 
_reflns.limit_k_max                                    ? 
_reflns.limit_k_min                                    ? 
_reflns.limit_l_max                                    ? 
_reflns.limit_l_min                                    ? 
_reflns.number_all                                     ? 
_reflns.number_obs                                     18631 
_reflns.observed_criterion                             ? 
_reflns.observed_criterion_F_max                       ? 
_reflns.observed_criterion_F_min                       ? 
_reflns.observed_criterion_I_max                       ? 
_reflns.observed_criterion_I_min                       ? 
_reflns.observed_criterion_sigma_F                     ? 
_reflns.observed_criterion_sigma_I                     ? 
_reflns.percent_possible_obs                           99.300 
_reflns.R_free_details                                 ? 
_reflns.Rmerge_F_all                                   ? 
_reflns.Rmerge_F_obs                                   ? 
_reflns.Friedel_coverage                               ? 
_reflns.number_gt                                      ? 
_reflns.threshold_expression                           ? 
_reflns.pdbx_redundancy                                10.900 
_reflns.pdbx_Rmerge_I_obs                              0.047 
_reflns.pdbx_Rmerge_I_all                              ? 
_reflns.pdbx_Rsym_value                                ? 
_reflns.pdbx_netI_over_av_sigmaI                       ? 
_reflns.pdbx_netI_over_sigmaI                          24.300 
_reflns.pdbx_res_netI_over_av_sigmaI_2                 ? 
_reflns.pdbx_res_netI_over_sigmaI_2                    ? 
_reflns.pdbx_chi_squared                               ? 
_reflns.pdbx_scaling_rejects                           5 
_reflns.pdbx_d_res_high_opt                            ? 
_reflns.pdbx_d_res_low_opt                             ? 
_reflns.pdbx_d_res_opt_method                          ? 
_reflns.phase_calculation_details                      ? 
_reflns.pdbx_Rrim_I_all                                0.049 
_reflns.pdbx_Rpim_I_all                                0.014 
_reflns.pdbx_d_opt                                     ? 
_reflns.pdbx_number_measured_all                       202442 
_reflns.pdbx_diffrn_id                                 1 
_reflns.pdbx_ordinal                                   1 
_reflns.pdbx_CC_half                                   1.000 
_reflns.pdbx_CC_star                                   ? 
_reflns.pdbx_R_split                                   ? 
_reflns.pdbx_aniso_diffraction_limit_axis_1_ortho[1]   ? 
_reflns.pdbx_aniso_diffraction_limit_axis_1_ortho[2]   ? 
_reflns.pdbx_aniso_diffraction_limit_axis_1_ortho[3]   ? 
_reflns.pdbx_aniso_diffraction_limit_axis_2_ortho[1]   ? 
_reflns.pdbx_aniso_diffraction_limit_axis_2_ortho[2]   ? 
_reflns.pdbx_aniso_diffraction_limit_axis_2_ortho[3]   ? 
_reflns.pdbx_aniso_diffraction_limit_axis_3_ortho[1]   ? 
_reflns.pdbx_aniso_diffraction_limit_axis_3_ortho[2]   ? 
_reflns.pdbx_aniso_diffraction_limit_axis_3_ortho[3]   ? 
_reflns.pdbx_aniso_diffraction_limit_1                 ? 
_reflns.pdbx_aniso_diffraction_limit_2                 ? 
_reflns.pdbx_aniso_diffraction_limit_3                 ? 
_reflns.pdbx_aniso_B_tensor_eigenvector_1_ortho[1]     ? 
_reflns.pdbx_aniso_B_tensor_eigenvector_1_ortho[2]     ? 
_reflns.pdbx_aniso_B_tensor_eigenvector_1_ortho[3]     ? 
_reflns.pdbx_aniso_B_tensor_eigenvector_2_ortho[1]     ? 
_reflns.pdbx_aniso_B_tensor_eigenvector_2_ortho[2]     ? 
_reflns.pdbx_aniso_B_tensor_eigenvector_2_ortho[3]     ? 
_reflns.pdbx_aniso_B_tensor_eigenvector_3_ortho[1]     ? 
_reflns.pdbx_aniso_B_tensor_eigenvector_3_ortho[2]     ? 
_reflns.pdbx_aniso_B_tensor_eigenvector_3_ortho[3]     ? 
_reflns.pdbx_aniso_B_tensor_eigenvalue_1               ? 
_reflns.pdbx_aniso_B_tensor_eigenvalue_2               ? 
_reflns.pdbx_aniso_B_tensor_eigenvalue_3               ? 
_reflns.pdbx_orthogonalization_convention              ? 
_reflns.pdbx_percent_possible_ellipsoidal              ? 
_reflns.pdbx_percent_possible_spherical                ? 
_reflns.pdbx_percent_possible_ellipsoidal_anomalous    ? 
_reflns.pdbx_percent_possible_spherical_anomalous      ? 
_reflns.pdbx_redundancy_anomalous                      ? 
_reflns.pdbx_CC_half_anomalous                         ? 
_reflns.pdbx_absDiff_over_sigma_anomalous              ? 
_reflns.pdbx_percent_possible_anomalous                ? 
_reflns.pdbx_observed_signal_threshold                 ? 
_reflns.pdbx_signal_type                               ? 
_reflns.pdbx_signal_details                            ? 
_reflns.pdbx_signal_software_id                        ? 
# 
loop_
_reflns_shell.d_res_high 
_reflns_shell.d_res_low 
_reflns_shell.meanI_over_sigI_all 
_reflns_shell.meanI_over_sigI_obs 
_reflns_shell.number_measured_all 
_reflns_shell.number_measured_obs 
_reflns_shell.number_possible 
_reflns_shell.number_unique_all 
_reflns_shell.number_unique_obs 
_reflns_shell.percent_possible_all 
_reflns_shell.percent_possible_obs 
_reflns_shell.Rmerge_F_all 
_reflns_shell.Rmerge_F_obs 
_reflns_shell.Rmerge_I_all 
_reflns_shell.Rmerge_I_obs 
_reflns_shell.meanI_over_sigI_gt 
_reflns_shell.meanI_over_uI_all 
_reflns_shell.meanI_over_uI_gt 
_reflns_shell.number_measured_gt 
_reflns_shell.number_unique_gt 
_reflns_shell.percent_possible_gt 
_reflns_shell.Rmerge_F_gt 
_reflns_shell.Rmerge_I_gt 
_reflns_shell.pdbx_redundancy 
_reflns_shell.pdbx_Rsym_value 
_reflns_shell.pdbx_chi_squared 
_reflns_shell.pdbx_netI_over_sigmaI_all 
_reflns_shell.pdbx_netI_over_sigmaI_obs 
_reflns_shell.pdbx_Rrim_I_all 
_reflns_shell.pdbx_Rpim_I_all 
_reflns_shell.pdbx_rejects 
_reflns_shell.pdbx_ordinal 
_reflns_shell.pdbx_diffrn_id 
_reflns_shell.pdbx_CC_half 
_reflns_shell.pdbx_CC_star 
_reflns_shell.pdbx_R_split 
_reflns_shell.pdbx_percent_possible_ellipsoidal 
_reflns_shell.pdbx_percent_possible_spherical 
_reflns_shell.pdbx_percent_possible_ellipsoidal_anomalous 
_reflns_shell.pdbx_percent_possible_spherical_anomalous 
_reflns_shell.pdbx_redundancy_anomalous 
_reflns_shell.pdbx_CC_half_anomalous 
_reflns_shell.pdbx_absDiff_over_sigma_anomalous 
_reflns_shell.pdbx_percent_possible_anomalous 
1.790 1.830  ? ? 6669 ? ? ? 1113 100.000 ? ? ? ? 1.257 ? ? ? ? ? ? ? ? 6.000 ? ? ? 1.500  1.377 0.556 ? 1 1 0.572 ? ? ? ? ? ? ? ? 
? ? 
8.950 74.870 ? ? 1654 ? ? ? 171  99.000  ? ? ? ? 0.029 ? ? ? ? ? ? ? ? 9.700 ? ? ? 77.500 0.031 0.009 ? 2 1 0.999 ? ? ? ? ? ? ? ? 
? ? 
# 
_refine.aniso_B[1][1]                            0.0000 
_refine.aniso_B[1][2]                            0.0000 
_refine.aniso_B[1][3]                            0.0000 
_refine.aniso_B[2][2]                            0.0000 
_refine.aniso_B[2][3]                            0.0000 
_refine.aniso_B[3][3]                            0.0000 
_refine.B_iso_max                                96.620 
_refine.B_iso_mean                               42.0860 
_refine.B_iso_min                                29.380 
_refine.correlation_coeff_Fo_to_Fc               0.9740 
_refine.correlation_coeff_Fo_to_Fc_free          0.9720 
_refine.details                                  
'HYDROGENS HAVE BEEN ADDED IN THE RIDING POSITIONS U VALUES      : REFINED INDIVIDUALLY' 
_refine.diff_density_max                         ? 
_refine.diff_density_max_esd                     ? 
_refine.diff_density_min                         ? 
_refine.diff_density_min_esd                     ? 
_refine.diff_density_rms                         ? 
_refine.diff_density_rms_esd                     ? 
_refine.entry_id                                 7ORR 
_refine.pdbx_refine_id                           'X-RAY DIFFRACTION' 
_refine.ls_abs_structure_details                 ? 
_refine.ls_abs_structure_Flack                   ? 
_refine.ls_abs_structure_Flack_esd               ? 
_refine.ls_abs_structure_Rogers                  ? 
_refine.ls_abs_structure_Rogers_esd              ? 
_refine.ls_d_res_high                            1.7900 
_refine.ls_d_res_low                             53.0000 
_refine.ls_extinction_coef                       ? 
_refine.ls_extinction_coef_esd                   ? 
_refine.ls_extinction_expression                 ? 
_refine.ls_extinction_method                     ? 
_refine.ls_goodness_of_fit_all                   ? 
_refine.ls_goodness_of_fit_all_esd               ? 
_refine.ls_goodness_of_fit_obs                   ? 
_refine.ls_goodness_of_fit_obs_esd               ? 
_refine.ls_hydrogen_treatment                    ? 
_refine.ls_matrix_type                           ? 
_refine.ls_number_constraints                    ? 
_refine.ls_number_parameters                     ? 
_refine.ls_number_reflns_all                     ? 
_refine.ls_number_reflns_obs                     17658 
_refine.ls_number_reflns_R_free                  971 
_refine.ls_number_reflns_R_work                  ? 
_refine.ls_number_restraints                     ? 
_refine.ls_percent_reflns_obs                    99.2600 
_refine.ls_percent_reflns_R_free                 5.2000 
_refine.ls_R_factor_all                          ? 
_refine.ls_R_factor_obs                          0.1722 
_refine.ls_R_factor_R_free                       0.1844 
_refine.ls_R_factor_R_free_error                 ? 
_refine.ls_R_factor_R_free_error_details         ? 
_refine.ls_R_factor_R_work                       0.1715 
_refine.ls_R_Fsqd_factor_obs                     ? 
_refine.ls_R_I_factor_obs                        ? 
_refine.ls_redundancy_reflns_all                 ? 
_refine.ls_redundancy_reflns_obs                 ? 
_refine.ls_restrained_S_all                      ? 
_refine.ls_restrained_S_obs                      ? 
_refine.ls_shift_over_esd_max                    ? 
_refine.ls_shift_over_esd_mean                   ? 
_refine.ls_structure_factor_coef                 ? 
_refine.ls_weighting_details                     ? 
_refine.ls_weighting_scheme                      ? 
_refine.ls_wR_factor_all                         ? 
_refine.ls_wR_factor_obs                         ? 
_refine.ls_wR_factor_R_free                      ? 
_refine.ls_wR_factor_R_work                      ? 
_refine.occupancy_max                            ? 
_refine.occupancy_min                            ? 
_refine.solvent_model_details                    MASK 
_refine.solvent_model_param_bsol                 ? 
_refine.solvent_model_param_ksol                 ? 
_refine.pdbx_R_complete                          ? 
_refine.ls_R_factor_gt                           ? 
_refine.ls_goodness_of_fit_gt                    ? 
_refine.ls_goodness_of_fit_ref                   ? 
_refine.ls_shift_over_su_max                     ? 
_refine.ls_shift_over_su_max_lt                  ? 
_refine.ls_shift_over_su_mean                    ? 
_refine.ls_shift_over_su_mean_lt                 ? 
_refine.pdbx_ls_sigma_I                          ? 
_refine.pdbx_ls_sigma_F                          0.000 
_refine.pdbx_ls_sigma_Fsqd                       ? 
_refine.pdbx_data_cutoff_high_absF               ? 
_refine.pdbx_data_cutoff_high_rms_absF           ? 
_refine.pdbx_data_cutoff_low_absF                ? 
_refine.pdbx_isotropic_thermal_model             ? 
_refine.pdbx_ls_cross_valid_method               THROUGHOUT 
_refine.pdbx_method_to_determine_struct          'MOLECULAR REPLACEMENT' 
_refine.pdbx_starting_model                      6ZPE 
_refine.pdbx_stereochemistry_target_values       'MAXIMUM LIKELIHOOD' 
_refine.pdbx_R_Free_selection_details            RANDOM 
_refine.pdbx_stereochem_target_val_spec_case     ? 
_refine.pdbx_overall_ESU_R                       0.0880 
_refine.pdbx_overall_ESU_R_Free                  0.0820 
_refine.pdbx_solvent_vdw_probe_radii             1.2000 
_refine.pdbx_solvent_ion_probe_radii             0.8000 
_refine.pdbx_solvent_shrinkage_radii             0.8000 
_refine.pdbx_real_space_R                        ? 
_refine.pdbx_density_correlation                 ? 
_refine.pdbx_pd_number_of_powder_patterns        ? 
_refine.pdbx_pd_number_of_points                 ? 
_refine.pdbx_pd_meas_number_of_points            ? 
_refine.pdbx_pd_proc_ls_prof_R_factor            ? 
_refine.pdbx_pd_proc_ls_prof_wR_factor           ? 
_refine.pdbx_pd_Marquardt_correlation_coeff      ? 
_refine.pdbx_pd_Fsqrd_R_factor                   ? 
_refine.pdbx_pd_ls_matrix_band_width             ? 
_refine.pdbx_overall_phase_error                 ? 
_refine.pdbx_overall_SU_R_free_Cruickshank_DPI   ? 
_refine.pdbx_overall_SU_R_free_Blow_DPI          ? 
_refine.pdbx_overall_SU_R_Blow_DPI               ? 
_refine.pdbx_TLS_residual_ADP_flag               ? 
_refine.pdbx_diffrn_id                           1 
_refine.overall_SU_B                             2.0680 
_refine.overall_SU_ML                            0.0630 
_refine.overall_SU_R_Cruickshank_DPI             ? 
_refine.overall_SU_R_free                        ? 
_refine.overall_FOM_free_R_set                   ? 
_refine.overall_FOM_work_R_set                   ? 
_refine.pdbx_average_fsc_overall                 ? 
_refine.pdbx_average_fsc_work                    ? 
_refine.pdbx_average_fsc_free                    ? 
# 
_refine_hist.pdbx_refine_id                   'X-RAY DIFFRACTION' 
_refine_hist.cycle_id                         final 
_refine_hist.details                          ? 
_refine_hist.d_res_high                       1.7900 
_refine_hist.d_res_low                        53.0000 
_refine_hist.number_atoms_solvent             92 
_refine_hist.number_atoms_total               1047 
_refine_hist.number_reflns_all                ? 
_refine_hist.number_reflns_obs                ? 
_refine_hist.number_reflns_R_free             ? 
_refine_hist.number_reflns_R_work             ? 
_refine_hist.R_factor_all                     ? 
_refine_hist.R_factor_obs                     ? 
_refine_hist.R_factor_R_free                  ? 
_refine_hist.R_factor_R_work                  ? 
_refine_hist.pdbx_number_residues_total       124 
_refine_hist.pdbx_B_iso_mean_ligand           56.29 
_refine_hist.pdbx_B_iso_mean_solvent          50.89 
_refine_hist.pdbx_number_atoms_protein        909 
_refine_hist.pdbx_number_atoms_nucleic_acid   0 
_refine_hist.pdbx_number_atoms_ligand         46 
_refine_hist.pdbx_number_atoms_lipid          ? 
_refine_hist.pdbx_number_atoms_carb           ? 
_refine_hist.pdbx_pseudo_atom_details         ? 
# 
loop_
_refine_ls_restr.pdbx_refine_id 
_refine_ls_restr.criterion 
_refine_ls_restr.dev_ideal 
_refine_ls_restr.dev_ideal_target 
_refine_ls_restr.number 
_refine_ls_restr.rejects 
_refine_ls_restr.type 
_refine_ls_restr.weight 
_refine_ls_restr.pdbx_restraint_function 
'X-RAY DIFFRACTION' ? 0.005  0.013  976  ? r_bond_refined_d       ? ? 
'X-RAY DIFFRACTION' ? 0.001  0.017  886  ? r_bond_other_d         ? ? 
'X-RAY DIFFRACTION' ? 1.265  1.646  1317 ? r_angle_refined_deg    ? ? 
'X-RAY DIFFRACTION' ? 1.315  1.579  2050 ? r_angle_other_deg      ? ? 
'X-RAY DIFFRACTION' ? 6.101  5.000  125  ? r_dihedral_angle_1_deg ? ? 
'X-RAY DIFFRACTION' ? 32.936 24.857 35   ? r_dihedral_angle_2_deg ? ? 
'X-RAY DIFFRACTION' ? 10.828 15.000 147  ? r_dihedral_angle_3_deg ? ? 
'X-RAY DIFFRACTION' ? 0.810  15.000 1    ? r_dihedral_angle_4_deg ? ? 
'X-RAY DIFFRACTION' ? 0.056  0.200  129  ? r_chiral_restr         ? ? 
'X-RAY DIFFRACTION' ? 0.005  0.020  1106 ? r_gen_planes_refined   ? ? 
'X-RAY DIFFRACTION' ? 0.001  0.020  218  ? r_gen_planes_other     ? ? 
# 
_refine_ls_shell.pdbx_refine_id                   'X-RAY DIFFRACTION' 
_refine_ls_shell.d_res_high                       1.7900 
_refine_ls_shell.d_res_low                        1.8370 
_refine_ls_shell.number_reflns_all                1379 
_refine_ls_shell.number_reflns_obs                ? 
_refine_ls_shell.number_reflns_R_free             65 
_refine_ls_shell.number_reflns_R_work             1314 
_refine_ls_shell.percent_reflns_obs               100.0000 
_refine_ls_shell.percent_reflns_R_free            ? 
_refine_ls_shell.R_factor_all                     ? 
_refine_ls_shell.R_factor_obs                     ? 
_refine_ls_shell.R_factor_R_free                  0.2610 
_refine_ls_shell.R_factor_R_free_error            0.0000 
_refine_ls_shell.R_factor_R_work                  0.2810 
_refine_ls_shell.redundancy_reflns_all            ? 
_refine_ls_shell.redundancy_reflns_obs            ? 
_refine_ls_shell.wR_factor_all                    ? 
_refine_ls_shell.wR_factor_obs                    ? 
_refine_ls_shell.wR_factor_R_free                 ? 
_refine_ls_shell.wR_factor_R_work                 ? 
_refine_ls_shell.pdbx_R_complete                  ? 
_refine_ls_shell.pdbx_total_number_of_bins_used   20 
_refine_ls_shell.pdbx_phase_error                 ? 
_refine_ls_shell.pdbx_fsc_work                    ? 
_refine_ls_shell.pdbx_fsc_free                    ? 
# 
_struct.entry_id                     7ORR 
_struct.title                        'Non-structural protein 10 (nsp10) from SARS CoV-2 in complex with fragment VT00022' 
_struct.pdbx_model_details           ? 
_struct.pdbx_formula_weight          ? 
_struct.pdbx_formula_weight_method   ? 
_struct.pdbx_model_type_details      ? 
_struct.pdbx_CASP_flag               N 
# 
_struct_keywords.entry_id        7ORR 
_struct_keywords.text            'Fragment, complex, small molecule, VIRAL PROTEIN' 
_struct_keywords.pdbx_keywords   'VIRAL PROTEIN' 
# 
loop_
_struct_asym.id 
_struct_asym.pdbx_blank_PDB_chainid_flag 
_struct_asym.pdbx_modified 
_struct_asym.entity_id 
_struct_asym.details 
A N N 1 ? 
B N N 2 ? 
C N N 2 ? 
D N N 3 ? 
E N N 3 ? 
F N N 4 ? 
G N N 4 ? 
H N N 5 ? 
I N N 5 ? 
J N N 6 ? 
K N N 6 ? 
L N N 7 ? 
# 
_struct_ref.id                         1 
_struct_ref.db_name                    UNP 
_struct_ref.db_code                    R1AB_SARS2 
_struct_ref.pdbx_db_accession          P0DTD1 
_struct_ref.pdbx_db_isoform            ? 
_struct_ref.entity_id                  1 
_struct_ref.pdbx_seq_one_letter_code   
;NSTVLSFCAFAVDAAKAYKDYLASGGQPITNCVKMLCTHTGTGQAITVTPEANMDQESFGGASCCLYCRCHIDHPNPKGF
CDLKGKYVQIPTTCANDPVGFTLKNTVCTVCGMWKGYGCSCD
;
_struct_ref.pdbx_align_begin           4263 
# 
_struct_ref_seq.align_id                      1 
_struct_ref_seq.ref_id                        1 
_struct_ref_seq.pdbx_PDB_id_code              7ORR 
_struct_ref_seq.pdbx_strand_id                A 
_struct_ref_seq.seq_align_beg                 4 
_struct_ref_seq.pdbx_seq_align_beg_ins_code   ? 
_struct_ref_seq.seq_align_end                 125 
_struct_ref_seq.pdbx_seq_align_end_ins_code   ? 
_struct_ref_seq.pdbx_db_accession             P0DTD1 
_struct_ref_seq.db_align_beg                  4263 
_struct_ref_seq.pdbx_db_align_beg_ins_code    ? 
_struct_ref_seq.db_align_end                  4384 
_struct_ref_seq.pdbx_db_align_end_ins_code    ? 
_struct_ref_seq.pdbx_auth_seq_align_beg       10 
_struct_ref_seq.pdbx_auth_seq_align_end       131 
# 
loop_
_struct_ref_seq_dif.align_id 
_struct_ref_seq_dif.pdbx_pdb_id_code 
_struct_ref_seq_dif.mon_id 
_struct_ref_seq_dif.pdbx_pdb_strand_id 
_struct_ref_seq_dif.seq_num 
_struct_ref_seq_dif.pdbx_pdb_ins_code 
_struct_ref_seq_dif.pdbx_seq_db_name 
_struct_ref_seq_dif.pdbx_seq_db_accession_code 
_struct_ref_seq_dif.db_mon_id 
_struct_ref_seq_dif.pdbx_seq_db_seq_num 
_struct_ref_seq_dif.details 
_struct_ref_seq_dif.pdbx_auth_seq_num 
_struct_ref_seq_dif.pdbx_ordinal 
1 7ORR THR A 1 ? UNP P0DTD1 ? ? 'expression tag' 7 1 
1 7ORR MET A 2 ? UNP P0DTD1 ? ? 'expression tag' 8 2 
1 7ORR GLY A 3 ? UNP P0DTD1 ? ? 'expression tag' 9 3 
# 
_pdbx_struct_assembly.id                   1 
_pdbx_struct_assembly.details              author_and_software_defined_assembly 
_pdbx_struct_assembly.method_details       PISA 
_pdbx_struct_assembly.oligomeric_details   monomeric 
_pdbx_struct_assembly.oligomeric_count     1 
# 
loop_
_pdbx_struct_assembly_prop.biol_id 
_pdbx_struct_assembly_prop.type 
_pdbx_struct_assembly_prop.value 
_pdbx_struct_assembly_prop.details 
1 'ABSA (A^2)' 1380 ? 
1 MORE         -11  ? 
1 'SSA (A^2)'  7500 ? 
# 
_pdbx_struct_assembly_gen.assembly_id       1 
_pdbx_struct_assembly_gen.oper_expression   1 
_pdbx_struct_assembly_gen.asym_id_list      A,B,C,D,E,F,G,H,I,J,K,L 
# 
loop_
_pdbx_struct_assembly_auth_evidence.id 
_pdbx_struct_assembly_auth_evidence.assembly_id 
_pdbx_struct_assembly_auth_evidence.experimental_support 
_pdbx_struct_assembly_auth_evidence.details 
1 1 'gel filtration'             'mix of monomer and dimer'                
2 1 'equilibrium centrifugation' 'mix of monomer and dimer. Monomer >75%.' 
# 
_pdbx_struct_oper_list.id                   1 
_pdbx_struct_oper_list.type                 'identity operation' 
_pdbx_struct_oper_list.name                 1_555 
_pdbx_struct_oper_list.symmetry_operation   x,y,z 
_pdbx_struct_oper_list.matrix[1][1]         1.0000000000 
_pdbx_struct_oper_list.matrix[1][2]         0.0000000000 
_pdbx_struct_oper_list.matrix[1][3]         0.0000000000 
_pdbx_struct_oper_list.vector[1]            0.0000000000 
_pdbx_struct_oper_list.matrix[2][1]         0.0000000000 
_pdbx_struct_oper_list.matrix[2][2]         1.0000000000 
_pdbx_struct_oper_list.matrix[2][3]         0.0000000000 
_pdbx_struct_oper_list.vector[2]            0.0000000000 
_pdbx_struct_oper_list.matrix[3][1]         0.0000000000 
_pdbx_struct_oper_list.matrix[3][2]         0.0000000000 
_pdbx_struct_oper_list.matrix[3][3]         1.0000000000 
_pdbx_struct_oper_list.vector[3]            0.0000000000 
# 
loop_
_struct_conf.conf_type_id 
_struct_conf.id 
_struct_conf.pdbx_PDB_helix_id 
_struct_conf.beg_label_comp_id 
_struct_conf.beg_label_asym_id 
_struct_conf.beg_label_seq_id 
_struct_conf.pdbx_beg_PDB_ins_code 
_struct_conf.end_label_comp_id 
_struct_conf.end_label_asym_id 
_struct_conf.end_label_seq_id 
_struct_conf.pdbx_end_PDB_ins_code 
_struct_conf.beg_auth_comp_id 
_struct_conf.beg_auth_asym_id 
_struct_conf.beg_auth_seq_id 
_struct_conf.end_auth_comp_id 
_struct_conf.end_auth_asym_id 
_struct_conf.end_auth_seq_id 
_struct_conf.pdbx_PDB_helix_class 
_struct_conf.details 
_struct_conf.pdbx_PDB_helix_length 
HELX_P HELX_P1 AA1 GLY A 3   ? PHE A 13  ? GLY A 9   PHE A 19  1 ? 11 
HELX_P HELX_P2 AA2 ASP A 16  ? SER A 27  ? ASP A 22  SER A 33  1 ? 12 
HELX_P HELX_P3 AA3 ALA A 65  ? CYS A 67  ? ALA A 71  CYS A 73  5 ? 3  
HELX_P HELX_P4 AA4 CYS A 68  ? CYS A 73  ? CYS A 74  CYS A 79  1 ? 6  
HELX_P HELX_P5 AA5 THR A 96  ? ALA A 98  ? THR A 102 ALA A 104 5 ? 3  
HELX_P HELX_P6 AA6 ASP A 100 ? ASN A 108 ? ASP A 106 ASN A 114 1 ? 9  
# 
_struct_conf_type.id          HELX_P 
_struct_conf_type.criteria    ? 
_struct_conf_type.reference   ? 
# 
loop_
_struct_conn.id 
_struct_conn.conn_type_id 
_struct_conn.pdbx_leaving_atom_flag 
_struct_conn.pdbx_PDB_id 
_struct_conn.ptnr1_label_asym_id 
_struct_conn.ptnr1_label_comp_id 
_struct_conn.ptnr1_label_seq_id 
_struct_conn.ptnr1_label_atom_id 
_struct_conn.pdbx_ptnr1_label_alt_id 
_struct_conn.pdbx_ptnr1_PDB_ins_code 
_struct_conn.pdbx_ptnr1_standard_comp_id 
_struct_conn.ptnr1_symmetry 
_struct_conn.ptnr2_label_asym_id 
_struct_conn.ptnr2_label_comp_id 
_struct_conn.ptnr2_label_seq_id 
_struct_conn.ptnr2_label_atom_id 
_struct_conn.pdbx_ptnr2_label_alt_id 
_struct_conn.pdbx_ptnr2_PDB_ins_code 
_struct_conn.ptnr1_auth_asym_id 
_struct_conn.ptnr1_auth_comp_id 
_struct_conn.ptnr1_auth_seq_id 
_struct_conn.ptnr2_auth_asym_id 
_struct_conn.ptnr2_auth_comp_id 
_struct_conn.ptnr2_auth_seq_id 
_struct_conn.ptnr2_symmetry 
_struct_conn.pdbx_ptnr3_label_atom_id 
_struct_conn.pdbx_ptnr3_label_seq_id 
_struct_conn.pdbx_ptnr3_label_comp_id 
_struct_conn.pdbx_ptnr3_label_asym_id 
_struct_conn.pdbx_ptnr3_label_alt_id 
_struct_conn.pdbx_ptnr3_PDB_ins_code 
_struct_conn.details 
_struct_conn.pdbx_dist_value 
_struct_conn.pdbx_value_order 
_struct_conn.pdbx_role 
metalc1 metalc ? ? A CYS 68  SG  ? ? ? 1_555 B ZN . ZN ? ? A CYS 74  A ZN 201 1_555 ? ? ? ? ? ? ? 2.275 ? ? 
metalc2 metalc ? ? A CYS 71  SG  ? ? ? 1_555 B ZN . ZN ? ? A CYS 77  A ZN 201 1_555 ? ? ? ? ? ? ? 2.298 ? ? 
metalc3 metalc ? ? A HIS 77  NE2 ? ? ? 1_555 B ZN . ZN ? ? A HIS 83  A ZN 201 1_555 ? ? ? ? ? ? ? 2.087 ? ? 
metalc4 metalc ? ? A CYS 84  SG  ? ? ? 1_555 B ZN . ZN ? ? A CYS 90  A ZN 201 1_555 ? ? ? ? ? ? ? 2.340 ? ? 
metalc5 metalc ? ? A CYS 111 SG  ? ? ? 1_555 C ZN . ZN ? ? A CYS 117 A ZN 202 1_555 ? ? ? ? ? ? ? 2.079 ? ? 
metalc6 metalc ? ? A CYS 114 SG  ? ? ? 1_555 C ZN . ZN ? ? A CYS 120 A ZN 202 1_555 ? ? ? ? ? ? ? 2.269 ? ? 
metalc7 metalc ? ? A CYS 122 SG  ? ? ? 1_555 C ZN . ZN ? ? A CYS 128 A ZN 202 1_555 ? ? ? ? ? ? ? 2.158 ? ? 
metalc8 metalc ? ? A CYS 124 SG  ? ? ? 1_555 C ZN . ZN ? ? A CYS 130 A ZN 202 1_555 ? ? ? ? ? ? ? 2.657 ? ? 
# 
_struct_conn_type.id          metalc 
_struct_conn_type.criteria    ? 
_struct_conn_type.reference   ? 
# 
loop_
_pdbx_struct_conn_angle.id 
_pdbx_struct_conn_angle.ptnr1_label_atom_id 
_pdbx_struct_conn_angle.ptnr1_label_alt_id 
_pdbx_struct_conn_angle.ptnr1_label_asym_id 
_pdbx_struct_conn_angle.ptnr1_label_comp_id 
_pdbx_struct_conn_angle.ptnr1_label_seq_id 
_pdbx_struct_conn_angle.ptnr1_auth_atom_id 
_pdbx_struct_conn_angle.ptnr1_auth_asym_id 
_pdbx_struct_conn_angle.ptnr1_auth_comp_id 
_pdbx_struct_conn_angle.ptnr1_auth_seq_id 
_pdbx_struct_conn_angle.ptnr1_PDB_ins_code 
_pdbx_struct_conn_angle.ptnr1_symmetry 
_pdbx_struct_conn_angle.ptnr2_label_atom_id 
_pdbx_struct_conn_angle.ptnr2_label_alt_id 
_pdbx_struct_conn_angle.ptnr2_label_asym_id 
_pdbx_struct_conn_angle.ptnr2_label_comp_id 
_pdbx_struct_conn_angle.ptnr2_label_seq_id 
_pdbx_struct_conn_angle.ptnr2_auth_atom_id 
_pdbx_struct_conn_angle.ptnr2_auth_asym_id 
_pdbx_struct_conn_angle.ptnr2_auth_comp_id 
_pdbx_struct_conn_angle.ptnr2_auth_seq_id 
_pdbx_struct_conn_angle.ptnr2_PDB_ins_code 
_pdbx_struct_conn_angle.ptnr2_symmetry 
_pdbx_struct_conn_angle.ptnr3_label_atom_id 
_pdbx_struct_conn_angle.ptnr3_label_alt_id 
_pdbx_struct_conn_angle.ptnr3_label_asym_id 
_pdbx_struct_conn_angle.ptnr3_label_comp_id 
_pdbx_struct_conn_angle.ptnr3_label_seq_id 
_pdbx_struct_conn_angle.ptnr3_auth_atom_id 
_pdbx_struct_conn_angle.ptnr3_auth_asym_id 
_pdbx_struct_conn_angle.ptnr3_auth_comp_id 
_pdbx_struct_conn_angle.ptnr3_auth_seq_id 
_pdbx_struct_conn_angle.ptnr3_PDB_ins_code 
_pdbx_struct_conn_angle.ptnr3_symmetry 
_pdbx_struct_conn_angle.value 
_pdbx_struct_conn_angle.value_esd 
1  SG  ? A CYS 68  ? A CYS 74  ? 1_555 ZN ? B ZN . ? A ZN 201 ? 1_555 SG  ? A CYS 71  ? A CYS 77  ? 1_555 116.3 ? 
2  SG  ? A CYS 68  ? A CYS 74  ? 1_555 ZN ? B ZN . ? A ZN 201 ? 1_555 NE2 ? A HIS 77  ? A HIS 83  ? 1_555 105.6 ? 
3  SG  ? A CYS 71  ? A CYS 77  ? 1_555 ZN ? B ZN . ? A ZN 201 ? 1_555 NE2 ? A HIS 77  ? A HIS 83  ? 1_555 110.1 ? 
4  SG  ? A CYS 68  ? A CYS 74  ? 1_555 ZN ? B ZN . ? A ZN 201 ? 1_555 SG  ? A CYS 84  ? A CYS 90  ? 1_555 112.1 ? 
5  SG  ? A CYS 71  ? A CYS 77  ? 1_555 ZN ? B ZN . ? A ZN 201 ? 1_555 SG  ? A CYS 84  ? A CYS 90  ? 1_555 112.6 ? 
6  NE2 ? A HIS 77  ? A HIS 83  ? 1_555 ZN ? B ZN . ? A ZN 201 ? 1_555 SG  ? A CYS 84  ? A CYS 90  ? 1_555 98.5  ? 
7  SG  ? A CYS 111 ? A CYS 117 ? 1_555 ZN ? C ZN . ? A ZN 202 ? 1_555 SG  ? A CYS 114 ? A CYS 120 ? 1_555 106.4 ? 
8  SG  ? A CYS 111 ? A CYS 117 ? 1_555 ZN ? C ZN . ? A ZN 202 ? 1_555 SG  ? A CYS 122 ? A CYS 128 ? 1_555 109.5 ? 
9  SG  ? A CYS 114 ? A CYS 120 ? 1_555 ZN ? C ZN . ? A ZN 202 ? 1_555 SG  ? A CYS 122 ? A CYS 128 ? 1_555 111.5 ? 
10 SG  ? A CYS 111 ? A CYS 117 ? 1_555 ZN ? C ZN . ? A ZN 202 ? 1_555 SG  ? A CYS 124 ? A CYS 130 ? 1_555 105.5 ? 
11 SG  ? A CYS 114 ? A CYS 120 ? 1_555 ZN ? C ZN . ? A ZN 202 ? 1_555 SG  ? A CYS 124 ? A CYS 130 ? 1_555 114.1 ? 
12 SG  ? A CYS 122 ? A CYS 128 ? 1_555 ZN ? C ZN . ? A ZN 202 ? 1_555 SG  ? A CYS 124 ? A CYS 130 ? 1_555 109.6 ? 
# 
_struct_sheet.id               AA1 
_struct_sheet.type             ? 
_struct_sheet.number_strands   3 
_struct_sheet.details          ? 
# 
loop_
_struct_sheet_order.sheet_id 
_struct_sheet_order.range_id_1 
_struct_sheet_order.range_id_2 
_struct_sheet_order.offset 
_struct_sheet_order.sense 
AA1 1 2 ? anti-parallel 
AA1 2 3 ? anti-parallel 
# 
loop_
_struct_sheet_range.sheet_id 
_struct_sheet_range.id 
_struct_sheet_range.beg_label_comp_id 
_struct_sheet_range.beg_label_asym_id 
_struct_sheet_range.beg_label_seq_id 
_struct_sheet_range.pdbx_beg_PDB_ins_code 
_struct_sheet_range.end_label_comp_id 
_struct_sheet_range.end_label_asym_id 
_struct_sheet_range.end_label_seq_id 
_struct_sheet_range.pdbx_end_PDB_ins_code 
_struct_sheet_range.beg_auth_comp_id 
_struct_sheet_range.beg_auth_asym_id 
_struct_sheet_range.beg_auth_seq_id 
_struct_sheet_range.end_auth_comp_id 
_struct_sheet_range.end_auth_asym_id 
_struct_sheet_range.end_auth_seq_id 
AA1 1 ILE A 49 ? THR A 50 ? ILE A 55 THR A 56  
AA1 2 TYR A 90 ? PRO A 94 ? TYR A 96 PRO A 100 
AA1 3 GLN A 59 ? GLY A 63 ? GLN A 65 GLY A 69  
# 
loop_
_pdbx_struct_sheet_hbond.sheet_id 
_pdbx_struct_sheet_hbond.range_id_1 
_pdbx_struct_sheet_hbond.range_id_2 
_pdbx_struct_sheet_hbond.range_1_label_atom_id 
_pdbx_struct_sheet_hbond.range_1_label_comp_id 
_pdbx_struct_sheet_hbond.range_1_label_asym_id 
_pdbx_struct_sheet_hbond.range_1_label_seq_id 
_pdbx_struct_sheet_hbond.range_1_PDB_ins_code 
_pdbx_struct_sheet_hbond.range_1_auth_atom_id 
_pdbx_struct_sheet_hbond.range_1_auth_comp_id 
_pdbx_struct_sheet_hbond.range_1_auth_asym_id 
_pdbx_struct_sheet_hbond.range_1_auth_seq_id 
_pdbx_struct_sheet_hbond.range_2_label_atom_id 
_pdbx_struct_sheet_hbond.range_2_label_comp_id 
_pdbx_struct_sheet_hbond.range_2_label_asym_id 
_pdbx_struct_sheet_hbond.range_2_label_seq_id 
_pdbx_struct_sheet_hbond.range_2_PDB_ins_code 
_pdbx_struct_sheet_hbond.range_2_auth_atom_id 
_pdbx_struct_sheet_hbond.range_2_auth_comp_id 
_pdbx_struct_sheet_hbond.range_2_auth_asym_id 
_pdbx_struct_sheet_hbond.range_2_auth_seq_id 
AA1 1 2 N THR A 50 ? N THR A 56 O TYR A 90 ? O TYR A 96 
AA1 2 3 O ILE A 93 ? O ILE A 99 N GLU A 60 ? N GLU A 66 
# 
_pdbx_validate_symm_contact.id                1 
_pdbx_validate_symm_contact.PDB_model_num     1 
_pdbx_validate_symm_contact.auth_atom_id_1    OD1 
_pdbx_validate_symm_contact.auth_asym_id_1    A 
_pdbx_validate_symm_contact.auth_comp_id_1    ASN 
_pdbx_validate_symm_contact.auth_seq_id_1     40 
_pdbx_validate_symm_contact.PDB_ins_code_1    ? 
_pdbx_validate_symm_contact.label_alt_id_1    ? 
_pdbx_validate_symm_contact.site_symmetry_1   1_555 
_pdbx_validate_symm_contact.auth_atom_id_2    OD1 
_pdbx_validate_symm_contact.auth_asym_id_2    A 
_pdbx_validate_symm_contact.auth_comp_id_2    ASN 
_pdbx_validate_symm_contact.auth_seq_id_2     40 
_pdbx_validate_symm_contact.PDB_ins_code_2    ? 
_pdbx_validate_symm_contact.label_alt_id_2    ? 
_pdbx_validate_symm_contact.site_symmetry_2   16_575 
_pdbx_validate_symm_contact.dist              1.71 
# 
loop_
_pdbx_validate_torsion.id 
_pdbx_validate_torsion.PDB_model_num 
_pdbx_validate_torsion.auth_comp_id 
_pdbx_validate_torsion.auth_asym_id 
_pdbx_validate_torsion.auth_seq_id 
_pdbx_validate_torsion.PDB_ins_code 
_pdbx_validate_torsion.label_alt_id 
_pdbx_validate_torsion.phi 
_pdbx_validate_torsion.psi 
1 1 THR A 39  ? ? -111.86 -169.91 
2 1 VAL A 119 ? ? -85.83  -71.43  
3 1 TYR A 126 ? ? -132.04 -100.16 
# 
loop_
_pdbx_struct_special_symmetry.id 
_pdbx_struct_special_symmetry.PDB_model_num 
_pdbx_struct_special_symmetry.auth_asym_id 
_pdbx_struct_special_symmetry.auth_comp_id 
_pdbx_struct_special_symmetry.auth_seq_id 
_pdbx_struct_special_symmetry.PDB_ins_code 
_pdbx_struct_special_symmetry.label_asym_id 
_pdbx_struct_special_symmetry.label_comp_id 
_pdbx_struct_special_symmetry.label_seq_id 
1 1 A DMS 204 ? E DMS . 
2 1 A DMS 204 ? E DMS . 
3 1 A HOH 392 ? L HOH . 
# 
_pdbx_entry_details.entry_id                 7ORR 
_pdbx_entry_details.has_ligand_of_interest   Y 
_pdbx_entry_details.compound_details         ? 
_pdbx_entry_details.source_details           ? 
_pdbx_entry_details.nonpolymer_details       ? 
_pdbx_entry_details.sequence_details         ? 
# 
_pdbx_distant_solvent_atoms.id                                1 
_pdbx_distant_solvent_atoms.PDB_model_num                     1 
_pdbx_distant_solvent_atoms.auth_atom_id                      O 
_pdbx_distant_solvent_atoms.label_alt_id                      ? 
_pdbx_distant_solvent_atoms.auth_asym_id                      A 
_pdbx_distant_solvent_atoms.auth_comp_id                      HOH 
_pdbx_distant_solvent_atoms.auth_seq_id                       392 
_pdbx_distant_solvent_atoms.PDB_ins_code                      ? 
_pdbx_distant_solvent_atoms.neighbor_macromolecule_distance   6.47 
_pdbx_distant_solvent_atoms.neighbor_ligand_distance          . 
# 
_pdbx_unobs_or_zero_occ_residues.id               1 
_pdbx_unobs_or_zero_occ_residues.PDB_model_num    1 
_pdbx_unobs_or_zero_occ_residues.polymer_flag     Y 
_pdbx_unobs_or_zero_occ_residues.occupancy_flag   1 
_pdbx_unobs_or_zero_occ_residues.auth_asym_id     A 
_pdbx_unobs_or_zero_occ_residues.auth_comp_id     ASP 
_pdbx_unobs_or_zero_occ_residues.auth_seq_id      131 
_pdbx_unobs_or_zero_occ_residues.PDB_ins_code     ? 
_pdbx_unobs_or_zero_occ_residues.label_asym_id    A 
_pdbx_unobs_or_zero_occ_residues.label_comp_id    ASP 
_pdbx_unobs_or_zero_occ_residues.label_seq_id     125 
# 
loop_
_chem_comp_atom.comp_id 
_chem_comp_atom.atom_id 
_chem_comp_atom.type_symbol 
_chem_comp_atom.pdbx_aromatic_flag 
_chem_comp_atom.pdbx_stereo_config 
_chem_comp_atom.pdbx_ordinal 
ALA N    N  N N 1   
ALA CA   C  N S 2   
ALA C    C  N N 3   
ALA O    O  N N 4   
ALA CB   C  N N 5   
ALA OXT  O  N N 6   
ALA H    H  N N 7   
ALA H2   H  N N 8   
ALA HA   H  N N 9   
ALA HB1  H  N N 10  
ALA HB2  H  N N 11  
ALA HB3  H  N N 12  
ALA HXT  H  N N 13  
ARG N    N  N N 14  
ARG CA   C  N S 15  
ARG C    C  N N 16  
ARG O    O  N N 17  
ARG CB   C  N N 18  
ARG CG   C  N N 19  
ARG CD   C  N N 20  
ARG NE   N  N N 21  
ARG CZ   C  N N 22  
ARG NH1  N  N N 23  
ARG NH2  N  N N 24  
ARG OXT  O  N N 25  
ARG H    H  N N 26  
ARG H2   H  N N 27  
ARG HA   H  N N 28  
ARG HB2  H  N N 29  
ARG HB3  H  N N 30  
ARG HG2  H  N N 31  
ARG HG3  H  N N 32  
ARG HD2  H  N N 33  
ARG HD3  H  N N 34  
ARG HE   H  N N 35  
ARG HH11 H  N N 36  
ARG HH12 H  N N 37  
ARG HH21 H  N N 38  
ARG HH22 H  N N 39  
ARG HXT  H  N N 40  
ASN N    N  N N 41  
ASN CA   C  N S 42  
ASN C    C  N N 43  
ASN O    O  N N 44  
ASN CB   C  N N 45  
ASN CG   C  N N 46  
ASN OD1  O  N N 47  
ASN ND2  N  N N 48  
ASN OXT  O  N N 49  
ASN H    H  N N 50  
ASN H2   H  N N 51  
ASN HA   H  N N 52  
ASN HB2  H  N N 53  
ASN HB3  H  N N 54  
ASN HD21 H  N N 55  
ASN HD22 H  N N 56  
ASN HXT  H  N N 57  
ASP N    N  N N 58  
ASP CA   C  N S 59  
ASP C    C  N N 60  
ASP O    O  N N 61  
ASP CB   C  N N 62  
ASP CG   C  N N 63  
ASP OD1  O  N N 64  
ASP OD2  O  N N 65  
ASP OXT  O  N N 66  
ASP H    H  N N 67  
ASP H2   H  N N 68  
ASP HA   H  N N 69  
ASP HB2  H  N N 70  
ASP HB3  H  N N 71  
ASP HD2  H  N N 72  
ASP HXT  H  N N 73  
CL  CL   CL N N 74  
CYS N    N  N N 75  
CYS CA   C  N R 76  
CYS C    C  N N 77  
CYS O    O  N N 78  
CYS CB   C  N N 79  
CYS SG   S  N N 80  
CYS OXT  O  N N 81  
CYS H    H  N N 82  
CYS H2   H  N N 83  
CYS HA   H  N N 84  
CYS HB2  H  N N 85  
CYS HB3  H  N N 86  
CYS HG   H  N N 87  
CYS HXT  H  N N 88  
DMS S    S  N N 89  
DMS O    O  N N 90  
DMS C1   C  N N 91  
DMS C2   C  N N 92  
DMS H11  H  N N 93  
DMS H12  H  N N 94  
DMS H13  H  N N 95  
DMS H21  H  N N 96  
DMS H22  H  N N 97  
DMS H23  H  N N 98  
GLN N    N  N N 99  
GLN CA   C  N S 100 
GLN C    C  N N 101 
GLN O    O  N N 102 
GLN CB   C  N N 103 
GLN CG   C  N N 104 
GLN CD   C  N N 105 
GLN OE1  O  N N 106 
GLN NE2  N  N N 107 
GLN OXT  O  N N 108 
GLN H    H  N N 109 
GLN H2   H  N N 110 
GLN HA   H  N N 111 
GLN HB2  H  N N 112 
GLN HB3  H  N N 113 
GLN HG2  H  N N 114 
GLN HG3  H  N N 115 
GLN HE21 H  N N 116 
GLN HE22 H  N N 117 
GLN HXT  H  N N 118 
GLU N    N  N N 119 
GLU CA   C  N S 120 
GLU C    C  N N 121 
GLU O    O  N N 122 
GLU CB   C  N N 123 
GLU CG   C  N N 124 
GLU CD   C  N N 125 
GLU OE1  O  N N 126 
GLU OE2  O  N N 127 
GLU OXT  O  N N 128 
GLU H    H  N N 129 
GLU H2   H  N N 130 
GLU HA   H  N N 131 
GLU HB2  H  N N 132 
GLU HB3  H  N N 133 
GLU HG2  H  N N 134 
GLU HG3  H  N N 135 
GLU HE2  H  N N 136 
GLU HXT  H  N N 137 
GLY N    N  N N 138 
GLY CA   C  N N 139 
GLY C    C  N N 140 
GLY O    O  N N 141 
GLY OXT  O  N N 142 
GLY H    H  N N 143 
GLY H2   H  N N 144 
GLY HA2  H  N N 145 
GLY HA3  H  N N 146 
GLY HXT  H  N N 147 
GOL C1   C  N N 148 
GOL O1   O  N N 149 
GOL C2   C  N N 150 
GOL O2   O  N N 151 
GOL C3   C  N N 152 
GOL O3   O  N N 153 
GOL H11  H  N N 154 
GOL H12  H  N N 155 
GOL HO1  H  N N 156 
GOL H2   H  N N 157 
GOL HO2  H  N N 158 
GOL H31  H  N N 159 
GOL H32  H  N N 160 
GOL HO3  H  N N 161 
HIS N    N  N N 162 
HIS CA   C  N S 163 
HIS C    C  N N 164 
HIS O    O  N N 165 
HIS CB   C  N N 166 
HIS CG   C  Y N 167 
HIS ND1  N  Y N 168 
HIS CD2  C  Y N 169 
HIS CE1  C  Y N 170 
HIS NE2  N  Y N 171 
HIS OXT  O  N N 172 
HIS H    H  N N 173 
HIS H2   H  N N 174 
HIS HA   H  N N 175 
HIS HB2  H  N N 176 
HIS HB3  H  N N 177 
HIS HD1  H  N N 178 
HIS HD2  H  N N 179 
HIS HE1  H  N N 180 
HIS HE2  H  N N 181 
HIS HXT  H  N N 182 
HOH O    O  N N 183 
HOH H1   H  N N 184 
HOH H2   H  N N 185 
ILE N    N  N N 186 
ILE CA   C  N S 187 
ILE C    C  N N 188 
ILE O    O  N N 189 
ILE CB   C  N S 190 
ILE CG1  C  N N 191 
ILE CG2  C  N N 192 
ILE CD1  C  N N 193 
ILE OXT  O  N N 194 
ILE H    H  N N 195 
ILE H2   H  N N 196 
ILE HA   H  N N 197 
ILE HB   H  N N 198 
ILE HG12 H  N N 199 
ILE HG13 H  N N 200 
ILE HG21 H  N N 201 
ILE HG22 H  N N 202 
ILE HG23 H  N N 203 
ILE HD11 H  N N 204 
ILE HD12 H  N N 205 
ILE HD13 H  N N 206 
ILE HXT  H  N N 207 
LEU N    N  N N 208 
LEU CA   C  N S 209 
LEU C    C  N N 210 
LEU O    O  N N 211 
LEU CB   C  N N 212 
LEU CG   C  N N 213 
LEU CD1  C  N N 214 
LEU CD2  C  N N 215 
LEU OXT  O  N N 216 
LEU H    H  N N 217 
LEU H2   H  N N 218 
LEU HA   H  N N 219 
LEU HB2  H  N N 220 
LEU HB3  H  N N 221 
LEU HG   H  N N 222 
LEU HD11 H  N N 223 
LEU HD12 H  N N 224 
LEU HD13 H  N N 225 
LEU HD21 H  N N 226 
LEU HD22 H  N N 227 
LEU HD23 H  N N 228 
LEU HXT  H  N N 229 
LYS N    N  N N 230 
LYS CA   C  N S 231 
LYS C    C  N N 232 
LYS O    O  N N 233 
LYS CB   C  N N 234 
LYS CG   C  N N 235 
LYS CD   C  N N 236 
LYS CE   C  N N 237 
LYS NZ   N  N N 238 
LYS OXT  O  N N 239 
LYS H    H  N N 240 
LYS H2   H  N N 241 
LYS HA   H  N N 242 
LYS HB2  H  N N 243 
LYS HB3  H  N N 244 
LYS HG2  H  N N 245 
LYS HG3  H  N N 246 
LYS HD2  H  N N 247 
LYS HD3  H  N N 248 
LYS HE2  H  N N 249 
LYS HE3  H  N N 250 
LYS HZ1  H  N N 251 
LYS HZ2  H  N N 252 
LYS HZ3  H  N N 253 
LYS HXT  H  N N 254 
MET N    N  N N 255 
MET CA   C  N S 256 
MET C    C  N N 257 
MET O    O  N N 258 
MET CB   C  N N 259 
MET CG   C  N N 260 
MET SD   S  N N 261 
MET CE   C  N N 262 
MET OXT  O  N N 263 
MET H    H  N N 264 
MET H2   H  N N 265 
MET HA   H  N N 266 
MET HB2  H  N N 267 
MET HB3  H  N N 268 
MET HG2  H  N N 269 
MET HG3  H  N N 270 
MET HE1  H  N N 271 
MET HE2  H  N N 272 
MET HE3  H  N N 273 
MET HXT  H  N N 274 
PHE N    N  N N 275 
PHE CA   C  N S 276 
PHE C    C  N N 277 
PHE O    O  N N 278 
PHE CB   C  N N 279 
PHE CG   C  Y N 280 
PHE CD1  C  Y N 281 
PHE CD2  C  Y N 282 
PHE CE1  C  Y N 283 
PHE CE2  C  Y N 284 
PHE CZ   C  Y N 285 
PHE OXT  O  N N 286 
PHE H    H  N N 287 
PHE H2   H  N N 288 
PHE HA   H  N N 289 
PHE HB2  H  N N 290 
PHE HB3  H  N N 291 
PHE HD1  H  N N 292 
PHE HD2  H  N N 293 
PHE HE1  H  N N 294 
PHE HE2  H  N N 295 
PHE HZ   H  N N 296 
PHE HXT  H  N N 297 
PIM N1   N  Y N 298 
PIM C2   C  Y N 299 
PIM N3   N  Y N 300 
PIM C4   C  Y N 301 
PIM C5   C  Y N 302 
PIM C6   C  Y N 303 
PIM C7   C  Y N 304 
PIM C8   C  Y N 305 
PIM C9   C  Y N 306 
PIM C10  C  Y N 307 
PIM C11  C  Y N 308 
PIM HN1  H  N N 309 
PIM H2   H  N N 310 
PIM H4   H  N N 311 
PIM H7   H  N N 312 
PIM H8   H  N N 313 
PIM H9   H  N N 314 
PIM H10  H  N N 315 
PIM H11  H  N N 316 
PRO N    N  N N 317 
PRO CA   C  N S 318 
PRO C    C  N N 319 
PRO O    O  N N 320 
PRO CB   C  N N 321 
PRO CG   C  N N 322 
PRO CD   C  N N 323 
PRO OXT  O  N N 324 
PRO H    H  N N 325 
PRO HA   H  N N 326 
PRO HB2  H  N N 327 
PRO HB3  H  N N 328 
PRO HG2  H  N N 329 
PRO HG3  H  N N 330 
PRO HD2  H  N N 331 
PRO HD3  H  N N 332 
PRO HXT  H  N N 333 
SER N    N  N N 334 
SER CA   C  N S 335 
SER C    C  N N 336 
SER O    O  N N 337 
SER CB   C  N N 338 
SER OG   O  N N 339 
SER OXT  O  N N 340 
SER H    H  N N 341 
SER H2   H  N N 342 
SER HA   H  N N 343 
SER HB2  H  N N 344 
SER HB3  H  N N 345 
SER HG   H  N N 346 
SER HXT  H  N N 347 
THR N    N  N N 348 
THR CA   C  N S 349 
THR C    C  N N 350 
THR O    O  N N 351 
THR CB   C  N R 352 
THR OG1  O  N N 353 
THR CG2  C  N N 354 
THR OXT  O  N N 355 
THR H    H  N N 356 
THR H2   H  N N 357 
THR HA   H  N N 358 
THR HB   H  N N 359 
THR HG1  H  N N 360 
THR HG21 H  N N 361 
THR HG22 H  N N 362 
THR HG23 H  N N 363 
THR HXT  H  N N 364 
TRP N    N  N N 365 
TRP CA   C  N S 366 
TRP C    C  N N 367 
TRP O    O  N N 368 
TRP CB   C  N N 369 
TRP CG   C  Y N 370 
TRP CD1  C  Y N 371 
TRP CD2  C  Y N 372 
TRP NE1  N  Y N 373 
TRP CE2  C  Y N 374 
TRP CE3  C  Y N 375 
TRP CZ2  C  Y N 376 
TRP CZ3  C  Y N 377 
TRP CH2  C  Y N 378 
TRP OXT  O  N N 379 
TRP H    H  N N 380 
TRP H2   H  N N 381 
TRP HA   H  N N 382 
TRP HB2  H  N N 383 
TRP HB3  H  N N 384 
TRP HD1  H  N N 385 
TRP HE1  H  N N 386 
TRP HE3  H  N N 387 
TRP HZ2  H  N N 388 
TRP HZ3  H  N N 389 
TRP HH2  H  N N 390 
TRP HXT  H  N N 391 
TYR N    N  N N 392 
TYR CA   C  N S 393 
TYR C    C  N N 394 
TYR O    O  N N 395 
TYR CB   C  N N 396 
TYR CG   C  Y N 397 
TYR CD1  C  Y N 398 
TYR CD2  C  Y N 399 
TYR CE1  C  Y N 400 
TYR CE2  C  Y N 401 
TYR CZ   C  Y N 402 
TYR OH   O  N N 403 
TYR OXT  O  N N 404 
TYR H    H  N N 405 
TYR H2   H  N N 406 
TYR HA   H  N N 407 
TYR HB2  H  N N 408 
TYR HB3  H  N N 409 
TYR HD1  H  N N 410 
TYR HD2  H  N N 411 
TYR HE1  H  N N 412 
TYR HE2  H  N N 413 
TYR HH   H  N N 414 
TYR HXT  H  N N 415 
VAL N    N  N N 416 
VAL CA   C  N S 417 
VAL C    C  N N 418 
VAL O    O  N N 419 
VAL CB   C  N N 420 
VAL CG1  C  N N 421 
VAL CG2  C  N N 422 
VAL OXT  O  N N 423 
VAL H    H  N N 424 
VAL H2   H  N N 425 
VAL HA   H  N N 426 
VAL HB   H  N N 427 
VAL HG11 H  N N 428 
VAL HG12 H  N N 429 
VAL HG13 H  N N 430 
VAL HG21 H  N N 431 
VAL HG22 H  N N 432 
VAL HG23 H  N N 433 
VAL HXT  H  N N 434 
ZN  ZN   ZN N N 435 
# 
loop_
_chem_comp_bond.comp_id 
_chem_comp_bond.atom_id_1 
_chem_comp_bond.atom_id_2 
_chem_comp_bond.value_order 
_chem_comp_bond.pdbx_aromatic_flag 
_chem_comp_bond.pdbx_stereo_config 
_chem_comp_bond.pdbx_ordinal 
ALA N   CA   sing N N 1   
ALA N   H    sing N N 2   
ALA N   H2   sing N N 3   
ALA CA  C    sing N N 4   
ALA CA  CB   sing N N 5   
ALA CA  HA   sing N N 6   
ALA C   O    doub N N 7   
ALA C   OXT  sing N N 8   
ALA CB  HB1  sing N N 9   
ALA CB  HB2  sing N N 10  
ALA CB  HB3  sing N N 11  
ALA OXT HXT  sing N N 12  
ARG N   CA   sing N N 13  
ARG N   H    sing N N 14  
ARG N   H2   sing N N 15  
ARG CA  C    sing N N 16  
ARG CA  CB   sing N N 17  
ARG CA  HA   sing N N 18  
ARG C   O    doub N N 19  
ARG C   OXT  sing N N 20  
ARG CB  CG   sing N N 21  
ARG CB  HB2  sing N N 22  
ARG CB  HB3  sing N N 23  
ARG CG  CD   sing N N 24  
ARG CG  HG2  sing N N 25  
ARG CG  HG3  sing N N 26  
ARG CD  NE   sing N N 27  
ARG CD  HD2  sing N N 28  
ARG CD  HD3  sing N N 29  
ARG NE  CZ   sing N N 30  
ARG NE  HE   sing N N 31  
ARG CZ  NH1  sing N N 32  
ARG CZ  NH2  doub N N 33  
ARG NH1 HH11 sing N N 34  
ARG NH1 HH12 sing N N 35  
ARG NH2 HH21 sing N N 36  
ARG NH2 HH22 sing N N 37  
ARG OXT HXT  sing N N 38  
ASN N   CA   sing N N 39  
ASN N   H    sing N N 40  
ASN N   H2   sing N N 41  
ASN CA  C    sing N N 42  
ASN CA  CB   sing N N 43  
ASN CA  HA   sing N N 44  
ASN C   O    doub N N 45  
ASN C   OXT  sing N N 46  
ASN CB  CG   sing N N 47  
ASN CB  HB2  sing N N 48  
ASN CB  HB3  sing N N 49  
ASN CG  OD1  doub N N 50  
ASN CG  ND2  sing N N 51  
ASN ND2 HD21 sing N N 52  
ASN ND2 HD22 sing N N 53  
ASN OXT HXT  sing N N 54  
ASP N   CA   sing N N 55  
ASP N   H    sing N N 56  
ASP N   H2   sing N N 57  
ASP CA  C    sing N N 58  
ASP CA  CB   sing N N 59  
ASP CA  HA   sing N N 60  
ASP C   O    doub N N 61  
ASP C   OXT  sing N N 62  
ASP CB  CG   sing N N 63  
ASP CB  HB2  sing N N 64  
ASP CB  HB3  sing N N 65  
ASP CG  OD1  doub N N 66  
ASP CG  OD2  sing N N 67  
ASP OD2 HD2  sing N N 68  
ASP OXT HXT  sing N N 69  
CYS N   CA   sing N N 70  
CYS N   H    sing N N 71  
CYS N   H2   sing N N 72  
CYS CA  C    sing N N 73  
CYS CA  CB   sing N N 74  
CYS CA  HA   sing N N 75  
CYS C   O    doub N N 76  
CYS C   OXT  sing N N 77  
CYS CB  SG   sing N N 78  
CYS CB  HB2  sing N N 79  
CYS CB  HB3  sing N N 80  
CYS SG  HG   sing N N 81  
CYS OXT HXT  sing N N 82  
DMS S   O    doub N N 83  
DMS S   C1   sing N N 84  
DMS S   C2   sing N N 85  
DMS C1  H11  sing N N 86  
DMS C1  H12  sing N N 87  
DMS C1  H13  sing N N 88  
DMS C2  H21  sing N N 89  
DMS C2  H22  sing N N 90  
DMS C2  H23  sing N N 91  
GLN N   CA   sing N N 92  
GLN N   H    sing N N 93  
GLN N   H2   sing N N 94  
GLN CA  C    sing N N 95  
GLN CA  CB   sing N N 96  
GLN CA  HA   sing N N 97  
GLN C   O    doub N N 98  
GLN C   OXT  sing N N 99  
GLN CB  CG   sing N N 100 
GLN CB  HB2  sing N N 101 
GLN CB  HB3  sing N N 102 
GLN CG  CD   sing N N 103 
GLN CG  HG2  sing N N 104 
GLN CG  HG3  sing N N 105 
GLN CD  OE1  doub N N 106 
GLN CD  NE2  sing N N 107 
GLN NE2 HE21 sing N N 108 
GLN NE2 HE22 sing N N 109 
GLN OXT HXT  sing N N 110 
GLU N   CA   sing N N 111 
GLU N   H    sing N N 112 
GLU N   H2   sing N N 113 
GLU CA  C    sing N N 114 
GLU CA  CB   sing N N 115 
GLU CA  HA   sing N N 116 
GLU C   O    doub N N 117 
GLU C   OXT  sing N N 118 
GLU CB  CG   sing N N 119 
GLU CB  HB2  sing N N 120 
GLU CB  HB3  sing N N 121 
GLU CG  CD   sing N N 122 
GLU CG  HG2  sing N N 123 
GLU CG  HG3  sing N N 124 
GLU CD  OE1  doub N N 125 
GLU CD  OE2  sing N N 126 
GLU OE2 HE2  sing N N 127 
GLU OXT HXT  sing N N 128 
GLY N   CA   sing N N 129 
GLY N   H    sing N N 130 
GLY N   H2   sing N N 131 
GLY CA  C    sing N N 132 
GLY CA  HA2  sing N N 133 
GLY CA  HA3  sing N N 134 
GLY C   O    doub N N 135 
GLY C   OXT  sing N N 136 
GLY OXT HXT  sing N N 137 
GOL C1  O1   sing N N 138 
GOL C1  C2   sing N N 139 
GOL C1  H11  sing N N 140 
GOL C1  H12  sing N N 141 
GOL O1  HO1  sing N N 142 
GOL C2  O2   sing N N 143 
GOL C2  C3   sing N N 144 
GOL C2  H2   sing N N 145 
GOL O2  HO2  sing N N 146 
GOL C3  O3   sing N N 147 
GOL C3  H31  sing N N 148 
GOL C3  H32  sing N N 149 
GOL O3  HO3  sing N N 150 
HIS N   CA   sing N N 151 
HIS N   H    sing N N 152 
HIS N   H2   sing N N 153 
HIS CA  C    sing N N 154 
HIS CA  CB   sing N N 155 
HIS CA  HA   sing N N 156 
HIS C   O    doub N N 157 
HIS C   OXT  sing N N 158 
HIS CB  CG   sing N N 159 
HIS CB  HB2  sing N N 160 
HIS CB  HB3  sing N N 161 
HIS CG  ND1  sing Y N 162 
HIS CG  CD2  doub Y N 163 
HIS ND1 CE1  doub Y N 164 
HIS ND1 HD1  sing N N 165 
HIS CD2 NE2  sing Y N 166 
HIS CD2 HD2  sing N N 167 
HIS CE1 NE2  sing Y N 168 
HIS CE1 HE1  sing N N 169 
HIS NE2 HE2  sing N N 170 
HIS OXT HXT  sing N N 171 
HOH O   H1   sing N N 172 
HOH O   H2   sing N N 173 
ILE N   CA   sing N N 174 
ILE N   H    sing N N 175 
ILE N   H2   sing N N 176 
ILE CA  C    sing N N 177 
ILE CA  CB   sing N N 178 
ILE CA  HA   sing N N 179 
ILE C   O    doub N N 180 
ILE C   OXT  sing N N 181 
ILE CB  CG1  sing N N 182 
ILE CB  CG2  sing N N 183 
ILE CB  HB   sing N N 184 
ILE CG1 CD1  sing N N 185 
ILE CG1 HG12 sing N N 186 
ILE CG1 HG13 sing N N 187 
ILE CG2 HG21 sing N N 188 
ILE CG2 HG22 sing N N 189 
ILE CG2 HG23 sing N N 190 
ILE CD1 HD11 sing N N 191 
ILE CD1 HD12 sing N N 192 
ILE CD1 HD13 sing N N 193 
ILE OXT HXT  sing N N 194 
LEU N   CA   sing N N 195 
LEU N   H    sing N N 196 
LEU N   H2   sing N N 197 
LEU CA  C    sing N N 198 
LEU CA  CB   sing N N 199 
LEU CA  HA   sing N N 200 
LEU C   O    doub N N 201 
LEU C   OXT  sing N N 202 
LEU CB  CG   sing N N 203 
LEU CB  HB2  sing N N 204 
LEU CB  HB3  sing N N 205 
LEU CG  CD1  sing N N 206 
LEU CG  CD2  sing N N 207 
LEU CG  HG   sing N N 208 
LEU CD1 HD11 sing N N 209 
LEU CD1 HD12 sing N N 210 
LEU CD1 HD13 sing N N 211 
LEU CD2 HD21 sing N N 212 
LEU CD2 HD22 sing N N 213 
LEU CD2 HD23 sing N N 214 
LEU OXT HXT  sing N N 215 
LYS N   CA   sing N N 216 
LYS N   H    sing N N 217 
LYS N   H2   sing N N 218 
LYS CA  C    sing N N 219 
LYS CA  CB   sing N N 220 
LYS CA  HA   sing N N 221 
LYS C   O    doub N N 222 
LYS C   OXT  sing N N 223 
LYS CB  CG   sing N N 224 
LYS CB  HB2  sing N N 225 
LYS CB  HB3  sing N N 226 
LYS CG  CD   sing N N 227 
LYS CG  HG2  sing N N 228 
LYS CG  HG3  sing N N 229 
LYS CD  CE   sing N N 230 
LYS CD  HD2  sing N N 231 
LYS CD  HD3  sing N N 232 
LYS CE  NZ   sing N N 233 
LYS CE  HE2  sing N N 234 
LYS CE  HE3  sing N N 235 
LYS NZ  HZ1  sing N N 236 
LYS NZ  HZ2  sing N N 237 
LYS NZ  HZ3  sing N N 238 
LYS OXT HXT  sing N N 239 
MET N   CA   sing N N 240 
MET N   H    sing N N 241 
MET N   H2   sing N N 242 
MET CA  C    sing N N 243 
MET CA  CB   sing N N 244 
MET CA  HA   sing N N 245 
MET C   O    doub N N 246 
MET C   OXT  sing N N 247 
MET CB  CG   sing N N 248 
MET CB  HB2  sing N N 249 
MET CB  HB3  sing N N 250 
MET CG  SD   sing N N 251 
MET CG  HG2  sing N N 252 
MET CG  HG3  sing N N 253 
MET SD  CE   sing N N 254 
MET CE  HE1  sing N N 255 
MET CE  HE2  sing N N 256 
MET CE  HE3  sing N N 257 
MET OXT HXT  sing N N 258 
PHE N   CA   sing N N 259 
PHE N   H    sing N N 260 
PHE N   H2   sing N N 261 
PHE CA  C    sing N N 262 
PHE CA  CB   sing N N 263 
PHE CA  HA   sing N N 264 
PHE C   O    doub N N 265 
PHE C   OXT  sing N N 266 
PHE CB  CG   sing N N 267 
PHE CB  HB2  sing N N 268 
PHE CB  HB3  sing N N 269 
PHE CG  CD1  doub Y N 270 
PHE CG  CD2  sing Y N 271 
PHE CD1 CE1  sing Y N 272 
PHE CD1 HD1  sing N N 273 
PHE CD2 CE2  doub Y N 274 
PHE CD2 HD2  sing N N 275 
PHE CE1 CZ   doub Y N 276 
PHE CE1 HE1  sing N N 277 
PHE CE2 CZ   sing Y N 278 
PHE CE2 HE2  sing N N 279 
PHE CZ  HZ   sing N N 280 
PHE OXT HXT  sing N N 281 
PIM N1  C2   sing Y N 282 
PIM N1  C5   sing Y N 283 
PIM N1  HN1  sing N N 284 
PIM C2  N3   doub Y N 285 
PIM C2  H2   sing N N 286 
PIM N3  C4   sing Y N 287 
PIM C4  C5   doub Y N 288 
PIM C4  H4   sing N N 289 
PIM C5  C6   sing Y N 290 
PIM C6  C7   doub Y N 291 
PIM C6  C11  sing Y N 292 
PIM C7  C8   sing Y N 293 
PIM C7  H7   sing N N 294 
PIM C8  C9   doub Y N 295 
PIM C8  H8   sing N N 296 
PIM C9  C10  sing Y N 297 
PIM C9  H9   sing N N 298 
PIM C10 C11  doub Y N 299 
PIM C10 H10  sing N N 300 
PIM C11 H11  sing N N 301 
PRO N   CA   sing N N 302 
PRO N   CD   sing N N 303 
PRO N   H    sing N N 304 
PRO CA  C    sing N N 305 
PRO CA  CB   sing N N 306 
PRO CA  HA   sing N N 307 
PRO C   O    doub N N 308 
PRO C   OXT  sing N N 309 
PRO CB  CG   sing N N 310 
PRO CB  HB2  sing N N 311 
PRO CB  HB3  sing N N 312 
PRO CG  CD   sing N N 313 
PRO CG  HG2  sing N N 314 
PRO CG  HG3  sing N N 315 
PRO CD  HD2  sing N N 316 
PRO CD  HD3  sing N N 317 
PRO OXT HXT  sing N N 318 
SER N   CA   sing N N 319 
SER N   H    sing N N 320 
SER N   H2   sing N N 321 
SER CA  C    sing N N 322 
SER CA  CB   sing N N 323 
SER CA  HA   sing N N 324 
SER C   O    doub N N 325 
SER C   OXT  sing N N 326 
SER CB  OG   sing N N 327 
SER CB  HB2  sing N N 328 
SER CB  HB3  sing N N 329 
SER OG  HG   sing N N 330 
SER OXT HXT  sing N N 331 
THR N   CA   sing N N 332 
THR N   H    sing N N 333 
THR N   H2   sing N N 334 
THR CA  C    sing N N 335 
THR CA  CB   sing N N 336 
THR CA  HA   sing N N 337 
THR C   O    doub N N 338 
THR C   OXT  sing N N 339 
THR CB  OG1  sing N N 340 
THR CB  CG2  sing N N 341 
THR CB  HB   sing N N 342 
THR OG1 HG1  sing N N 343 
THR CG2 HG21 sing N N 344 
THR CG2 HG22 sing N N 345 
THR CG2 HG23 sing N N 346 
THR OXT HXT  sing N N 347 
TRP N   CA   sing N N 348 
TRP N   H    sing N N 349 
TRP N   H2   sing N N 350 
TRP CA  C    sing N N 351 
TRP CA  CB   sing N N 352 
TRP CA  HA   sing N N 353 
TRP C   O    doub N N 354 
TRP C   OXT  sing N N 355 
TRP CB  CG   sing N N 356 
TRP CB  HB2  sing N N 357 
TRP CB  HB3  sing N N 358 
TRP CG  CD1  doub Y N 359 
TRP CG  CD2  sing Y N 360 
TRP CD1 NE1  sing Y N 361 
TRP CD1 HD1  sing N N 362 
TRP CD2 CE2  doub Y N 363 
TRP CD2 CE3  sing Y N 364 
TRP NE1 CE2  sing Y N 365 
TRP NE1 HE1  sing N N 366 
TRP CE2 CZ2  sing Y N 367 
TRP CE3 CZ3  doub Y N 368 
TRP CE3 HE3  sing N N 369 
TRP CZ2 CH2  doub Y N 370 
TRP CZ2 HZ2  sing N N 371 
TRP CZ3 CH2  sing Y N 372 
TRP CZ3 HZ3  sing N N 373 
TRP CH2 HH2  sing N N 374 
TRP OXT HXT  sing N N 375 
TYR N   CA   sing N N 376 
TYR N   H    sing N N 377 
TYR N   H2   sing N N 378 
TYR CA  C    sing N N 379 
TYR CA  CB   sing N N 380 
TYR CA  HA   sing N N 381 
TYR C   O    doub N N 382 
TYR C   OXT  sing N N 383 
TYR CB  CG   sing N N 384 
TYR CB  HB2  sing N N 385 
TYR CB  HB3  sing N N 386 
TYR CG  CD1  doub Y N 387 
TYR CG  CD2  sing Y N 388 
TYR CD1 CE1  sing Y N 389 
TYR CD1 HD1  sing N N 390 
TYR CD2 CE2  doub Y N 391 
TYR CD2 HD2  sing N N 392 
TYR CE1 CZ   doub Y N 393 
TYR CE1 HE1  sing N N 394 
TYR CE2 CZ   sing Y N 395 
TYR CE2 HE2  sing N N 396 
TYR CZ  OH   sing N N 397 
TYR OH  HH   sing N N 398 
TYR OXT HXT  sing N N 399 
VAL N   CA   sing N N 400 
VAL N   H    sing N N 401 
VAL N   H2   sing N N 402 
VAL CA  C    sing N N 403 
VAL CA  CB   sing N N 404 
VAL CA  HA   sing N N 405 
VAL C   O    doub N N 406 
VAL C   OXT  sing N N 407 
VAL CB  CG1  sing N N 408 
VAL CB  CG2  sing N N 409 
VAL CB  HB   sing N N 410 
VAL CG1 HG11 sing N N 411 
VAL CG1 HG12 sing N N 412 
VAL CG1 HG13 sing N N 413 
VAL CG2 HG21 sing N N 414 
VAL CG2 HG22 sing N N 415 
VAL CG2 HG23 sing N N 416 
VAL OXT HXT  sing N N 417 
# 
loop_
_pdbx_audit_support.funding_organization 
_pdbx_audit_support.country 
_pdbx_audit_support.grant_number 
_pdbx_audit_support.ordinal 
'Swedish Research Council'                       Sweden           2018-06454              1 
'Medical Research Council (MRC, United Kingdom)' 'United Kingdom' 'CiC8 2019 MC_PC_19054' 2 
# 
_pdbx_entity_instance_feature.ordinal        1 
_pdbx_entity_instance_feature.comp_id        PIM 
_pdbx_entity_instance_feature.asym_id        ? 
_pdbx_entity_instance_feature.seq_num        ? 
_pdbx_entity_instance_feature.auth_comp_id   PIM 
_pdbx_entity_instance_feature.auth_asym_id   ? 
_pdbx_entity_instance_feature.auth_seq_num   ? 
_pdbx_entity_instance_feature.feature_type   'SUBJECT OF INVESTIGATION' 
_pdbx_entity_instance_feature.details        ? 
# 
_pdbx_initial_refinement_model.id               1 
_pdbx_initial_refinement_model.entity_id_list   ? 
_pdbx_initial_refinement_model.type             'experimental model' 
_pdbx_initial_refinement_model.source_name      PDB 
_pdbx_initial_refinement_model.accession_code   6ZPE 
_pdbx_initial_refinement_model.details          ? 
# 
_atom_sites.entry_id                    7ORR 
_atom_sites.Cartn_transf_matrix[1][1]   ? 
_atom_sites.Cartn_transf_matrix[1][2]   ? 
_atom_sites.Cartn_transf_matrix[1][3]   ? 
_atom_sites.Cartn_transf_matrix[2][1]   ? 
_atom_sites.Cartn_transf_matrix[2][2]   ? 
_atom_sites.Cartn_transf_matrix[2][3]   ? 
_atom_sites.Cartn_transf_matrix[3][1]   ? 
_atom_sites.Cartn_transf_matrix[3][2]   ? 
_atom_sites.Cartn_transf_matrix[3][3]   ? 
_atom_sites.Cartn_transf_vector[1]      ? 
_atom_sites.Cartn_transf_vector[2]      ? 
_atom_sites.Cartn_transf_vector[3]      ? 
_atom_sites.fract_transf_matrix[1][1]   -0.00189754 
_atom_sites.fract_transf_matrix[1][2]   -0.00238175 
_atom_sites.fract_transf_matrix[1][3]   -0.00893956 
_atom_sites.fract_transf_matrix[2][1]   -0.00222250 
_atom_sites.fract_transf_matrix[2][2]   0.00897578 
_atom_sites.fract_transf_matrix[2][3]   -0.00191964 
_atom_sites.fract_transf_matrix[3][1]   0.00898048 
_atom_sites.fract_transf_matrix[3][2]   0.00171808 
_atom_sites.fract_transf_matrix[3][3]   -0.00236397 
_atom_sites.fract_transf_vector[1]      0.061127 
_atom_sites.fract_transf_vector[2]      0.881003 
_atom_sites.fract_transf_vector[3]      0.184144 
_atom_sites.solution_primary            ? 
_atom_sites.solution_secondary          ? 
_atom_sites.solution_hydrogens          ? 
_atom_sites.special_details             ? 
# 
loop_
_atom_type.symbol 
C  
CL 
N  
O  
S  
ZN 
# 
loop_
_atom_site.group_PDB 
_atom_site.id 
_atom_site.type_symbol 
_atom_site.label_atom_id 
_atom_site.label_alt_id 
_atom_site.label_comp_id 
_atom_site.label_asym_id 
_atom_site.label_entity_id 
_atom_site.label_seq_id 
_atom_site.pdbx_PDB_ins_code 
_atom_site.Cartn_x 
_atom_site.Cartn_y 
_atom_site.Cartn_z 
_atom_site.occupancy 
_atom_site.B_iso_or_equiv 
_atom_site.pdbx_formal_charge 
_atom_site.auth_seq_id 
_atom_site.auth_comp_id 
_atom_site.auth_asym_id 
_atom_site.auth_atom_id 
_atom_site.pdbx_PDB_model_num 
ATOM   1    N  N   . THR A 1 1   ? 14.411  15.945  -1.564  1.00 72.71 ? 7   THR A N   1 
ATOM   2    C  CA  . THR A 1 1   ? 13.562  14.993  -2.334  1.00 74.33 ? 7   THR A CA  1 
ATOM   3    C  C   . THR A 1 1   ? 14.349  14.475  -3.540  1.00 67.04 ? 7   THR A C   1 
ATOM   4    O  O   . THR A 1 1   ? 14.781  15.303  -4.366  1.00 67.72 ? 7   THR A O   1 
ATOM   5    C  CB  . THR A 1 1   ? 12.271  15.660  -2.816  1.00 81.38 ? 7   THR A CB  1 
ATOM   6    O  OG1 . THR A 1 1   ? 12.653  16.643  -3.777  1.00 92.46 ? 7   THR A OG1 1 
ATOM   7    C  CG2 . THR A 1 1   ? 11.477  16.296  -1.697  1.00 83.83 ? 7   THR A CG2 1 
ATOM   8    N  N   . MET A 1 2   ? 14.504  13.158  -3.648  1.00 56.51 ? 8   MET A N   1 
ATOM   9    C  CA  . MET A 1 2   ? 15.438  12.526  -4.614  1.00 52.57 ? 8   MET A CA  1 
ATOM   10   C  C   . MET A 1 2   ? 14.692  11.944  -5.809  1.00 48.18 ? 8   MET A C   1 
ATOM   11   O  O   . MET A 1 2   ? 15.340  11.677  -6.838  1.00 49.48 ? 8   MET A O   1 
ATOM   12   C  CB  . MET A 1 2   ? 16.211  11.430  -3.899  1.00 54.51 ? 8   MET A CB  1 
ATOM   13   C  CG  . MET A 1 2   ? 16.893  11.997  -2.694  1.00 58.19 ? 8   MET A CG  1 
ATOM   14   S  SD  . MET A 1 2   ? 18.266  11.006  -2.221  1.00 55.50 ? 8   MET A SD  1 
ATOM   15   C  CE  . MET A 1 2   ? 19.295  11.075  -3.686  1.00 56.27 ? 8   MET A CE  1 
ATOM   16   N  N   . GLY A 1 3   ? 13.382  11.757  -5.667  1.00 40.35 ? 9   GLY A N   1 
ATOM   17   C  CA  . GLY A 1 3   ? 12.515  11.340  -6.772  1.00 37.93 ? 9   GLY A CA  1 
ATOM   18   C  C   . GLY A 1 3   ? 12.101  9.891   -6.645  1.00 33.97 ? 9   GLY A C   1 
ATOM   19   O  O   . GLY A 1 3   ? 12.895  9.048   -6.150  1.00 32.78 ? 9   GLY A O   1 
ATOM   20   N  N   . ASN A 1 4   ? 10.909  9.593   -7.146  1.00 32.80 ? 10  ASN A N   1 
ATOM   21   C  CA  . ASN A 1 4   ? 10.335  8.230   -7.129  1.00 32.20 ? 10  ASN A CA  1 
ATOM   22   C  C   . ASN A 1 4   ? 11.297  7.246   -7.801  1.00 31.91 ? 10  ASN A C   1 
ATOM   23   O  O   . ASN A 1 4   ? 11.542  6.179   -7.224  1.00 30.37 ? 10  ASN A O   1 
ATOM   24   C  CB  . ASN A 1 4   ? 8.984   8.201   -7.833  1.00 32.57 ? 10  ASN A CB  1 
ATOM   25   C  CG  . ASN A 1 4   ? 7.904   8.892   -7.035  1.00 35.01 ? 10  ASN A CG  1 
ATOM   26   O  OD1 . ASN A 1 4   ? 7.914   8.868   -5.802  1.00 33.62 ? 10  ASN A OD1 1 
ATOM   27   N  ND2 . ASN A 1 4   ? 6.957   9.485   -7.737  1.00 35.39 ? 10  ASN A ND2 1 
ATOM   28   N  N   . SER A 1 5   ? 11.798  7.564   -8.995  1.00 32.75 ? 11  SER A N   1 
ATOM   29   C  CA  . SER A 1 5   ? 12.639  6.616   -9.780  1.00 33.02 ? 11  SER A CA  1 
ATOM   30   C  C   . SER A 1 5   ? 13.881  6.237   -8.968  1.00 32.82 ? 11  SER A C   1 
ATOM   31   O  O   . SER A 1 5   ? 14.308  5.068   -9.013  1.00 32.20 ? 11  SER A O   1 
ATOM   32   C  CB  . SER A 1 5   ? 13.011  7.206   -11.121 1.00 34.25 ? 11  SER A CB  1 
ATOM   33   O  OG  . SER A 1 5   ? 11.920  7.100   -12.004 1.00 40.74 ? 11  SER A OG  1 
ATOM   34   N  N   . THR A 1 6   ? 14.490  7.217   -8.299  1.00 32.99 ? 12  THR A N   1 
ATOM   35   C  CA  . THR A 1 6   ? 15.734  7.031   -7.513  1.00 34.28 ? 12  THR A CA  1 
ATOM   36   C  C   . THR A 1 6   ? 15.447  6.131   -6.313  1.00 33.64 ? 12  THR A C   1 
ATOM   37   O  O   . THR A 1 6   ? 16.189  5.153   -6.103  1.00 32.26 ? 12  THR A O   1 
ATOM   38   C  CB  . THR A 1 6   ? 16.315  8.387   -7.105  1.00 37.01 ? 12  THR A CB  1 
ATOM   39   O  OG1 . THR A 1 6   ? 16.471  9.144   -8.302  1.00 38.28 ? 12  THR A OG1 1 
ATOM   40   C  CG2 . THR A 1 6   ? 17.640  8.277   -6.393  1.00 41.42 ? 12  THR A CG2 1 
ATOM   41   N  N   . VAL A 1 7   ? 14.404  6.435   -5.544  1.00 31.60 ? 13  VAL A N   1 
ATOM   42   C  CA  . VAL A 1 7   ? 14.020  5.616   -4.363  1.00 31.77 ? 13  VAL A CA  1 
ATOM   43   C  C   . VAL A 1 7   ? 13.701  4.186   -4.818  1.00 32.70 ? 13  VAL A C   1 
ATOM   44   O  O   . VAL A 1 7   ? 14.180  3.223   -4.168  1.00 31.49 ? 13  VAL A O   1 
ATOM   45   C  CB  . VAL A 1 7   ? 12.845  6.260   -3.604  1.00 33.63 ? 13  VAL A CB  1 
ATOM   46   C  CG1 . VAL A 1 7   ? 12.298  5.330   -2.527  1.00 34.50 ? 13  VAL A CG1 1 
ATOM   47   C  CG2 . VAL A 1 7   ? 13.260  7.590   -3.000  1.00 35.48 ? 13  VAL A CG2 1 
ATOM   48   N  N   . LEU A 1 8   ? 12.905  4.027   -5.877  1.00 30.77 ? 14  LEU A N   1 
ATOM   49   C  CA  . LEU A 1 8   ? 12.445  2.687   -6.309  1.00 30.33 ? 14  LEU A CA  1 
ATOM   50   C  C   . LEU A 1 8   ? 13.632  1.882   -6.837  1.00 32.33 ? 14  LEU A C   1 
ATOM   51   O  O   . LEU A 1 8   ? 13.696  0.690   -6.542  1.00 31.23 ? 14  LEU A O   1 
ATOM   52   C  CB  . LEU A 1 8   ? 11.332  2.838   -7.340  1.00 29.38 ? 14  LEU A CB  1 
ATOM   53   C  CG  . LEU A 1 8   ? 10.003  3.294   -6.740  1.00 30.42 ? 14  LEU A CG  1 
ATOM   54   C  CD1 . LEU A 1 8   ? 9.013   3.647   -7.838  1.00 32.56 ? 14  LEU A CD1 1 
ATOM   55   C  CD2 . LEU A 1 8   ? 9.433   2.226   -5.817  1.00 31.58 ? 14  LEU A CD2 1 
ATOM   56   N  N   . SER A 1 9   ? 14.538  2.507   -7.584  1.00 32.24 ? 15  SER A N   1 
ATOM   57   C  CA  . SER A 1 9   ? 15.743  1.822   -8.106  1.00 32.30 ? 15  SER A CA  1 
ATOM   58   C  C   . SER A 1 9   ? 16.593  1.355   -6.920  1.00 33.65 ? 15  SER A C   1 
ATOM   59   O  O   . SER A 1 9   ? 17.012  0.176   -6.896  1.00 32.22 ? 15  SER A O   1 
ATOM   60   C  CB  . SER A 1 9   ? 16.525  2.707   -9.034  1.00 35.40 ? 15  SER A CB  1 
ATOM   61   O  OG  . SER A 1 9   ? 17.626  1.979   -9.565  1.00 38.08 ? 15  SER A OG  1 
ATOM   62   N  N   . PHE A 1 10  ? 16.818  2.240   -5.951  1.00 33.20 ? 16  PHE A N   1 
ATOM   63   C  CA  . PHE A 1 10  ? 17.616  1.944   -4.737  1.00 34.67 ? 16  PHE A CA  1 
ATOM   64   C  C   . PHE A 1 10  ? 17.026  0.720   -4.022  1.00 36.47 ? 16  PHE A C   1 
ATOM   65   O  O   . PHE A 1 10  ? 17.777  -0.194  -3.659  1.00 35.97 ? 16  PHE A O   1 
ATOM   66   C  CB  . PHE A 1 10  ? 17.703  3.191   -3.852  1.00 35.38 ? 16  PHE A CB  1 
ATOM   67   C  CG  . PHE A 1 10  ? 18.417  2.961   -2.543  1.00 38.41 ? 16  PHE A CG  1 
ATOM   68   C  CD1 . PHE A 1 10  ? 19.801  3.027   -2.479  1.00 39.86 ? 16  PHE A CD1 1 
ATOM   69   C  CD2 . PHE A 1 10  ? 17.709  2.637   -1.398  1.00 40.74 ? 16  PHE A CD2 1 
ATOM   70   C  CE1 . PHE A 1 10  ? 20.458  2.797   -1.278  1.00 43.16 ? 16  PHE A CE1 1 
ATOM   71   C  CE2 . PHE A 1 10  ? 18.369  2.411   -0.200  1.00 42.75 ? 16  PHE A CE2 1 
ATOM   72   C  CZ  . PHE A 1 10  ? 19.740  2.493   -0.144  1.00 41.64 ? 16  PHE A CZ  1 
ATOM   73   N  N   . CYS A 1 11  ? 15.708  0.684   -3.821  1.00 33.45 ? 17  CYS A N   1 
ATOM   74   C  CA  . CYS A 1 11  ? 15.012  -0.432  -3.129  1.00 33.07 ? 17  CYS A CA  1 
ATOM   75   C  C   . CYS A 1 11  ? 15.019  -1.692  -4.006  1.00 33.34 ? 17  CYS A C   1 
ATOM   76   O  O   . CYS A 1 11  ? 15.242  -2.766  -3.457  1.00 34.40 ? 17  CYS A O   1 
ATOM   77   C  CB  . CYS A 1 11  ? 13.590  -0.047  -2.745  1.00 34.99 ? 17  CYS A CB  1 
ATOM   78   S  SG  . CYS A 1 11  ? 13.568  1.295   -1.530  1.00 36.70 ? 17  CYS A SG  1 
ATOM   79   N  N   . ALA A 1 12  ? 14.790  -1.563  -5.315  1.00 30.57 ? 18  ALA A N   1 
ATOM   80   C  CA  . ALA A 1 12  ? 14.577  -2.706  -6.231  1.00 31.44 ? 18  ALA A CA  1 
ATOM   81   C  C   . ALA A 1 12  ? 15.787  -3.644  -6.201  1.00 31.99 ? 18  ALA A C   1 
ATOM   82   O  O   . ALA A 1 12  ? 15.580  -4.857  -6.312  1.00 32.19 ? 18  ALA A O   1 
ATOM   83   C  CB  . ALA A 1 12  ? 14.317  -2.233  -7.642  1.00 30.76 ? 18  ALA A CB  1 
ATOM   84   N  N   . PHE A 1 13  ? 17.002  -3.103  -6.122  1.00 30.73 ? 19  PHE A N   1 
ATOM   85   C  CA  . PHE A 1 13  ? 18.253  -3.903  -6.244  1.00 31.83 ? 19  PHE A CA  1 
ATOM   86   C  C   . PHE A 1 13  ? 18.798  -4.273  -4.866  1.00 33.13 ? 19  PHE A C   1 
ATOM   87   O  O   . PHE A 1 13  ? 19.772  -5.042  -4.811  1.00 35.17 ? 19  PHE A O   1 
ATOM   88   C  CB  . PHE A 1 13  ? 19.268  -3.167  -7.120  1.00 31.54 ? 19  PHE A CB  1 
ATOM   89   C  CG  . PHE A 1 13  ? 18.814  -3.035  -8.548  1.00 31.29 ? 19  PHE A CG  1 
ATOM   90   C  CD1 . PHE A 1 13  ? 18.845  -4.124  -9.404  1.00 31.86 ? 19  PHE A CD1 1 
ATOM   91   C  CD2 . PHE A 1 13  ? 18.285  -1.847  -9.014  1.00 31.46 ? 19  PHE A CD2 1 
ATOM   92   C  CE1 . PHE A 1 13  ? 18.412  -4.008  -10.711 1.00 31.99 ? 19  PHE A CE1 1 
ATOM   93   C  CE2 . PHE A 1 13  ? 17.840  -1.732  -10.318 1.00 31.36 ? 19  PHE A CE2 1 
ATOM   94   C  CZ  . PHE A 1 13  ? 17.908  -2.810  -11.166 1.00 31.71 ? 19  PHE A CZ  1 
ATOM   95   N  N   . ALA A 1 14  ? 18.172  -3.806  -3.781  1.00 33.44 ? 20  ALA A N   1 
ATOM   96   C  CA  . ALA A 1 14  ? 18.524  -4.237  -2.407  1.00 35.15 ? 20  ALA A CA  1 
ATOM   97   C  C   . ALA A 1 14  ? 18.174  -5.717  -2.274  1.00 34.80 ? 20  ALA A C   1 
ATOM   98   O  O   . ALA A 1 14  ? 17.239  -6.183  -2.947  1.00 34.80 ? 20  ALA A O   1 
ATOM   99   C  CB  . ALA A 1 14  ? 17.819  -3.412  -1.359  1.00 34.25 ? 20  ALA A CB  1 
ATOM   100  N  N   . VAL A 1 15  ? 18.907  -6.460  -1.454  1.00 35.33 ? 21  VAL A N   1 
ATOM   101  C  CA  . VAL A 1 15  ? 18.563  -7.899  -1.279  1.00 37.56 ? 21  VAL A CA  1 
ATOM   102  C  C   . VAL A 1 15  ? 17.193  -7.981  -0.592  1.00 38.54 ? 21  VAL A C   1 
ATOM   103  O  O   . VAL A 1 15  ? 16.471  -8.930  -0.894  1.00 38.82 ? 21  VAL A O   1 
ATOM   104  C  CB  . VAL A 1 15  ? 19.662  -8.688  -0.546  1.00 42.29 ? 21  VAL A CB  1 
ATOM   105  C  CG1 . VAL A 1 15  ? 20.934  -8.739  -1.384  1.00 41.36 ? 21  VAL A CG1 1 
ATOM   106  C  CG2 . VAL A 1 15  ? 19.945  -8.146  0.841   1.00 45.91 ? 21  VAL A CG2 1 
ATOM   107  N  N   . ASP A 1 16  ? 16.850  -6.999  0.257   1.00 36.69 ? 22  ASP A N   1 
ATOM   108  C  CA  . ASP A 1 16  ? 15.530  -6.878  0.937   1.00 37.59 ? 22  ASP A CA  1 
ATOM   109  C  C   . ASP A 1 16  ? 14.914  -5.519  0.582   1.00 31.62 ? 22  ASP A C   1 
ATOM   110  O  O   . ASP A 1 16  ? 15.231  -4.521  1.255   1.00 32.11 ? 22  ASP A O   1 
ATOM   111  C  CB  . ASP A 1 16  ? 15.697  -7.079  2.442   1.00 38.64 ? 22  ASP A CB  1 
ATOM   112  C  CG  . ASP A 1 16  ? 14.406  -7.243  3.222   1.00 45.24 ? 22  ASP A CG  1 
ATOM   113  O  OD1 . ASP A 1 16  ? 13.352  -6.772  2.743   1.00 43.00 ? 22  ASP A OD1 1 
ATOM   114  O  OD2 . ASP A 1 16  ? 14.479  -7.840  4.325   1.00 50.62 ? 22  ASP A OD2 1 
ATOM   115  N  N   . ALA A 1 17  ? 14.077  -5.481  -0.446  1.00 33.67 ? 23  ALA A N   1 
ATOM   116  C  CA  . ALA A 1 17  ? 13.501  -4.226  -0.978  1.00 34.59 ? 23  ALA A CA  1 
ATOM   117  C  C   . ALA A 1 17  ? 12.623  -3.583  0.100   1.00 34.34 ? 23  ALA A C   1 
ATOM   118  O  O   . ALA A 1 17  ? 12.703  -2.362  0.270   1.00 34.18 ? 23  ALA A O   1 
ATOM   119  C  CB  . ALA A 1 17  ? 12.745  -4.500  -2.246  1.00 36.78 ? 23  ALA A CB  1 
ATOM   120  N  N   . ALA A 1 18  ? 11.848  -4.378  0.836   1.00 34.76 ? 24  ALA A N   1 
ATOM   121  C  CA  . ALA A 1 18  ? 10.932  -3.874  1.889   1.00 35.59 ? 24  ALA A CA  1 
ATOM   122  C  C   . ALA A 1 18  ? 11.746  -3.197  2.995   1.00 35.83 ? 24  ALA A C   1 
ATOM   123  O  O   . ALA A 1 18  ? 11.389  -2.084  3.449   1.00 33.58 ? 24  ALA A O   1 
ATOM   124  C  CB  . ALA A 1 18  ? 10.097  -5.007  2.425   1.00 37.16 ? 24  ALA A CB  1 
ATOM   125  N  N   . LYS A 1 19  ? 12.827  -3.837  3.436   1.00 35.94 ? 25  LYS A N   1 
ATOM   126  C  CA  . LYS A 1 19  ? 13.662  -3.277  4.525   1.00 35.33 ? 25  LYS A CA  1 
ATOM   127  C  C   . LYS A 1 19  ? 14.290  -1.963  4.054   1.00 34.78 ? 25  LYS A C   1 
ATOM   128  O  O   . LYS A 1 19  ? 14.326  -0.997  4.841   1.00 35.08 ? 25  LYS A O   1 
ATOM   129  C  CB  . LYS A 1 19  ? 14.752  -4.258  4.953   1.00 39.98 ? 25  LYS A CB  1 
ATOM   130  C  CG  . LYS A 1 19  ? 15.595  -3.766  6.119   1.00 43.59 ? 25  LYS A CG  1 
ATOM   131  C  CD  . LYS A 1 19  ? 16.690  -4.741  6.514   1.00 49.79 ? 25  LYS A CD  1 
ATOM   132  C  CE  . LYS A 1 19  ? 17.306  -4.396  7.850   1.00 52.21 ? 25  LYS A CE  1 
ATOM   133  N  NZ  . LYS A 1 19  ? 17.822  -3.010  7.869   1.00 52.06 ? 25  LYS A NZ  1 
ATOM   134  N  N   . ALA A 1 20  ? 14.743  -1.919  2.801   1.00 34.33 ? 26  ALA A N   1 
ATOM   135  C  CA  . ALA A 1 20  ? 15.343  -0.718  2.185   1.00 31.70 ? 26  ALA A CA  1 
ATOM   136  C  C   . ALA A 1 20  ? 14.348  0.449   2.237   1.00 30.23 ? 26  ALA A C   1 
ATOM   137  O  O   . ALA A 1 20  ? 14.736  1.553   2.647   1.00 32.47 ? 26  ALA A O   1 
ATOM   138  C  CB  . ALA A 1 20  ? 15.778  -1.032  0.777   1.00 32.34 ? 26  ALA A CB  1 
ATOM   139  N  N   . TYR A 1 21  ? 13.094  0.230   1.849   1.00 32.73 ? 27  TYR A N   1 
ATOM   140  C  CA  . TYR A 1 21  ? 12.086  1.318   1.844   1.00 31.67 ? 27  TYR A CA  1 
ATOM   141  C  C   . TYR A 1 21  ? 11.757  1.733   3.284   1.00 33.39 ? 27  TYR A C   1 
ATOM   142  O  O   . TYR A 1 21  ? 11.714  2.936   3.574   1.00 33.24 ? 27  TYR A O   1 
ATOM   143  C  CB  . TYR A 1 21  ? 10.825  0.939   1.073   1.00 30.90 ? 27  TYR A CB  1 
ATOM   144  C  CG  . TYR A 1 21  ? 9.871   2.098   0.926   1.00 30.29 ? 27  TYR A CG  1 
ATOM   145  C  CD1 . TYR A 1 21  ? 10.297  3.318   0.427   1.00 31.10 ? 27  TYR A CD1 1 
ATOM   146  C  CD2 . TYR A 1 21  ? 8.538   1.979   1.275   1.00 32.03 ? 27  TYR A CD2 1 
ATOM   147  C  CE1 . TYR A 1 21  ? 9.434   4.396   0.299   1.00 32.06 ? 27  TYR A CE1 1 
ATOM   148  C  CE2 . TYR A 1 21  ? 7.666   3.049   1.158   1.00 32.59 ? 27  TYR A CE2 1 
ATOM   149  C  CZ  . TYR A 1 21  ? 8.106   4.260   0.660   1.00 33.32 ? 27  TYR A CZ  1 
ATOM   150  O  OH  . TYR A 1 21  ? 7.230   5.307   0.520   1.00 32.03 ? 27  TYR A OH  1 
ATOM   151  N  N   . LYS A 1 22  ? 11.555  0.770   4.177   1.00 33.06 ? 28  LYS A N   1 
ATOM   152  C  CA  . LYS A 1 22  ? 11.238  1.075   5.598   1.00 37.27 ? 28  LYS A CA  1 
ATOM   153  C  C   . LYS A 1 22  ? 12.381  1.875   6.225   1.00 34.87 ? 28  LYS A C   1 
ATOM   154  O  O   . LYS A 1 22  ? 12.095  2.865   6.920   1.00 36.42 ? 28  LYS A O   1 
ATOM   155  C  CB  . LYS A 1 22  ? 10.975  -0.211  6.377   1.00 38.22 ? 28  LYS A CB  1 
ATOM   156  C  CG  . LYS A 1 22  ? 9.719   -0.959  5.963   1.00 40.83 ? 28  LYS A CG  1 
ATOM   157  C  CD  . LYS A 1 22  ? 9.642   -2.292  6.663   1.00 46.30 ? 28  LYS A CD  1 
ATOM   158  C  CE  . LYS A 1 22  ? 8.499   -3.161  6.200   1.00 48.80 ? 28  LYS A CE  1 
ATOM   159  N  NZ  . LYS A 1 22  ? 8.530   -4.466  6.900   1.00 54.87 ? 28  LYS A NZ  1 
ATOM   160  N  N   . ASP A 1 23  ? 13.632  1.487   5.970   1.00 35.76 ? 29  ASP A N   1 
ATOM   161  C  CA  . ASP A 1 23  ? 14.829  2.180   6.525   1.00 35.53 ? 29  ASP A CA  1 
ATOM   162  C  C   . ASP A 1 23  ? 14.897  3.599   5.958   1.00 34.03 ? 29  ASP A C   1 
ATOM   163  O  O   . ASP A 1 23  ? 15.230  4.535   6.706   1.00 34.25 ? 29  ASP A O   1 
ATOM   164  C  CB  . ASP A 1 23  ? 16.114  1.397   6.232   1.00 36.49 ? 29  ASP A CB  1 
ATOM   165  C  CG  . ASP A 1 23  ? 16.280  0.154   7.089   1.00 41.57 ? 29  ASP A CG  1 
ATOM   166  O  OD1 . ASP A 1 23  ? 15.563  0.050   8.101   1.00 40.69 ? 29  ASP A OD1 1 
ATOM   167  O  OD2 . ASP A 1 23  ? 17.112  -0.706  6.727   1.00 40.56 ? 29  ASP A OD2 1 
ATOM   168  N  N   . TYR A 1 24  ? 14.634  3.756   4.661   1.00 33.30 ? 30  TYR A N   1 
ATOM   169  C  CA  . TYR A 1 24  ? 14.542  5.078   4.002   1.00 33.36 ? 30  TYR A CA  1 
ATOM   170  C  C   . TYR A 1 24  ? 13.473  5.931   4.705   1.00 31.82 ? 30  TYR A C   1 
ATOM   171  O  O   . TYR A 1 24  ? 13.763  7.099   4.994   1.00 33.38 ? 30  TYR A O   1 
ATOM   172  C  CB  . TYR A 1 24  ? 14.269  4.898   2.509   1.00 33.27 ? 30  TYR A CB  1 
ATOM   173  C  CG  . TYR A 1 24  ? 13.809  6.138   1.792   1.00 31.10 ? 30  TYR A CG  1 
ATOM   174  C  CD1 . TYR A 1 24  ? 14.714  7.069   1.307   1.00 32.87 ? 30  TYR A CD1 1 
ATOM   175  C  CD2 . TYR A 1 24  ? 12.463  6.346   1.541   1.00 31.33 ? 30  TYR A CD2 1 
ATOM   176  C  CE1 . TYR A 1 24  ? 14.289  8.176   0.591   1.00 34.15 ? 30  TYR A CE1 1 
ATOM   177  C  CE2 . TYR A 1 24  ? 12.023  7.462   0.851   1.00 30.54 ? 30  TYR A CE2 1 
ATOM   178  C  CZ  . TYR A 1 24  ? 12.939  8.376   0.369   1.00 33.53 ? 30  TYR A CZ  1 
ATOM   179  O  OH  . TYR A 1 24  ? 12.501  9.481   -0.306  1.00 36.13 ? 30  TYR A OH  1 
ATOM   180  N  N   . LEU A 1 25  ? 12.287  5.386   4.964   1.00 32.98 ? 31  LEU A N   1 
ATOM   181  C  CA  . LEU A 1 25  ? 11.186  6.156   5.607   1.00 34.66 ? 31  LEU A CA  1 
ATOM   182  C  C   . LEU A 1 25  ? 11.593  6.555   7.033   1.00 35.50 ? 31  LEU A C   1 
ATOM   183  O  O   . LEU A 1 25  ? 11.346  7.709   7.421   1.00 34.56 ? 31  LEU A O   1 
ATOM   184  C  CB  . LEU A 1 25  ? 9.919   5.314   5.641   1.00 34.83 ? 31  LEU A CB  1 
ATOM   185  C  CG  . LEU A 1 25  ? 9.215   5.116   4.302   1.00 34.64 ? 31  LEU A CG  1 
ATOM   186  C  CD1 . LEU A 1 25  ? 8.092   4.118   4.479   1.00 35.59 ? 31  LEU A CD1 1 
ATOM   187  C  CD2 . LEU A 1 25  ? 8.696   6.431   3.724   1.00 34.95 ? 31  LEU A CD2 1 
ATOM   188  N  N   . ALA A 1 26  ? 12.203  5.634   7.778   1.00 35.90 ? 32  ALA A N   1 
ATOM   189  C  CA  . ALA A 1 26  ? 12.618  5.862   9.184   1.00 36.59 ? 32  ALA A CA  1 
ATOM   190  C  C   . ALA A 1 26  ? 13.673  6.979   9.237   1.00 39.61 ? 32  ALA A C   1 
ATOM   191  O  O   . ALA A 1 26  ? 13.703  7.717   10.236  1.00 38.62 ? 32  ALA A O   1 
ATOM   192  C  CB  . ALA A 1 26  ? 13.102  4.563   9.789   1.00 38.21 ? 32  ALA A CB  1 
ATOM   193  N  N   . SER A 1 27  ? 14.468  7.159   8.178   1.00 36.94 ? 33  SER A N   1 
ATOM   194  C  CA  . SER A 1 27  ? 15.533  8.196   8.073   1.00 36.31 ? 33  SER A CA  1 
ATOM   195  C  C   . SER A 1 27  ? 14.950  9.582   7.753   1.00 35.39 ? 33  SER A C   1 
ATOM   196  O  O   . SER A 1 27  ? 15.732  10.546  7.718   1.00 36.69 ? 33  SER A O   1 
ATOM   197  C  CB  . SER A 1 27  ? 16.566  7.785   7.049   1.00 38.27 ? 33  SER A CB  1 
ATOM   198  O  OG  . SER A 1 27  ? 16.156  8.104   5.722   1.00 35.56 ? 33  SER A OG  1 
ATOM   199  N  N   . GLY A 1 28  ? 13.639  9.677   7.506   1.00 35.61 ? 34  GLY A N   1 
ATOM   200  C  CA  . GLY A 1 28  ? 12.941  10.927  7.141   1.00 35.48 ? 34  GLY A CA  1 
ATOM   201  C  C   . GLY A 1 28  ? 12.731  11.063  5.644   1.00 38.51 ? 34  GLY A C   1 
ATOM   202  O  O   . GLY A 1 28  ? 12.448  12.177  5.185   1.00 36.16 ? 34  GLY A O   1 
ATOM   203  N  N   . GLY A 1 29  ? 12.892  9.980   4.881   1.00 35.85 ? 35  GLY A N   1 
ATOM   204  C  CA  . GLY A 1 29  ? 12.772  10.040  3.417   1.00 37.41 ? 35  GLY A CA  1 
ATOM   205  C  C   . GLY A 1 29  ? 11.354  10.365  2.989   1.00 35.69 ? 35  GLY A C   1 
ATOM   206  O  O   . GLY A 1 29  ? 10.403  9.860   3.632   1.00 34.98 ? 35  GLY A O   1 
ATOM   207  N  N   . GLN A 1 30  ? 11.213  11.184  1.946   1.00 34.90 ? 36  GLN A N   1 
ATOM   208  C  CA  . GLN A 1 30  ? 9.896   11.541  1.364   1.00 36.54 ? 36  GLN A CA  1 
ATOM   209  C  C   . GLN A 1 30  ? 9.280   10.285  0.769   1.00 34.24 ? 36  GLN A C   1 
ATOM   210  O  O   . GLN A 1 30  ? 9.912   9.604   -0.042  1.00 35.78 ? 36  GLN A O   1 
ATOM   211  C  CB  . GLN A 1 30  ? 10.024  12.647  0.314   1.00 42.91 ? 36  GLN A CB  1 
ATOM   212  C  CG  . GLN A 1 30  ? 10.129  14.031  0.935   1.00 51.97 ? 36  GLN A CG  1 
ATOM   213  C  CD  . GLN A 1 30  ? 8.814   14.510  1.503   1.00 57.77 ? 36  GLN A CD  1 
ATOM   214  O  OE1 . GLN A 1 30  ? 7.748   14.289  0.927   1.00 61.10 ? 36  GLN A OE1 1 
ATOM   215  N  NE2 . GLN A 1 30  ? 8.881   15.176  2.643   1.00 63.24 ? 36  GLN A NE2 1 
ATOM   216  N  N   . PRO A 1 31  ? 8.030   9.947   1.150   1.00 34.06 ? 37  PRO A N   1 
ATOM   217  C  CA  . PRO A 1 31  ? 7.347   8.789   0.587   1.00 33.36 ? 37  PRO A CA  1 
ATOM   218  C  C   . PRO A 1 31  ? 7.226   8.816   -0.940  1.00 32.91 ? 37  PRO A C   1 
ATOM   219  O  O   . PRO A 1 31  ? 7.215   9.895   -1.561  1.00 33.96 ? 37  PRO A O   1 
ATOM   220  C  CB  . PRO A 1 31  ? 5.959   8.817   1.242   1.00 35.27 ? 37  PRO A CB  1 
ATOM   221  C  CG  . PRO A 1 31  ? 6.208   9.534   2.562   1.00 36.39 ? 37  PRO A CG  1 
ATOM   222  C  CD  . PRO A 1 31  ? 7.233   10.592  2.210   1.00 37.64 ? 37  PRO A CD  1 
ATOM   223  N  N   . ILE A 1 32  ? 7.166   7.610   -1.494  1.00 31.95 ? 38  ILE A N   1 
ATOM   224  C  CA  . ILE A 1 32  ? 6.868   7.368   -2.929  1.00 32.39 ? 38  ILE A CA  1 
ATOM   225  C  C   . ILE A 1 32  ? 5.520   8.025   -3.226  1.00 32.17 ? 38  ILE A C   1 
ATOM   226  O  O   . ILE A 1 32  ? 4.582   7.885   -2.402  1.00 30.30 ? 38  ILE A O   1 
ATOM   227  C  CB  . ILE A 1 32  ? 6.868   5.864   -3.249  1.00 33.58 ? 38  ILE A CB  1 
ATOM   228  C  CG1 . ILE A 1 32  ? 8.269   5.269   -3.076  1.00 36.51 ? 38  ILE A CG1 1 
ATOM   229  C  CG2 . ILE A 1 32  ? 6.328   5.611   -4.651  1.00 34.27 ? 38  ILE A CG2 1 
ATOM   230  C  CD1 . ILE A 1 32  ? 8.262   3.786   -2.829  1.00 38.95 ? 38  ILE A CD1 1 
ATOM   231  N  N   . THR A 1 33  ? 5.458   8.770   -4.324  1.00 33.72 ? 39  THR A N   1 
ATOM   232  C  CA  . THR A 1 33  ? 4.238   9.469   -4.789  1.00 32.14 ? 39  THR A CA  1 
ATOM   233  C  C   . THR A 1 33  ? 3.738   8.829   -6.081  1.00 34.69 ? 39  THR A C   1 
ATOM   234  O  O   . THR A 1 33  ? 4.217   7.725   -6.457  1.00 32.84 ? 39  THR A O   1 
ATOM   235  C  CB  . THR A 1 33  ? 4.500   10.975  -4.928  1.00 33.40 ? 39  THR A CB  1 
ATOM   236  O  OG1 . THR A 1 33  ? 5.504   11.220  -5.914  1.00 32.89 ? 39  THR A OG1 1 
ATOM   237  C  CG2 . THR A 1 33  ? 4.918   11.612  -3.617  1.00 34.60 ? 39  THR A CG2 1 
ATOM   238  N  N   . ASN A 1 34  ? 2.768   9.488   -6.725  1.00 34.26 ? 40  ASN A N   1 
ATOM   239  C  CA  . ASN A 1 34  ? 2.230   9.076   -8.043  1.00 37.10 ? 40  ASN A CA  1 
ATOM   240  C  C   . ASN A 1 34  ? 1.515   7.736   -7.898  1.00 37.25 ? 40  ASN A C   1 
ATOM   241  O  O   . ASN A 1 34  ? 1.393   7.023   -8.902  1.00 38.07 ? 40  ASN A O   1 
ATOM   242  C  CB  . ASN A 1 34  ? 3.317   9.065   -9.116  1.00 39.24 ? 40  ASN A CB  1 
ATOM   243  C  CG  . ASN A 1 34  ? 3.917   10.443  -9.306  1.00 47.05 ? 40  ASN A CG  1 
ATOM   244  O  OD1 . ASN A 1 34  ? 3.329   11.448  -8.910  1.00 57.17 ? 40  ASN A OD1 1 
ATOM   245  N  ND2 . ASN A 1 34  ? 5.085   10.512  -9.913  1.00 52.69 ? 40  ASN A ND2 1 
ATOM   246  N  N   . CYS A 1 35  ? 0.996   7.429   -6.708  1.00 35.89 ? 41  CYS A N   1 
ATOM   247  C  CA  . CYS A 1 35  ? -0.005  6.350   -6.530  1.00 35.53 ? 41  CYS A CA  1 
ATOM   248  C  C   . CYS A 1 35  ? -1.324  6.829   -7.149  1.00 38.17 ? 41  CYS A C   1 
ATOM   249  O  O   . CYS A 1 35  ? -1.537  8.062   -7.212  1.00 39.10 ? 41  CYS A O   1 
ATOM   250  C  CB  . CYS A 1 35  ? -0.205  5.984   -5.068  1.00 38.33 ? 41  CYS A CB  1 
ATOM   251  S  SG  . CYS A 1 35  ? 1.338   5.514   -4.235  1.00 38.94 ? 41  CYS A SG  1 
ATOM   252  N  N   . VAL A 1 36  ? -2.152  5.907   -7.631  1.00 36.00 ? 42  VAL A N   1 
ATOM   253  C  CA  . VAL A 1 36  ? -3.402  6.256   -8.364  1.00 36.22 ? 42  VAL A CA  1 
ATOM   254  C  C   . VAL A 1 36  ? -4.538  6.404   -7.344  1.00 34.58 ? 42  VAL A C   1 
ATOM   255  O  O   . VAL A 1 36  ? -5.048  5.391   -6.862  1.00 34.64 ? 42  VAL A O   1 
ATOM   256  C  CB  . VAL A 1 36  ? -3.717  5.236   -9.470  1.00 40.74 ? 42  VAL A CB  1 
ATOM   257  C  CG1 . VAL A 1 36  ? -4.974  5.626   -10.235 1.00 41.72 ? 42  VAL A CG1 1 
ATOM   258  C  CG2 . VAL A 1 36  ? -2.543  5.072   -10.426 1.00 40.58 ? 42  VAL A CG2 1 
ATOM   259  N  N   . LYS A 1 37  ? -4.924  7.638   -7.031  1.00 34.00 ? 43  LYS A N   1 
ATOM   260  C  CA  . LYS A 1 37  ? -6.004  7.915   -6.058  1.00 37.42 ? 43  LYS A CA  1 
ATOM   261  C  C   . LYS A 1 37  ? -7.333  7.803   -6.804  1.00 38.27 ? 43  LYS A C   1 
ATOM   262  O  O   . LYS A 1 37  ? -7.419  8.316   -7.930  1.00 39.94 ? 43  LYS A O   1 
ATOM   263  C  CB  . LYS A 1 37  ? -5.863  9.298   -5.428  1.00 41.28 ? 43  LYS A CB  1 
ATOM   264  C  CG  . LYS A 1 37  ? -6.702  9.507   -4.180  1.00 45.68 ? 43  LYS A CG  1 
ATOM   265  C  CD  . LYS A 1 37  ? -6.420  10.827  -3.500  1.00 51.16 ? 43  LYS A CD  1 
ATOM   266  C  CE  . LYS A 1 37  ? -7.112  10.955  -2.159  1.00 53.50 ? 43  LYS A CE  1 
ATOM   267  N  NZ  . LYS A 1 37  ? -8.581  10.847  -2.295  1.00 55.80 ? 43  LYS A NZ  1 
ATOM   268  N  N   . MET A 1 38  ? -8.328  7.175   -6.189  1.00 36.67 ? 44  MET A N   1 
ATOM   269  C  CA  . MET A 1 38  ? -9.647  6.924   -6.826  1.00 39.27 ? 44  MET A CA  1 
ATOM   270  C  C   . MET A 1 38  ? -10.666 7.959   -6.350  1.00 40.04 ? 44  MET A C   1 
ATOM   271  O  O   . MET A 1 38  ? -10.692 8.297   -5.148  1.00 40.60 ? 44  MET A O   1 
ATOM   272  C  CB  . MET A 1 38  ? -10.134 5.517   -6.490  1.00 39.44 ? 44  MET A CB  1 
ATOM   273  C  CG  . MET A 1 38  ? -9.091  4.464   -6.837  1.00 43.71 ? 44  MET A CG  1 
ATOM   274  S  SD  . MET A 1 38  ? -8.445  4.637   -8.531  1.00 51.19 ? 44  MET A SD  1 
ATOM   275  C  CE  . MET A 1 38  ? -9.941  4.143   -9.363  1.00 41.01 ? 44  MET A CE  1 
ATOM   276  N  N   . LEU A 1 39  ? -11.507 8.420   -7.273  1.00 39.18 ? 45  LEU A N   1 
ATOM   277  C  CA  . LEU A 1 39  ? -12.715 9.209   -6.942  1.00 38.98 ? 45  LEU A CA  1 
ATOM   278  C  C   . LEU A 1 39  ? -13.755 8.252   -6.353  1.00 38.65 ? 45  LEU A C   1 
ATOM   279  O  O   . LEU A 1 39  ? -14.099 7.279   -7.036  1.00 40.26 ? 45  LEU A O   1 
ATOM   280  C  CB  . LEU A 1 39  ? -13.211 9.883   -8.224  1.00 38.46 ? 45  LEU A CB  1 
ATOM   281  C  CG  . LEU A 1 39  ? -14.412 10.808  -8.059  1.00 38.41 ? 45  LEU A CG  1 
ATOM   282  C  CD1 . LEU A 1 39  ? -14.122 11.922  -7.062  1.00 40.85 ? 45  LEU A CD1 1 
ATOM   283  C  CD2 . LEU A 1 39  ? -14.822 11.378  -9.403  1.00 39.83 ? 45  LEU A CD2 1 
ATOM   284  N  N   . CYS A 1 40  ? -14.216 8.483   -5.121  1.00 41.51 ? 46  CYS A N   1 
ATOM   285  C  CA  . CYS A 1 40  ? -15.257 7.632   -4.485  1.00 45.62 ? 46  CYS A CA  1 
ATOM   286  C  C   . CYS A 1 40  ? -16.082 8.428   -3.470  1.00 44.31 ? 46  CYS A C   1 
ATOM   287  O  O   . CYS A 1 40  ? -15.707 9.564   -3.120  1.00 43.47 ? 46  CYS A O   1 
ATOM   288  C  CB  . CYS A 1 40  ? -14.629 6.395   -3.853  1.00 47.84 ? 46  CYS A CB  1 
ATOM   289  S  SG  . CYS A 1 40  ? -13.405 6.796   -2.585  1.00 53.20 ? 46  CYS A SG  1 
ATOM   290  N  N   . THR A 1 41  ? -17.200 7.848   -3.042  1.00 48.13 ? 47  THR A N   1 
ATOM   291  C  CA  . THR A 1 41  ? -18.222 8.511   -2.188  1.00 49.56 ? 47  THR A CA  1 
ATOM   292  C  C   . THR A 1 41  ? -17.832 8.416   -0.714  1.00 52.41 ? 47  THR A C   1 
ATOM   293  O  O   . THR A 1 41  ? -18.469 9.116   0.092   1.00 53.33 ? 47  THR A O   1 
ATOM   294  C  CB  . THR A 1 41  ? -19.600 7.880   -2.413  1.00 53.16 ? 47  THR A CB  1 
ATOM   295  O  OG1 . THR A 1 41  ? -19.461 6.479   -2.172  1.00 55.62 ? 47  THR A OG1 1 
ATOM   296  C  CG2 . THR A 1 41  ? -20.139 8.120   -3.806  1.00 51.53 ? 47  THR A CG2 1 
ATOM   297  N  N   . HIS A 1 42  ? -16.844 7.578   -0.375  1.00 46.90 ? 48  HIS A N   1 
ATOM   298  C  CA  . HIS A 1 42  ? -16.407 7.304   1.017   1.00 46.69 ? 48  HIS A CA  1 
ATOM   299  C  C   . HIS A 1 42  ? -17.584 6.744   1.834   1.00 47.60 ? 48  HIS A C   1 
ATOM   300  O  O   . HIS A 1 42  ? -17.667 7.055   3.031   1.00 49.98 ? 48  HIS A O   1 
ATOM   301  C  CB  . HIS A 1 42  ? -15.767 8.560   1.629   1.00 48.85 ? 48  HIS A CB  1 
ATOM   302  C  CG  . HIS A 1 42  ? -14.559 9.026   0.889   1.00 49.98 ? 48  HIS A CG  1 
ATOM   303  N  ND1 . HIS A 1 42  ? -13.282 8.644   1.245   1.00 49.11 ? 48  HIS A ND1 1 
ATOM   304  C  CD2 . HIS A 1 42  ? -14.422 9.833   -0.184  1.00 50.88 ? 48  HIS A CD2 1 
ATOM   305  C  CE1 . HIS A 1 42  ? -12.415 9.195   0.422   1.00 47.72 ? 48  HIS A CE1 1 
ATOM   306  N  NE2 . HIS A 1 42  ? -13.085 9.926   -0.465  1.00 53.04 ? 48  HIS A NE2 1 
ATOM   307  N  N   . THR A 1 43  ? -18.437 5.931   1.203   1.00 49.77 ? 49  THR A N   1 
ATOM   308  C  CA  . THR A 1 43  ? -19.613 5.254   1.813   1.00 51.97 ? 49  THR A CA  1 
ATOM   309  C  C   . THR A 1 43  ? -19.444 3.741   1.705   1.00 50.50 ? 49  THR A C   1 
ATOM   310  O  O   . THR A 1 43  ? -20.458 3.035   1.809   1.00 51.67 ? 49  THR A O   1 
ATOM   311  C  CB  . THR A 1 43  ? -20.935 5.632   1.122   1.00 54.64 ? 49  THR A CB  1 
ATOM   312  O  OG1 . THR A 1 43  ? -21.053 4.919   -0.112  1.00 59.37 ? 49  THR A OG1 1 
ATOM   313  C  CG2 . THR A 1 43  ? -21.065 7.108   0.847   1.00 55.76 ? 49  THR A CG2 1 
ATOM   314  N  N   . GLY A 1 44  ? -18.222 3.263   1.456   1.00 45.76 ? 50  GLY A N   1 
ATOM   315  C  CA  . GLY A 1 44  ? -17.977 1.840   1.168   1.00 43.39 ? 50  GLY A CA  1 
ATOM   316  C  C   . GLY A 1 44  ? -17.846 1.020   2.436   1.00 43.94 ? 50  GLY A C   1 
ATOM   317  O  O   . GLY A 1 44  ? -17.972 1.592   3.540   1.00 45.52 ? 50  GLY A O   1 
ATOM   318  N  N   . THR A 1 45  ? -17.537 -0.268  2.280   1.00 45.51 ? 51  THR A N   1 
ATOM   319  C  CA  . THR A 1 45  ? -17.434 -1.268  3.374   1.00 46.23 ? 51  THR A CA  1 
ATOM   320  C  C   . THR A 1 45  ? -16.246 -0.957  4.293   1.00 47.28 ? 51  THR A C   1 
ATOM   321  O  O   . THR A 1 45  ? -16.298 -1.365  5.465   1.00 46.20 ? 51  THR A O   1 
ATOM   322  C  CB  . THR A 1 45  ? -17.314 -2.690  2.819   1.00 49.84 ? 51  THR A CB  1 
ATOM   323  O  OG1 . THR A 1 45  ? -16.106 -2.793  2.062   1.00 48.61 ? 51  THR A OG1 1 
ATOM   324  C  CG2 . THR A 1 45  ? -18.495 -3.084  1.961   1.00 49.55 ? 51  THR A CG2 1 
ATOM   325  N  N   . GLY A 1 46  ? -15.207 -0.281  3.789   1.00 43.38 ? 52  GLY A N   1 
ATOM   326  C  CA  . GLY A 1 46  ? -13.972 -0.023  4.550   1.00 42.21 ? 52  GLY A CA  1 
ATOM   327  C  C   . GLY A 1 46  ? -13.053 -1.235  4.599   1.00 40.00 ? 52  GLY A C   1 
ATOM   328  O  O   . GLY A 1 46  ? -12.036 -1.164  5.302   1.00 39.26 ? 52  GLY A O   1 
ATOM   329  N  N   . GLN A 1 47  ? -13.373 -2.308  3.871   1.00 40.56 ? 53  GLN A N   1 
ATOM   330  C  CA  A GLN A 1 47  ? -12.464 -3.482  3.758   0.52 43.02 ? 53  GLN A CA  1 
ATOM   331  C  CA  B GLN A 1 47  ? -12.494 -3.496  3.676   0.48 42.52 ? 53  GLN A CA  1 
ATOM   332  C  C   . GLN A 1 47  ? -11.153 -3.032  3.093   1.00 41.69 ? 53  GLN A C   1 
ATOM   333  O  O   . GLN A 1 47  ? -11.174 -2.072  2.296   1.00 39.34 ? 53  GLN A O   1 
ATOM   334  C  CB  A GLN A 1 47  ? -13.144 -4.631  3.013   0.52 45.35 ? 53  GLN A CB  1 
ATOM   335  C  CB  B GLN A 1 47  ? -13.170 -4.486  2.725   0.48 43.76 ? 53  GLN A CB  1 
ATOM   336  C  CG  A GLN A 1 47  ? -14.213 -5.322  3.852   0.52 47.17 ? 53  GLN A CG  1 
ATOM   337  C  CG  B GLN A 1 47  ? -14.412 -5.144  3.307   0.48 46.27 ? 53  GLN A CG  1 
ATOM   338  C  CD  A GLN A 1 47  ? -14.697 -6.613  3.245   0.52 47.96 ? 53  GLN A CD  1 
ATOM   339  C  CD  B GLN A 1 47  ? -14.042 -6.183  4.331   0.48 45.67 ? 53  GLN A CD  1 
ATOM   340  O  OE1 A GLN A 1 47  ? -14.892 -7.607  3.938   0.52 55.15 ? 53  GLN A OE1 1 
ATOM   341  O  OE1 B GLN A 1 47  ? -13.526 -7.245  3.997   0.48 48.76 ? 53  GLN A OE1 1 
ATOM   342  N  NE2 A GLN A 1 47  ? -14.902 -6.609  1.938   0.52 50.93 ? 53  GLN A NE2 1 
ATOM   343  N  NE2 B GLN A 1 47  ? -14.296 -5.872  5.591   0.48 45.28 ? 53  GLN A NE2 1 
ATOM   344  N  N   . ALA A 1 48  ? -10.050 -3.690  3.448   1.00 40.34 ? 54  ALA A N   1 
ATOM   345  C  CA  . ALA A 1 48  ? -8.679  -3.260  3.080   1.00 41.84 ? 54  ALA A CA  1 
ATOM   346  C  C   . ALA A 1 48  ? -8.450  -3.367  1.569   1.00 40.42 ? 54  ALA A C   1 
ATOM   347  O  O   . ALA A 1 48  ? -7.868  -2.428  1.015   1.00 38.35 ? 54  ALA A O   1 
ATOM   348  C  CB  . ALA A 1 48  ? -7.657  -4.072  3.831   1.00 43.46 ? 54  ALA A CB  1 
ATOM   349  N  N   . ILE A 1 49  ? -8.811  -4.490  0.945   1.00 39.33 ? 55  ILE A N   1 
ATOM   350  C  CA  . ILE A 1 49  ? -8.451  -4.789  -0.476  1.00 40.33 ? 55  ILE A CA  1 
ATOM   351  C  C   . ILE A 1 49  ? -9.686  -5.348  -1.175  1.00 42.80 ? 55  ILE A C   1 
ATOM   352  O  O   . ILE A 1 49  ? -10.165 -6.401  -0.746  1.00 43.73 ? 55  ILE A O   1 
ATOM   353  C  CB  . ILE A 1 49  ? -7.259  -5.766  -0.575  1.00 40.57 ? 55  ILE A CB  1 
ATOM   354  C  CG1 . ILE A 1 49  ? -6.010  -5.223  0.125   1.00 41.86 ? 55  ILE A CG1 1 
ATOM   355  C  CG2 . ILE A 1 49  ? -6.973  -6.115  -2.028  1.00 41.06 ? 55  ILE A CG2 1 
ATOM   356  C  CD1 . ILE A 1 49  ? -4.886  -6.231  0.239   1.00 42.92 ? 55  ILE A CD1 1 
ATOM   357  N  N   . THR A 1 50  ? -10.154 -4.690  -2.237  1.00 40.46 ? 56  THR A N   1 
ATOM   358  C  CA  . THR A 1 50  ? -11.517 -4.903  -2.785  1.00 41.04 ? 56  THR A CA  1 
ATOM   359  C  C   . THR A 1 50  ? -11.508 -4.861  -4.313  1.00 42.76 ? 56  THR A C   1 
ATOM   360  O  O   . THR A 1 50  ? -10.545 -4.337  -4.897  1.00 37.78 ? 56  THR A O   1 
ATOM   361  C  CB  . THR A 1 50  ? -12.482 -3.889  -2.167  1.00 42.01 ? 56  THR A CB  1 
ATOM   362  O  OG1 . THR A 1 50  ? -11.977 -2.568  -2.372  1.00 42.92 ? 56  THR A OG1 1 
ATOM   363  C  CG2 . THR A 1 50  ? -12.689 -4.123  -0.688  1.00 43.17 ? 56  THR A CG2 1 
ATOM   364  N  N   . VAL A 1 51  ? -12.564 -5.405  -4.923  1.00 42.41 ? 57  VAL A N   1 
ATOM   365  C  CA  . VAL A 1 51  ? -12.733 -5.516  -6.398  1.00 45.33 ? 57  VAL A CA  1 
ATOM   366  C  C   . VAL A 1 51  ? -12.995 -4.120  -6.973  1.00 41.33 ? 57  VAL A C   1 
ATOM   367  O  O   . VAL A 1 51  ? -12.586 -3.887  -8.103  1.00 39.87 ? 57  VAL A O   1 
ATOM   368  C  CB  . VAL A 1 51  ? -13.863 -6.509  -6.743  1.00 49.31 ? 57  VAL A CB  1 
ATOM   369  C  CG1 . VAL A 1 51  ? -14.236 -6.479  -8.216  1.00 51.44 ? 57  VAL A CG1 1 
ATOM   370  C  CG2 . VAL A 1 51  ? -13.493 -7.918  -6.314  1.00 53.28 ? 57  VAL A CG2 1 
ATOM   371  N  N   . THR A 1 52  ? -13.691 -3.253  -6.228  1.00 42.43 ? 58  THR A N   1 
ATOM   372  C  CA  . THR A 1 52  ? -13.965 -1.832  -6.577  1.00 41.64 ? 58  THR A CA  1 
ATOM   373  C  C   . THR A 1 52  ? -13.639 -0.982  -5.358  1.00 40.16 ? 58  THR A C   1 
ATOM   374  O  O   . THR A 1 52  ? -13.535 -1.521  -4.258  1.00 40.44 ? 58  THR A O   1 
ATOM   375  C  CB  . THR A 1 52  ? -15.424 -1.616  -7.006  1.00 43.60 ? 58  THR A CB  1 
ATOM   376  O  OG1 . THR A 1 52  ? -16.263 -1.848  -5.876  1.00 46.54 ? 58  THR A OG1 1 
ATOM   377  C  CG2 . THR A 1 52  ? -15.851 -2.526  -8.135  1.00 46.04 ? 58  THR A CG2 1 
ATOM   378  N  N   . PRO A 1 53  ? -13.457 0.353   -5.498  1.00 38.96 ? 59  PRO A N   1 
ATOM   379  C  CA  . PRO A 1 53  ? -13.157 1.207   -4.351  1.00 38.85 ? 59  PRO A CA  1 
ATOM   380  C  C   . PRO A 1 53  ? -14.218 1.083   -3.244  1.00 42.53 ? 59  PRO A C   1 
ATOM   381  O  O   . PRO A 1 53  ? -15.398 1.048   -3.548  1.00 43.43 ? 59  PRO A O   1 
ATOM   382  C  CB  . PRO A 1 53  ? -13.093 2.614   -4.956  1.00 39.98 ? 59  PRO A CB  1 
ATOM   383  C  CG  . PRO A 1 53  ? -12.702 2.369   -6.396  1.00 40.08 ? 59  PRO A CG  1 
ATOM   384  C  CD  . PRO A 1 53  ? -13.446 1.100   -6.764  1.00 39.83 ? 59  PRO A CD  1 
ATOM   385  N  N   . GLU A 1 54  ? -13.771 0.984   -1.993  1.00 39.42 ? 60  GLU A N   1 
ATOM   386  C  CA  . GLU A 1 54  ? -14.643 0.743   -0.812  1.00 40.65 ? 60  GLU A CA  1 
ATOM   387  C  C   . GLU A 1 54  ? -14.218 1.627   0.362   1.00 39.24 ? 60  GLU A C   1 
ATOM   388  O  O   . GLU A 1 54  ? -14.521 1.249   1.506   1.00 40.40 ? 60  GLU A O   1 
ATOM   389  C  CB  . GLU A 1 54  ? -14.593 -0.733  -0.404  1.00 41.08 ? 60  GLU A CB  1 
ATOM   390  C  CG  . GLU A 1 54  ? -15.306 -1.671  -1.356  1.00 43.25 ? 60  GLU A CG  1 
ATOM   391  C  CD  . GLU A 1 54  ? -16.814 -1.494  -1.459  1.00 48.11 ? 60  GLU A CD  1 
ATOM   392  O  OE1 . GLU A 1 54  ? -17.386 -0.754  -0.636  1.00 46.85 ? 60  GLU A OE1 1 
ATOM   393  O  OE2 . GLU A 1 54  ? -17.405 -2.097  -2.377  1.00 50.04 ? 60  GLU A OE2 1 
ATOM   394  N  N   . ALA A 1 55  ? -13.575 2.776   0.123   1.00 40.15 ? 61  ALA A N   1 
ATOM   395  C  CA  . ALA A 1 55  ? -13.193 3.694   1.220   1.00 39.03 ? 61  ALA A CA  1 
ATOM   396  C  C   . ALA A 1 55  ? -14.444 4.052   2.038   1.00 41.13 ? 61  ALA A C   1 
ATOM   397  O  O   . ALA A 1 55  ? -15.473 4.373   1.419   1.00 41.12 ? 61  ALA A O   1 
ATOM   398  C  CB  . ALA A 1 55  ? -12.536 4.940   0.689   1.00 39.26 ? 61  ALA A CB  1 
ATOM   399  N  N   . ASN A 1 56  ? -14.348 4.004   3.366   1.00 41.19 ? 62  ASN A N   1 
ATOM   400  C  CA  . ASN A 1 56  ? -15.351 4.612   4.285   1.00 42.37 ? 62  ASN A CA  1 
ATOM   401  C  C   . ASN A 1 56  ? -14.893 6.047   4.570   1.00 43.24 ? 62  ASN A C   1 
ATOM   402  O  O   . ASN A 1 56  ? -13.945 6.501   3.898   1.00 39.23 ? 62  ASN A O   1 
ATOM   403  C  CB  . ASN A 1 56  ? -15.565 3.765   5.538   1.00 43.38 ? 62  ASN A CB  1 
ATOM   404  C  CG  . ASN A 1 56  ? -14.313 3.615   6.374   1.00 41.10 ? 62  ASN A CG  1 
ATOM   405  O  OD1 . ASN A 1 56  ? -13.418 4.452   6.326   1.00 41.06 ? 62  ASN A OD1 1 
ATOM   406  N  ND2 . ASN A 1 56  ? -14.237 2.537   7.129   1.00 42.30 ? 62  ASN A ND2 1 
ATOM   407  N  N   . MET A 1 57  ? -15.507 6.745   5.532   1.00 43.24 ? 63  MET A N   1 
ATOM   408  C  CA  . MET A 1 57  ? -15.214 8.190   5.754   1.00 47.28 ? 63  MET A CA  1 
ATOM   409  C  C   . MET A 1 57  ? -13.817 8.388   6.364   1.00 43.62 ? 63  MET A C   1 
ATOM   410  O  O   . MET A 1 57  ? -13.376 9.546   6.403   1.00 45.36 ? 63  MET A O   1 
ATOM   411  C  CB  . MET A 1 57  ? -16.264 8.861   6.649   1.00 48.90 ? 63  MET A CB  1 
ATOM   412  C  CG  . MET A 1 57  ? -17.323 9.618   5.866   1.00 55.33 ? 63  MET A CG  1 
ATOM   413  S  SD  . MET A 1 57  ? -16.661 11.023  4.887   1.00 63.10 ? 63  MET A SD  1 
ATOM   414  C  CE  . MET A 1 57  ? -16.121 12.122  6.194   1.00 64.20 ? 63  MET A CE  1 
ATOM   415  N  N   . ASP A 1 58  ? -13.137 7.325   6.807   1.00 44.46 ? 64  ASP A N   1 
ATOM   416  C  CA  . ASP A 1 58  ? -11.800 7.429   7.456   1.00 44.73 ? 64  ASP A CA  1 
ATOM   417  C  C   . ASP A 1 58  ? -10.685 7.000   6.494   1.00 43.83 ? 64  ASP A C   1 
ATOM   418  O  O   . ASP A 1 58  ? -9.539  6.886   6.962   1.00 42.41 ? 64  ASP A O   1 
ATOM   419  C  CB  . ASP A 1 58  ? -11.716 6.560   8.713   1.00 49.10 ? 64  ASP A CB  1 
ATOM   420  C  CG  . ASP A 1 58  ? -12.774 6.881   9.753   1.00 55.78 ? 64  ASP A CG  1 
ATOM   421  O  OD1 . ASP A 1 58  ? -13.022 8.078   9.983   1.00 59.14 ? 64  ASP A OD1 1 
ATOM   422  O  OD2 . ASP A 1 58  ? -13.350 5.925   10.300  1.00 62.70 ? 64  ASP A OD2 1 
ATOM   423  N  N   . GLN A 1 59  ? -10.997 6.748   5.222   1.00 40.38 ? 65  GLN A N   1 
ATOM   424  C  CA  . GLN A 1 59  ? -10.030 6.121   4.276   1.00 39.33 ? 65  GLN A CA  1 
ATOM   425  C  C   . GLN A 1 59  ? -10.005 6.858   2.944   1.00 39.96 ? 65  GLN A C   1 
ATOM   426  O  O   . GLN A 1 59  ? -10.965 7.598   2.640   1.00 37.88 ? 65  GLN A O   1 
ATOM   427  C  CB  . GLN A 1 59  ? -10.387 4.669   4.000   1.00 38.51 ? 65  GLN A CB  1 
ATOM   428  C  CG  . GLN A 1 59  ? -10.364 3.794   5.238   1.00 38.20 ? 65  GLN A CG  1 
ATOM   429  C  CD  . GLN A 1 59  ? -11.074 2.495   4.961   1.00 36.62 ? 65  GLN A CD  1 
ATOM   430  O  OE1 . GLN A 1 59  ? -11.956 2.414   4.105   1.00 38.43 ? 65  GLN A OE1 1 
ATOM   431  N  NE2 . GLN A 1 59  ? -10.669 1.454   5.661   1.00 40.26 ? 65  GLN A NE2 1 
ATOM   432  N  N   . GLU A 1 60  ? -8.923  6.645   2.193   1.00 36.26 ? 66  GLU A N   1 
ATOM   433  C  CA  . GLU A 1 60  ? -8.820  6.936   0.746   1.00 37.86 ? 66  GLU A CA  1 
ATOM   434  C  C   . GLU A 1 60  ? -8.707  5.596   0.011   1.00 38.74 ? 66  GLU A C   1 
ATOM   435  O  O   . GLU A 1 60  ? -8.205  4.628   0.607   1.00 39.88 ? 66  GLU A O   1 
ATOM   436  C  CB  . GLU A 1 60  ? -7.611  7.825   0.458   1.00 40.68 ? 66  GLU A CB  1 
ATOM   437  C  CG  . GLU A 1 60  ? -7.503  9.051   1.351   1.00 44.33 ? 66  GLU A CG  1 
ATOM   438  C  CD  . GLU A 1 60  ? -8.648  10.047  1.256   1.00 49.33 ? 66  GLU A CD  1 
ATOM   439  O  OE1 . GLU A 1 60  ? -9.275  10.135  0.183   1.00 46.38 ? 66  GLU A OE1 1 
ATOM   440  O  OE2 . GLU A 1 60  ? -8.906  10.733  2.268   1.00 54.30 ? 66  GLU A OE2 1 
ATOM   441  N  N   . SER A 1 61  ? -9.174  5.533   -1.231  1.00 36.49 ? 67  SER A N   1 
ATOM   442  C  CA  . SER A 1 61  ? -9.028  4.353   -2.117  1.00 36.24 ? 67  SER A CA  1 
ATOM   443  C  C   . SER A 1 61  ? -7.960  4.652   -3.169  1.00 35.88 ? 67  SER A C   1 
ATOM   444  O  O   . SER A 1 61  ? -7.926  5.794   -3.683  1.00 36.75 ? 67  SER A O   1 
ATOM   445  C  CB  . SER A 1 61  ? -10.341 3.955   -2.752  1.00 38.32 ? 67  SER A CB  1 
ATOM   446  O  OG  . SER A 1 61  ? -11.224 3.413   -1.778  1.00 39.10 ? 67  SER A OG  1 
ATOM   447  N  N   . PHE A 1 62  ? -7.121  3.661   -3.473  1.00 34.81 ? 68  PHE A N   1 
ATOM   448  C  CA  . PHE A 1 62  ? -6.063  3.749   -4.512  1.00 34.99 ? 68  PHE A CA  1 
ATOM   449  C  C   . PHE A 1 62  ? -6.075  2.496   -5.372  1.00 33.80 ? 68  PHE A C   1 
ATOM   450  O  O   . PHE A 1 62  ? -6.504  1.421   -4.890  1.00 34.81 ? 68  PHE A O   1 
ATOM   451  C  CB  . PHE A 1 62  ? -4.672  3.876   -3.886  1.00 36.76 ? 68  PHE A CB  1 
ATOM   452  C  CG  . PHE A 1 62  ? -4.442  5.118   -3.070  1.00 34.22 ? 68  PHE A CG  1 
ATOM   453  C  CD1 . PHE A 1 62  ? -4.795  5.159   -1.730  1.00 37.06 ? 68  PHE A CD1 1 
ATOM   454  C  CD2 . PHE A 1 62  ? -3.858  6.241   -3.637  1.00 35.34 ? 68  PHE A CD2 1 
ATOM   455  C  CE1 . PHE A 1 62  ? -4.554  6.291   -0.966  1.00 36.24 ? 68  PHE A CE1 1 
ATOM   456  C  CE2 . PHE A 1 62  ? -3.614  7.371   -2.872  1.00 36.00 ? 68  PHE A CE2 1 
ATOM   457  C  CZ  . PHE A 1 62  ? -3.980  7.398   -1.542  1.00 36.72 ? 68  PHE A CZ  1 
ATOM   458  N  N   . GLY A 1 63  ? -5.579  2.623   -6.602  1.00 33.63 ? 69  GLY A N   1 
ATOM   459  C  CA  . GLY A 1 63  ? -5.278  1.456   -7.443  1.00 33.86 ? 69  GLY A CA  1 
ATOM   460  C  C   . GLY A 1 63  ? -4.237  0.606   -6.740  1.00 33.20 ? 69  GLY A C   1 
ATOM   461  O  O   . GLY A 1 63  ? -3.211  1.171   -6.318  1.00 33.69 ? 69  GLY A O   1 
ATOM   462  N  N   . GLY A 1 64  ? -4.489  -0.696  -6.611  1.00 32.81 ? 70  GLY A N   1 
ATOM   463  C  CA  . GLY A 1 64  ? -3.649  -1.607  -5.809  1.00 32.50 ? 70  GLY A CA  1 
ATOM   464  C  C   . GLY A 1 64  ? -2.205  -1.646  -6.274  1.00 33.47 ? 70  GLY A C   1 
ATOM   465  O  O   . GLY A 1 64  ? -1.302  -1.493  -5.419  1.00 33.77 ? 70  GLY A O   1 
ATOM   466  N  N   . ALA A 1 65  ? -1.958  -1.900  -7.564  1.00 34.22 ? 71  ALA A N   1 
ATOM   467  C  CA  . ALA A 1 65  ? -0.579  -2.064  -8.079  1.00 34.70 ? 71  ALA A CA  1 
ATOM   468  C  C   . ALA A 1 65  ? 0.243   -0.801  -7.787  1.00 35.51 ? 71  ALA A C   1 
ATOM   469  O  O   . ALA A 1 65  ? 1.432   -0.945  -7.451  1.00 33.04 ? 71  ALA A O   1 
ATOM   470  C  CB  . ALA A 1 65  ? -0.577  -2.388  -9.545  1.00 34.85 ? 71  ALA A CB  1 
ATOM   471  N  N   . SER A 1 66  ? -0.361  0.390   -7.880  1.00 33.72 ? 72  SER A N   1 
ATOM   472  C  CA  . SER A 1 66  ? 0.360   1.677   -7.698  1.00 32.78 ? 72  SER A CA  1 
ATOM   473  C  C   . SER A 1 66  ? 0.845   1.828   -6.247  1.00 32.30 ? 72  SER A C   1 
ATOM   474  O  O   . SER A 1 66  ? 1.758   2.651   -6.009  1.00 33.57 ? 72  SER A O   1 
ATOM   475  C  CB  . SER A 1 66  ? -0.499  2.846   -8.134  1.00 34.18 ? 72  SER A CB  1 
ATOM   476  O  OG  . SER A 1 66  ? -1.500  3.139   -7.165  1.00 33.49 ? 72  SER A OG  1 
ATOM   477  N  N   . CYS A 1 67  ? 0.279   1.065   -5.307  1.00 32.52 ? 73  CYS A N   1 
ATOM   478  C  CA  . CYS A 1 67  ? 0.595   1.123   -3.854  1.00 32.73 ? 73  CYS A CA  1 
ATOM   479  C  C   . CYS A 1 67  ? 1.431   -0.079  -3.411  1.00 33.55 ? 73  CYS A C   1 
ATOM   480  O  O   . CYS A 1 67  ? 1.623   -0.222  -2.206  1.00 32.97 ? 73  CYS A O   1 
ATOM   481  C  CB  . CYS A 1 67  ? -0.680  1.129   -3.024  1.00 35.29 ? 73  CYS A CB  1 
ATOM   482  S  SG  . CYS A 1 67  ? -1.695  2.574   -3.395  1.00 37.76 ? 73  CYS A SG  1 
ATOM   483  N  N   . CYS A 1 68  ? 1.878   -0.916  -4.346  1.00 32.94 ? 74  CYS A N   1 
ATOM   484  C  CA  . CYS A 1 68  ? 2.628   -2.159  -4.046  1.00 31.21 ? 74  CYS A CA  1 
ATOM   485  C  C   . CYS A 1 68  ? 4.112   -1.944  -4.355  1.00 31.55 ? 74  CYS A C   1 
ATOM   486  O  O   . CYS A 1 68  ? 4.428   -1.691  -5.524  1.00 31.14 ? 74  CYS A O   1 
ATOM   487  C  CB  . CYS A 1 68  ? 2.093   -3.325  -4.867  1.00 32.50 ? 74  CYS A CB  1 
ATOM   488  S  SG  . CYS A 1 68  ? 3.080   -4.825  -4.643  1.00 35.23 ? 74  CYS A SG  1 
ATOM   489  N  N   . LEU A 1 69  ? 4.992   -2.029  -3.352  1.00 31.59 ? 75  LEU A N   1 
ATOM   490  C  CA  . LEU A 1 69  ? 6.445   -1.797  -3.564  1.00 31.88 ? 75  LEU A CA  1 
ATOM   491  C  C   . LEU A 1 69  ? 6.972   -2.738  -4.658  1.00 31.93 ? 75  LEU A C   1 
ATOM   492  O  O   . LEU A 1 69  ? 7.764   -2.271  -5.484  1.00 32.05 ? 75  LEU A O   1 
ATOM   493  C  CB  . LEU A 1 69  ? 7.198   -2.007  -2.252  1.00 33.94 ? 75  LEU A CB  1 
ATOM   494  C  CG  . LEU A 1 69  ? 8.699   -1.759  -2.326  1.00 34.59 ? 75  LEU A CG  1 
ATOM   495  C  CD1 . LEU A 1 69  ? 8.997   -0.280  -2.461  1.00 35.21 ? 75  LEU A CD1 1 
ATOM   496  C  CD2 . LEU A 1 69  ? 9.392   -2.341  -1.102  1.00 35.97 ? 75  LEU A CD2 1 
ATOM   497  N  N   . TYR A 1 70  ? 6.559   -4.009  -4.671  1.00 32.00 ? 76  TYR A N   1 
ATOM   498  C  CA  . TYR A 1 70  ? 7.085   -5.041  -5.604  1.00 33.33 ? 76  TYR A CA  1 
ATOM   499  C  C   . TYR A 1 70  ? 6.643   -4.719  -7.034  1.00 32.80 ? 76  TYR A C   1 
ATOM   500  O  O   . TYR A 1 70  ? 7.469   -4.809  -7.961  1.00 32.55 ? 76  TYR A O   1 
ATOM   501  C  CB  . TYR A 1 70  ? 6.684   -6.436  -5.122  1.00 34.24 ? 76  TYR A CB  1 
ATOM   502  C  CG  . TYR A 1 70  ? 7.116   -6.676  -3.701  1.00 35.67 ? 76  TYR A CG  1 
ATOM   503  C  CD1 . TYR A 1 70  ? 8.441   -6.946  -3.411  1.00 36.98 ? 76  TYR A CD1 1 
ATOM   504  C  CD2 . TYR A 1 70  ? 6.225   -6.563  -2.645  1.00 37.14 ? 76  TYR A CD2 1 
ATOM   505  C  CE1 . TYR A 1 70  ? 8.867   -7.119  -2.107  1.00 40.23 ? 76  TYR A CE1 1 
ATOM   506  C  CE2 . TYR A 1 70  ? 6.633   -6.742  -1.335  1.00 39.90 ? 76  TYR A CE2 1 
ATOM   507  C  CZ  . TYR A 1 70  ? 7.965   -7.015  -1.067  1.00 42.07 ? 76  TYR A CZ  1 
ATOM   508  O  OH  . TYR A 1 70  ? 8.400   -7.171  0.216   1.00 42.89 ? 76  TYR A OH  1 
ATOM   509  N  N   . CYS A 1 71  ? 5.388   -4.314  -7.214  1.00 33.53 ? 77  CYS A N   1 
ATOM   510  C  CA  . CYS A 1 71  ? 4.858   -3.882  -8.528  1.00 34.26 ? 77  CYS A CA  1 
ATOM   511  C  C   . CYS A 1 71  ? 5.636   -2.634  -8.987  1.00 34.19 ? 77  CYS A C   1 
ATOM   512  O  O   . CYS A 1 71  ? 6.082   -2.590  -10.152 1.00 32.68 ? 77  CYS A O   1 
ATOM   513  C  CB  . CYS A 1 71  ? 3.364   -3.607  -8.462  1.00 34.33 ? 77  CYS A CB  1 
ATOM   514  S  SG  . CYS A 1 71  ? 2.315   -5.093  -8.442  1.00 38.47 ? 77  CYS A SG  1 
ATOM   515  N  N   . ARG A 1 72  ? 5.806   -1.655  -8.096  1.00 32.55 ? 78  ARG A N   1 
ATOM   516  C  CA  . ARG A 1 72  ? 6.430   -0.349  -8.433  1.00 32.64 ? 78  ARG A CA  1 
ATOM   517  C  C   . ARG A 1 72  ? 7.925   -0.533  -8.710  1.00 33.33 ? 78  ARG A C   1 
ATOM   518  O  O   . ARG A 1 72  ? 8.456   0.244   -9.531  1.00 33.16 ? 78  ARG A O   1 
ATOM   519  C  CB  . ARG A 1 72  ? 6.214   0.660   -7.305  1.00 32.58 ? 78  ARG A CB  1 
ATOM   520  C  CG  . ARG A 1 72  ? 4.786   1.181   -7.192  1.00 32.88 ? 78  ARG A CG  1 
ATOM   521  C  CD  . ARG A 1 72  ? 4.402   2.096   -8.342  1.00 32.33 ? 78  ARG A CD  1 
ATOM   522  N  NE  . ARG A 1 72  ? 5.149   3.351   -8.409  1.00 32.23 ? 78  ARG A NE  1 
ATOM   523  C  CZ  . ARG A 1 72  ? 4.805   4.488   -7.804  1.00 32.27 ? 78  ARG A CZ  1 
ATOM   524  N  NH1 . ARG A 1 72  ? 3.748   4.535   -7.011  1.00 33.61 ? 78  ARG A NH1 1 
ATOM   525  N  NH2 . ARG A 1 72  ? 5.550   5.569   -7.961  1.00 31.19 ? 78  ARG A NH2 1 
ATOM   526  N  N   . CYS A 1 73  ? 8.565   -1.503  -8.050  1.00 31.90 ? 79  CYS A N   1 
ATOM   527  C  CA  . CYS A 1 73  ? 9.996   -1.863  -8.257  1.00 31.37 ? 79  CYS A CA  1 
ATOM   528  C  C   . CYS A 1 73  ? 10.184  -2.872  -9.403  1.00 34.73 ? 79  CYS A C   1 
ATOM   529  O  O   . CYS A 1 73  ? 11.345  -3.172  -9.704  1.00 33.36 ? 79  CYS A O   1 
ATOM   530  C  CB  . CYS A 1 73  ? 10.598  -2.440  -6.987  1.00 31.02 ? 79  CYS A CB  1 
ATOM   531  S  SG  . CYS A 1 73  ? 10.845  -1.219  -5.676  1.00 34.72 ? 79  CYS A SG  1 
ATOM   532  N  N   . HIS A 1 74  ? 9.108   -3.396  -10.001 1.00 35.49 ? 80  HIS A N   1 
ATOM   533  C  CA  . HIS A 1 74  ? 9.159   -4.397  -11.105 1.00 37.91 ? 80  HIS A CA  1 
ATOM   534  C  C   . HIS A 1 74  ? 9.940   -5.637  -10.665 1.00 39.34 ? 80  HIS A C   1 
ATOM   535  O  O   . HIS A 1 74  ? 10.735  -6.147  -11.477 1.00 41.60 ? 80  HIS A O   1 
ATOM   536  C  CB  . HIS A 1 74  ? 9.807   -3.805  -12.369 1.00 39.71 ? 80  HIS A CB  1 
ATOM   537  C  CG  . HIS A 1 74  ? 9.185   -2.534  -12.820 1.00 41.18 ? 80  HIS A CG  1 
ATOM   538  N  ND1 . HIS A 1 74  ? 7.913   -2.486  -13.347 1.00 48.21 ? 80  HIS A ND1 1 
ATOM   539  C  CD2 . HIS A 1 74  ? 9.659   -1.270  -12.839 1.00 42.58 ? 80  HIS A CD2 1 
ATOM   540  C  CE1 . HIS A 1 74  ? 7.619   -1.236  -13.653 1.00 47.98 ? 80  HIS A CE1 1 
ATOM   541  N  NE2 . HIS A 1 74  ? 8.669   -0.474  -13.335 1.00 45.15 ? 80  HIS A NE2 1 
ATOM   542  N  N   . ILE A 1 75  ? 9.759   -6.098  -9.428  1.00 37.79 ? 81  ILE A N   1 
ATOM   543  C  CA  . ILE A 1 75  ? 10.498  -7.286  -8.908  1.00 39.85 ? 81  ILE A CA  1 
ATOM   544  C  C   . ILE A 1 75  ? 9.496   -8.363  -8.495  1.00 39.76 ? 81  ILE A C   1 
ATOM   545  O  O   . ILE A 1 75  ? 8.293   -8.058  -8.366  1.00 35.83 ? 81  ILE A O   1 
ATOM   546  C  CB  . ILE A 1 75  ? 11.443  -6.924  -7.750  1.00 40.01 ? 81  ILE A CB  1 
ATOM   547  C  CG1 . ILE A 1 75  ? 10.696  -6.276  -6.583  1.00 39.21 ? 81  ILE A CG1 1 
ATOM   548  C  CG2 . ILE A 1 75  ? 12.587  -6.060  -8.259  1.00 40.52 ? 81  ILE A CG2 1 
ATOM   549  C  CD1 . ILE A 1 75  ? 11.565  -5.966  -5.386  1.00 39.18 ? 81  ILE A CD1 1 
ATOM   550  N  N   . ASP A 1 76  ? 9.995   -9.572  -8.265  1.00 43.35 ? 82  ASP A N   1 
ATOM   551  C  CA  . ASP A 1 76  ? 9.159   -10.720 -7.828  1.00 43.89 ? 82  ASP A CA  1 
ATOM   552  C  C   . ASP A 1 76  ? 8.574   -10.404 -6.452  1.00 42.01 ? 82  ASP A C   1 
ATOM   553  O  O   . ASP A 1 76  ? 9.229   -9.720  -5.647  1.00 41.29 ? 82  ASP A O   1 
ATOM   554  C  CB  . ASP A 1 76  ? 9.958   -12.028 -7.822  1.00 49.74 ? 82  ASP A CB  1 
ATOM   555  C  CG  . ASP A 1 76  ? 10.413  -12.492 -9.196  1.00 54.50 ? 82  ASP A CG  1 
ATOM   556  O  OD1 . ASP A 1 76  ? 9.756   -12.129 -10.201 1.00 53.48 ? 82  ASP A OD1 1 
ATOM   557  O  OD2 . ASP A 1 76  ? 11.422  -13.227 -9.250  1.00 67.98 ? 82  ASP A OD2 1 
ATOM   558  N  N   . HIS A 1 77  ? 7.365   -10.885 -6.192  1.00 39.59 ? 83  HIS A N   1 
ATOM   559  C  CA  . HIS A 1 77  ? 6.673   -10.729 -4.893  1.00 41.44 ? 83  HIS A CA  1 
ATOM   560  C  C   . HIS A 1 77  ? 7.182   -11.798 -3.938  1.00 48.30 ? 83  HIS A C   1 
ATOM   561  O  O   . HIS A 1 77  ? 7.505   -12.902 -4.375  1.00 51.37 ? 83  HIS A O   1 
ATOM   562  C  CB  . HIS A 1 77  ? 5.166   -10.792 -5.098  1.00 40.89 ? 83  HIS A CB  1 
ATOM   563  C  CG  . HIS A 1 77  ? 4.642   -9.596  -5.810  1.00 38.63 ? 83  HIS A CG  1 
ATOM   564  N  ND1 . HIS A 1 77  ? 4.976   -9.316  -7.117  1.00 39.70 ? 83  HIS A ND1 1 
ATOM   565  C  CD2 . HIS A 1 77  ? 3.845   -8.592  -5.387  1.00 36.37 ? 83  HIS A CD2 1 
ATOM   566  C  CE1 . HIS A 1 77  ? 4.387   -8.194  -7.481  1.00 39.64 ? 83  HIS A CE1 1 
ATOM   567  N  NE2 . HIS A 1 77  ? 3.687   -7.741  -6.435  1.00 35.18 ? 83  HIS A NE2 1 
ATOM   568  N  N   . PRO A 1 78  ? 7.265   -11.495 -2.626  1.00 52.24 ? 84  PRO A N   1 
ATOM   569  C  CA  . PRO A 1 78  ? 7.904   -12.391 -1.660  1.00 59.07 ? 84  PRO A CA  1 
ATOM   570  C  C   . PRO A 1 78  ? 6.987   -13.529 -1.188  1.00 64.60 ? 84  PRO A C   1 
ATOM   571  O  O   . PRO A 1 78  ? 6.649   -13.570 -0.022  1.00 69.69 ? 84  PRO A O   1 
ATOM   572  C  CB  . PRO A 1 78  ? 8.249   -11.418 -0.518  1.00 59.39 ? 84  PRO A CB  1 
ATOM   573  C  CG  . PRO A 1 78  ? 7.101   -10.425 -0.534  1.00 57.75 ? 84  PRO A CG  1 
ATOM   574  C  CD  . PRO A 1 78  ? 6.772   -10.253 -2.005  1.00 56.10 ? 84  PRO A CD  1 
ATOM   575  N  N   . ASN A 1 79  ? 6.606   -14.419 -2.104  1.00 69.23 ? 85  ASN A N   1 
ATOM   576  C  CA  . ASN A 1 79  ? 5.833   -15.653 -1.800  1.00 76.14 ? 85  ASN A CA  1 
ATOM   577  C  C   . ASN A 1 79  ? 6.151   -16.683 -2.882  1.00 83.07 ? 85  ASN A C   1 
ATOM   578  O  O   . ASN A 1 79  ? 6.601   -16.313 -3.969  1.00 81.29 ? 85  ASN A O   1 
ATOM   579  C  CB  . ASN A 1 79  ? 4.341   -15.342 -1.651  1.00 75.71 ? 85  ASN A CB  1 
ATOM   580  C  CG  . ASN A 1 79  ? 3.701   -14.922 -2.956  1.00 76.97 ? 85  ASN A CG  1 
ATOM   581  O  OD1 . ASN A 1 79  ? 3.574   -15.731 -3.872  1.00 76.38 ? 85  ASN A OD1 1 
ATOM   582  N  ND2 . ASN A 1 79  ? 3.301   -13.663 -3.047  1.00 79.11 ? 85  ASN A ND2 1 
ATOM   583  N  N   . PRO A 1 80  ? 5.929   -17.997 -2.626  1.00 90.74 ? 86  PRO A N   1 
ATOM   584  C  CA  . PRO A 1 80  ? 6.384   -19.049 -3.540  1.00 88.54 ? 86  PRO A CA  1 
ATOM   585  C  C   . PRO A 1 80  ? 5.896   -18.859 -4.987  1.00 85.60 ? 86  PRO A C   1 
ATOM   586  O  O   . PRO A 1 80  ? 6.712   -18.958 -5.886  1.00 86.74 ? 86  PRO A O   1 
ATOM   587  C  CB  . PRO A 1 80  ? 5.824   -20.350 -2.936  1.00 91.19 ? 86  PRO A CB  1 
ATOM   588  C  CG  . PRO A 1 80  ? 4.758   -19.900 -1.950  1.00 91.98 ? 86  PRO A CG  1 
ATOM   589  C  CD  . PRO A 1 80  ? 5.217   -18.545 -1.459  1.00 90.88 ? 86  PRO A CD  1 
ATOM   590  N  N   . LYS A 1 81  ? 4.604   -18.570 -5.174  1.00 80.90 ? 87  LYS A N   1 
ATOM   591  C  CA  . LYS A 1 81  ? 3.968   -18.405 -6.513  1.00 77.84 ? 87  LYS A CA  1 
ATOM   592  C  C   . LYS A 1 81  ? 4.193   -16.983 -7.052  1.00 73.01 ? 87  LYS A C   1 
ATOM   593  O  O   . LYS A 1 81  ? 3.879   -16.757 -8.238  1.00 70.87 ? 87  LYS A O   1 
ATOM   594  C  CB  . LYS A 1 81  ? 2.476   -18.739 -6.434  1.00 82.62 ? 87  LYS A CB  1 
ATOM   595  C  CG  . LYS A 1 81  ? 2.145   -20.226 -6.509  1.00 89.75 ? 87  LYS A CG  1 
ATOM   596  C  CD  . LYS A 1 81  ? 2.308   -20.814 -7.904  1.00 93.94 ? 87  LYS A CD  1 
ATOM   597  C  CE  . LYS A 1 81  ? 1.789   -22.232 -8.031  1.00 95.22 ? 87  LYS A CE  1 
ATOM   598  N  NZ  . LYS A 1 81  ? 2.685   -23.208 -7.365  1.00 96.62 ? 87  LYS A NZ  1 
ATOM   599  N  N   . GLY A 1 82  ? 4.720   -16.063 -6.234  1.00 65.56 ? 88  GLY A N   1 
ATOM   600  C  CA  . GLY A 1 82  ? 4.936   -14.652 -6.614  1.00 65.23 ? 88  GLY A CA  1 
ATOM   601  C  C   . GLY A 1 82  ? 3.631   -13.951 -6.970  1.00 61.46 ? 88  GLY A C   1 
ATOM   602  O  O   . GLY A 1 82  ? 3.643   -13.101 -7.886  1.00 56.81 ? 88  GLY A O   1 
ATOM   603  N  N   . PHE A 1 83  ? 2.541   -14.291 -6.276  1.00 58.54 ? 89  PHE A N   1 
ATOM   604  C  CA  . PHE A 1 83  ? 1.193   -13.692 -6.468  1.00 60.79 ? 89  PHE A CA  1 
ATOM   605  C  C   . PHE A 1 83  ? 1.180   -12.314 -5.799  1.00 54.06 ? 89  PHE A C   1 
ATOM   606  O  O   . PHE A 1 83  ? 1.847   -12.154 -4.758  1.00 52.59 ? 89  PHE A O   1 
ATOM   607  C  CB  . PHE A 1 83  ? 0.111   -14.622 -5.905  1.00 67.74 ? 89  PHE A CB  1 
ATOM   608  C  CG  . PHE A 1 83  ? -1.285  -14.048 -5.889  1.00 75.82 ? 89  PHE A CG  1 
ATOM   609  C  CD1 . PHE A 1 83  ? -1.942  -13.745 -7.075  1.00 78.69 ? 89  PHE A CD1 1 
ATOM   610  C  CD2 . PHE A 1 83  ? -1.953  -13.823 -4.690  1.00 78.26 ? 89  PHE A CD2 1 
ATOM   611  C  CE1 . PHE A 1 83  ? -3.227  -13.220 -7.060  1.00 79.79 ? 89  PHE A CE1 1 
ATOM   612  C  CE2 . PHE A 1 83  ? -3.238  -13.302 -4.679  1.00 76.46 ? 89  PHE A CE2 1 
ATOM   613  C  CZ  . PHE A 1 83  ? -3.873  -13.001 -5.863  1.00 78.56 ? 89  PHE A CZ  1 
ATOM   614  N  N   . CYS A 1 84  ? 0.465   -11.345 -6.381  1.00 47.60 ? 90  CYS A N   1 
ATOM   615  C  CA  . CYS A 1 84  ? 0.240   -10.013 -5.762  1.00 43.83 ? 90  CYS A CA  1 
ATOM   616  C  C   . CYS A 1 84  ? -1.213  -9.900  -5.291  1.00 42.63 ? 90  CYS A C   1 
ATOM   617  O  O   . CYS A 1 84  ? -2.112  -10.045 -6.130  1.00 44.15 ? 90  CYS A O   1 
ATOM   618  C  CB  . CYS A 1 84  ? 0.541   -8.871  -6.722  1.00 42.89 ? 90  CYS A CB  1 
ATOM   619  S  SG  . CYS A 1 84  ? 0.409   -7.267  -5.888  1.00 40.16 ? 90  CYS A SG  1 
ATOM   620  N  N   . ASP A 1 85  ? -1.418  -9.604  -4.010  1.00 43.77 ? 91  ASP A N   1 
ATOM   621  C  CA  . ASP A 1 85  ? -2.756  -9.387  -3.397  1.00 46.42 ? 91  ASP A CA  1 
ATOM   622  C  C   . ASP A 1 85  ? -3.357  -8.045  -3.849  1.00 44.91 ? 91  ASP A C   1 
ATOM   623  O  O   . ASP A 1 85  ? -4.586  -7.886  -3.702  1.00 45.02 ? 91  ASP A O   1 
ATOM   624  C  CB  . ASP A 1 85  ? -2.665  -9.448  -1.869  1.00 50.92 ? 91  ASP A CB  1 
ATOM   625  C  CG  . ASP A 1 85  ? -2.335  -10.839 -1.341  1.00 58.53 ? 91  ASP A CG  1 
ATOM   626  O  OD1 . ASP A 1 85  ? -2.734  -11.827 -1.997  1.00 57.95 ? 91  ASP A OD1 1 
ATOM   627  O  OD2 . ASP A 1 85  ? -1.663  -10.923 -0.297  1.00 63.24 ? 91  ASP A OD2 1 
ATOM   628  N  N   . LEU A 1 86  ? -2.548  -7.114  -4.371  1.00 41.23 ? 92  LEU A N   1 
ATOM   629  C  CA  . LEU A 1 86  ? -2.994  -5.715  -4.647  1.00 37.63 ? 92  LEU A CA  1 
ATOM   630  C  C   . LEU A 1 86  ? -3.306  -5.496  -6.131  1.00 38.73 ? 92  LEU A C   1 
ATOM   631  O  O   . LEU A 1 86  ? -4.242  -4.727  -6.433  1.00 40.39 ? 92  LEU A O   1 
ATOM   632  C  CB  . LEU A 1 86  ? -1.898  -4.759  -4.173  1.00 37.64 ? 92  LEU A CB  1 
ATOM   633  C  CG  . LEU A 1 86  ? -1.751  -4.655  -2.660  1.00 39.46 ? 92  LEU A CG  1 
ATOM   634  C  CD1 . LEU A 1 86  ? -0.483  -3.901  -2.293  1.00 40.34 ? 92  LEU A CD1 1 
ATOM   635  C  CD2 . LEU A 1 86  ? -2.965  -3.973  -2.051  1.00 40.91 ? 92  LEU A CD2 1 
ATOM   636  N  N   . LYS A 1 87  ? -2.536  -6.110  -7.028  1.00 39.59 ? 93  LYS A N   1 
ATOM   637  C  CA  . LYS A 1 87  ? -2.621  -5.872  -8.493  1.00 42.67 ? 93  LYS A CA  1 
ATOM   638  C  C   . LYS A 1 87  ? -4.031  -6.224  -8.982  1.00 42.78 ? 93  LYS A C   1 
ATOM   639  O  O   . LYS A 1 87  ? -4.511  -7.326  -8.654  1.00 44.97 ? 93  LYS A O   1 
ATOM   640  C  CB  . LYS A 1 87  ? -1.542  -6.682  -9.215  1.00 47.99 ? 93  LYS A CB  1 
ATOM   641  C  CG  . LYS A 1 87  ? -1.484  -6.489  -10.726 1.00 52.82 ? 93  LYS A CG  1 
ATOM   642  C  CD  . LYS A 1 87  ? -0.244  -7.099  -11.369 1.00 60.81 ? 93  LYS A CD  1 
ATOM   643  C  CE  . LYS A 1 87  ? -0.031  -8.560  -11.017 1.00 67.75 ? 93  LYS A CE  1 
ATOM   644  N  NZ  . LYS A 1 87  ? 1.346   -9.016  -11.320 1.00 72.48 ? 93  LYS A NZ  1 
ATOM   645  N  N   . GLY A 1 88  ? -4.666  -5.296  -9.708  1.00 41.85 ? 94  GLY A N   1 
ATOM   646  C  CA  . GLY A 1 88  ? -6.013  -5.437  -10.289 1.00 44.46 ? 94  GLY A CA  1 
ATOM   647  C  C   . GLY A 1 88  ? -7.107  -5.224  -9.260  1.00 43.42 ? 94  GLY A C   1 
ATOM   648  O  O   . GLY A 1 88  ? -8.281  -5.400  -9.612  1.00 45.36 ? 94  GLY A O   1 
ATOM   649  N  N   . LYS A 1 89  ? -6.741  -4.844  -8.034  1.00 40.21 ? 95  LYS A N   1 
ATOM   650  C  CA  . LYS A 1 89  ? -7.684  -4.564  -6.923  1.00 41.06 ? 95  LYS A CA  1 
ATOM   651  C  C   . LYS A 1 89  ? -7.549  -3.094  -6.515  1.00 38.62 ? 95  LYS A C   1 
ATOM   652  O  O   . LYS A 1 89  ? -6.712  -2.384  -7.102  1.00 37.89 ? 95  LYS A O   1 
ATOM   653  C  CB  . LYS A 1 89  ? -7.405  -5.478  -5.730  1.00 44.76 ? 95  LYS A CB  1 
ATOM   654  C  CG  . LYS A 1 89  ? -7.360  -6.969  -6.035  1.00 51.91 ? 95  LYS A CG  1 
ATOM   655  C  CD  . LYS A 1 89  ? -8.709  -7.613  -6.147  1.00 58.90 ? 95  LYS A CD  1 
ATOM   656  C  CE  . LYS A 1 89  ? -8.664  -9.088  -5.813  1.00 64.48 ? 95  LYS A CE  1 
ATOM   657  N  NZ  . LYS A 1 89  ? -9.918  -9.763  -6.222  1.00 73.80 ? 95  LYS A NZ  1 
ATOM   658  N  N   . TYR A 1 90  ? -8.355  -2.672  -5.545  1.00 34.99 ? 96  TYR A N   1 
ATOM   659  C  CA  . TYR A 1 90  ? -8.332  -1.322  -4.932  1.00 36.83 ? 96  TYR A CA  1 
ATOM   660  C  C   . TYR A 1 90  ? -7.994  -1.479  -3.456  1.00 35.95 ? 96  TYR A C   1 
ATOM   661  O  O   . TYR A 1 90  ? -8.536  -2.374  -2.786  1.00 37.00 ? 96  TYR A O   1 
ATOM   662  C  CB  . TYR A 1 90  ? -9.650  -0.603  -5.225  1.00 37.87 ? 96  TYR A CB  1 
ATOM   663  C  CG  . TYR A 1 90  ? -9.823  -0.454  -6.711  1.00 36.83 ? 96  TYR A CG  1 
ATOM   664  C  CD1 . TYR A 1 90  ? -9.238  0.601   -7.389  1.00 38.00 ? 96  TYR A CD1 1 
ATOM   665  C  CD2 . TYR A 1 90  ? -10.429 -1.448  -7.455  1.00 36.45 ? 96  TYR A CD2 1 
ATOM   666  C  CE1 . TYR A 1 90  ? -9.313  0.699   -8.767  1.00 37.69 ? 96  TYR A CE1 1 
ATOM   667  C  CE2 . TYR A 1 90  ? -10.515 -1.365  -8.834  1.00 38.24 ? 96  TYR A CE2 1 
ATOM   668  C  CZ  . TYR A 1 90  ? -9.957  -0.286  -9.493  1.00 38.23 ? 96  TYR A CZ  1 
ATOM   669  O  OH  . TYR A 1 90  ? -10.022 -0.205  -10.853 1.00 40.01 ? 96  TYR A OH  1 
ATOM   670  N  N   . VAL A 1 91  ? -7.106  -0.622  -2.965  1.00 33.67 ? 97  VAL A N   1 
ATOM   671  C  CA  . VAL A 1 91  ? -6.668  -0.687  -1.553  1.00 33.80 ? 97  VAL A CA  1 
ATOM   672  C  C   . VAL A 1 91  ? -7.190  0.554   -0.835  1.00 35.47 ? 97  VAL A C   1 
ATOM   673  O  O   . VAL A 1 91  ? -7.053  1.683   -1.376  1.00 34.60 ? 97  VAL A O   1 
ATOM   674  C  CB  . VAL A 1 91  ? -5.144  -0.857  -1.437  1.00 34.92 ? 97  VAL A CB  1 
ATOM   675  C  CG1 . VAL A 1 91  ? -4.367  0.328   -2.016  1.00 35.04 ? 97  VAL A CG1 1 
ATOM   676  C  CG2 . VAL A 1 91  ? -4.758  -1.108  0.009   1.00 35.29 ? 97  VAL A CG2 1 
ATOM   677  N  N   . GLN A 1 92  ? -7.771  0.327   0.345   1.00 34.73 ? 98  GLN A N   1 
ATOM   678  C  CA  . GLN A 1 92  ? -8.287  1.384   1.239   1.00 35.98 ? 98  GLN A CA  1 
ATOM   679  C  C   . GLN A 1 92  ? -7.194  1.714   2.252   1.00 36.43 ? 98  GLN A C   1 
ATOM   680  O  O   . GLN A 1 92  ? -6.698  0.784   2.905   1.00 38.35 ? 98  GLN A O   1 
ATOM   681  C  CB  . GLN A 1 92  ? -9.591  0.920   1.884   1.00 36.08 ? 98  GLN A CB  1 
ATOM   682  C  CG  . GLN A 1 92  ? -10.801 1.060   0.970   1.00 36.94 ? 98  GLN A CG  1 
ATOM   683  C  CD  . GLN A 1 92  ? -10.723 0.287   -0.324  1.00 35.82 ? 98  GLN A CD  1 
ATOM   684  O  OE1 . GLN A 1 92  ? -10.757 0.861   -1.409  1.00 37.78 ? 98  GLN A OE1 1 
ATOM   685  N  NE2 . GLN A 1 92  ? -10.647 -1.029  -0.232  1.00 36.20 ? 98  GLN A NE2 1 
ATOM   686  N  N   . ILE A 1 93  ? -6.790  2.979   2.330   1.00 36.29 ? 99  ILE A N   1 
ATOM   687  C  CA  . ILE A 1 93  ? -5.703  3.435   3.241   1.00 37.90 ? 99  ILE A CA  1 
ATOM   688  C  C   . ILE A 1 93  ? -6.310  4.422   4.230   1.00 36.65 ? 99  ILE A C   1 
ATOM   689  O  O   . ILE A 1 93  ? -6.971  5.364   3.813   1.00 36.43 ? 99  ILE A O   1 
ATOM   690  C  CB  . ILE A 1 93  ? -4.541  4.077   2.451   1.00 37.23 ? 99  ILE A CB  1 
ATOM   691  C  CG1 . ILE A 1 93  ? -4.028  3.191   1.310   1.00 39.14 ? 99  ILE A CG1 1 
ATOM   692  C  CG2 . ILE A 1 93  ? -3.424  4.494   3.396   1.00 37.76 ? 99  ILE A CG2 1 
ATOM   693  C  CD1 . ILE A 1 93  ? -3.338  1.925   1.745   1.00 40.52 ? 99  ILE A CD1 1 
ATOM   694  N  N   . PRO A 1 94  ? -6.101  4.262   5.554   1.00 39.15 ? 100 PRO A N   1 
ATOM   695  C  CA  . PRO A 1 94  ? -6.515  5.282   6.512   1.00 40.01 ? 100 PRO A CA  1 
ATOM   696  C  C   . PRO A 1 94  ? -6.041  6.666   6.057   1.00 42.61 ? 100 PRO A C   1 
ATOM   697  O  O   . PRO A 1 94  ? -4.885  6.804   5.681   1.00 39.77 ? 100 PRO A O   1 
ATOM   698  C  CB  . PRO A 1 94  ? -5.829  4.850   7.819   1.00 42.11 ? 100 PRO A CB  1 
ATOM   699  C  CG  . PRO A 1 94  ? -5.711  3.347   7.693   1.00 40.00 ? 100 PRO A CG  1 
ATOM   700  C  CD  . PRO A 1 94  ? -5.515  3.085   6.210   1.00 40.91 ? 100 PRO A CD  1 
ATOM   701  N  N   . THR A 1 95  ? -6.928  7.659   6.115   1.00 40.55 ? 101 THR A N   1 
ATOM   702  C  CA  . THR A 1 95  ? -6.647  9.054   5.689   1.00 43.26 ? 101 THR A CA  1 
ATOM   703  C  C   . THR A 1 95  ? -5.381  9.565   6.390   1.00 40.56 ? 101 THR A C   1 
ATOM   704  O  O   . THR A 1 95  ? -4.620  10.291  5.738   1.00 44.15 ? 101 THR A O   1 
ATOM   705  C  CB  . THR A 1 95  ? -7.853  9.963   5.947   1.00 46.85 ? 101 THR A CB  1 
ATOM   706  O  OG1 . THR A 1 95  ? -8.947  9.414   5.213   1.00 50.35 ? 101 THR A OG1 1 
ATOM   707  C  CG2 . THR A 1 95  ? -7.605  11.395  5.527   1.00 51.36 ? 101 THR A CG2 1 
ATOM   708  N  N   . THR A 1 96  ? -5.154  9.163   7.640   1.00 43.91 ? 102 THR A N   1 
ATOM   709  C  CA  . THR A 1 96  ? -3.987  9.565   8.469   1.00 45.82 ? 102 THR A CA  1 
ATOM   710  C  C   . THR A 1 96  ? -2.676  9.011   7.878   1.00 48.28 ? 102 THR A C   1 
ATOM   711  O  O   . THR A 1 96  ? -1.618  9.563   8.216   1.00 46.89 ? 102 THR A O   1 
ATOM   712  C  CB  . THR A 1 96  ? -4.154  9.116   9.927   1.00 50.54 ? 102 THR A CB  1 
ATOM   713  O  OG1 . THR A 1 96  ? -4.381  7.707   9.952   1.00 51.74 ? 102 THR A OG1 1 
ATOM   714  C  CG2 . THR A 1 96  ? -5.287  9.828   10.636  1.00 54.85 ? 102 THR A CG2 1 
ATOM   715  N  N   . CYS A 1 97  ? -2.733  7.969   7.041   1.00 45.28 ? 103 CYS A N   1 
ATOM   716  C  CA  . CYS A 1 97  ? -1.543  7.287   6.452   1.00 42.81 ? 103 CYS A CA  1 
ATOM   717  C  C   . CYS A 1 97  ? -1.490  7.431   4.917   1.00 42.19 ? 103 CYS A C   1 
ATOM   718  O  O   . CYS A 1 97  ? -0.539  6.883   4.310   1.00 40.98 ? 103 CYS A O   1 
ATOM   719  C  CB  . CYS A 1 97  ? -1.554  5.814   6.835   1.00 43.04 ? 103 CYS A CB  1 
ATOM   720  S  SG  . CYS A 1 97  ? -1.477  5.531   8.625   1.00 45.71 ? 103 CYS A SG  1 
ATOM   721  N  N   . ALA A 1 98  ? -2.428  8.161   4.299   1.00 39.63 ? 104 ALA A N   1 
ATOM   722  C  CA  . ALA A 1 98  ? -2.631  8.168   2.826   1.00 40.30 ? 104 ALA A CA  1 
ATOM   723  C  C   . ALA A 1 98  ? -1.539  8.983   2.124   1.00 37.09 ? 104 ALA A C   1 
ATOM   724  O  O   . ALA A 1 98  ? -1.507  8.973   0.889   1.00 36.18 ? 104 ALA A O   1 
ATOM   725  C  CB  . ALA A 1 98  ? -4.013  8.673   2.483   1.00 41.96 ? 104 ALA A CB  1 
ATOM   726  N  N   . ASN A 1 99  ? -0.665  9.658   2.879   1.00 36.20 ? 105 ASN A N   1 
ATOM   727  C  CA  . ASN A 1 99  ? 0.531   10.335  2.318   1.00 38.89 ? 105 ASN A CA  1 
ATOM   728  C  C   . ASN A 1 99  ? 1.582   9.291   1.911   1.00 35.22 ? 105 ASN A C   1 
ATOM   729  O  O   . ASN A 1 99  ? 2.540   9.677   1.219   1.00 35.72 ? 105 ASN A O   1 
ATOM   730  C  CB  . ASN A 1 99  ? 1.122   11.343  3.306   1.00 41.92 ? 105 ASN A CB  1 
ATOM   731  C  CG  . ASN A 1 99  ? 1.684   10.683  4.545   1.00 44.63 ? 105 ASN A CG  1 
ATOM   732  O  OD1 . ASN A 1 99  ? 0.990   9.923   5.215   1.00 45.84 ? 105 ASN A OD1 1 
ATOM   733  N  ND2 . ASN A 1 99  ? 2.936   10.972  4.861   1.00 48.73 ? 105 ASN A ND2 1 
ATOM   734  N  N   . ASP A 1 100 ? 1.440   8.031   2.336   1.00 33.75 ? 106 ASP A N   1 
ATOM   735  C  CA  . ASP A 1 100 ? 2.444   6.971   2.046   1.00 34.44 ? 106 ASP A CA  1 
ATOM   736  C  C   . ASP A 1 100 ? 1.746   5.629   1.888   1.00 31.86 ? 106 ASP A C   1 
ATOM   737  O  O   . ASP A 1 100 ? 1.916   4.727   2.713   1.00 32.72 ? 106 ASP A O   1 
ATOM   738  C  CB  . ASP A 1 100 ? 3.524   6.936   3.133   1.00 35.95 ? 106 ASP A CB  1 
ATOM   739  C  CG  . ASP A 1 100 ? 4.628   5.924   2.860   1.00 37.09 ? 106 ASP A CG  1 
ATOM   740  O  OD1 . ASP A 1 100 ? 4.778   5.516   1.673   1.00 34.55 ? 106 ASP A OD1 1 
ATOM   741  O  OD2 . ASP A 1 100 ? 5.351   5.578   3.826   1.00 37.56 ? 106 ASP A OD2 1 
ATOM   742  N  N   . PRO A 1 101 ? 0.932   5.444   0.826   1.00 33.54 ? 107 PRO A N   1 
ATOM   743  C  CA  . PRO A 1 101 ? 0.235   4.181   0.620   1.00 33.35 ? 107 PRO A CA  1 
ATOM   744  C  C   . PRO A 1 101 ? 1.174   2.971   0.472   1.00 32.76 ? 107 PRO A C   1 
ATOM   745  O  O   . PRO A 1 101 ? 0.820   1.905   0.930   1.00 33.02 ? 107 PRO A O   1 
ATOM   746  C  CB  . PRO A 1 101 ? -0.542  4.392   -0.684  1.00 34.79 ? 107 PRO A CB  1 
ATOM   747  C  CG  . PRO A 1 101 ? -0.675  5.889   -0.799  1.00 36.41 ? 107 PRO A CG  1 
ATOM   748  C  CD  . PRO A 1 101 ? 0.614   6.430   -0.217  1.00 35.25 ? 107 PRO A CD  1 
ATOM   749  N  N   . VAL A 1 102 ? 2.318   3.135   -0.197  1.00 33.87 ? 108 VAL A N   1 
ATOM   750  C  CA  . VAL A 1 102 ? 3.293   2.015   -0.391  1.00 33.53 ? 108 VAL A CA  1 
ATOM   751  C  C   . VAL A 1 102 ? 3.816   1.555   0.978   1.00 33.90 ? 108 VAL A C   1 
ATOM   752  O  O   . VAL A 1 102 ? 3.804   0.332   1.259   1.00 34.50 ? 108 VAL A O   1 
ATOM   753  C  CB  . VAL A 1 102 ? 4.434   2.416   -1.340  1.00 31.85 ? 108 VAL A CB  1 
ATOM   754  C  CG1 . VAL A 1 102 ? 5.467   1.303   -1.447  1.00 32.19 ? 108 VAL A CG1 1 
ATOM   755  C  CG2 . VAL A 1 102 ? 3.907   2.798   -2.713  1.00 32.74 ? 108 VAL A CG2 1 
ATOM   756  N  N   . GLY A 1 103 ? 4.228   2.501   1.818   1.00 33.53 ? 109 GLY A N   1 
ATOM   757  C  CA  . GLY A 1 103 ? 4.723   2.198   3.174   1.00 34.50 ? 109 GLY A CA  1 
ATOM   758  C  C   . GLY A 1 103 ? 3.633   1.558   4.008   1.00 36.67 ? 109 GLY A C   1 
ATOM   759  O  O   . GLY A 1 103 ? 3.902   0.570   4.733   1.00 36.36 ? 109 GLY A O   1 
ATOM   760  N  N   . PHE A 1 104 ? 2.411   2.071   3.898   1.00 35.45 ? 110 PHE A N   1 
ATOM   761  C  CA  . PHE A 1 104 ? 1.278   1.541   4.690   1.00 36.28 ? 110 PHE A CA  1 
ATOM   762  C  C   . PHE A 1 104 ? 1.036   0.069   4.336   1.00 34.90 ? 110 PHE A C   1 
ATOM   763  O  O   . PHE A 1 104 ? 0.926   -0.755  5.251   1.00 35.96 ? 110 PHE A O   1 
ATOM   764  C  CB  . PHE A 1 104 ? 0.017   2.379   4.500   1.00 35.93 ? 110 PHE A CB  1 
ATOM   765  C  CG  . PHE A 1 104 ? -1.089  1.902   5.395   1.00 36.98 ? 110 PHE A CG  1 
ATOM   766  C  CD1 . PHE A 1 104 ? -1.912  0.864   4.993   1.00 38.18 ? 110 PHE A CD1 1 
ATOM   767  C  CD2 . PHE A 1 104 ? -1.228  2.406   6.679   1.00 38.52 ? 110 PHE A CD2 1 
ATOM   768  C  CE1 . PHE A 1 104 ? -2.900  0.382   5.836   1.00 39.61 ? 110 PHE A CE1 1 
ATOM   769  C  CE2 . PHE A 1 104 ? -2.228  1.928   7.517   1.00 39.94 ? 110 PHE A CE2 1 
ATOM   770  C  CZ  . PHE A 1 104 ? -3.060  0.922   7.091   1.00 38.41 ? 110 PHE A CZ  1 
ATOM   771  N  N   . THR A 1 105 ? 0.912   -0.270  3.054   1.00 36.67 ? 111 THR A N   1 
ATOM   772  C  CA  . THR A 1 105 ? 0.586   -1.657  2.631   1.00 35.57 ? 111 THR A CA  1 
ATOM   773  C  C   . THR A 1 105 ? 1.752   -2.567  3.022   1.00 38.82 ? 111 THR A C   1 
ATOM   774  O  O   . THR A 1 105 ? 1.496   -3.688  3.427   1.00 38.38 ? 111 THR A O   1 
ATOM   775  C  CB  . THR A 1 105 ? 0.258   -1.780  1.139   1.00 37.68 ? 111 THR A CB  1 
ATOM   776  O  OG1 . THR A 1 105 ? 1.413   -1.452  0.363   1.00 37.43 ? 111 THR A OG1 1 
ATOM   777  C  CG2 . THR A 1 105 ? -0.920  -0.912  0.747   1.00 37.67 ? 111 THR A CG2 1 
ATOM   778  N  N   . LEU A 1 106 ? 2.987   -2.075  2.932   1.00 38.44 ? 112 LEU A N   1 
ATOM   779  C  CA  . LEU A 1 106 ? 4.188   -2.887  3.257   1.00 40.04 ? 112 LEU A CA  1 
ATOM   780  C  C   . LEU A 1 106 ? 4.146   -3.272  4.739   1.00 41.03 ? 112 LEU A C   1 
ATOM   781  O  O   . LEU A 1 106 ? 4.383   -4.443  5.052   1.00 44.60 ? 112 LEU A O   1 
ATOM   782  C  CB  . LEU A 1 106 ? 5.413   -2.042  2.909   1.00 40.93 ? 112 LEU A CB  1 
ATOM   783  C  CG  . LEU A 1 106 ? 6.725   -2.785  2.723   1.00 43.79 ? 112 LEU A CG  1 
ATOM   784  C  CD1 . LEU A 1 106 ? 6.634   -3.803  1.589   1.00 43.07 ? 112 LEU A CD1 1 
ATOM   785  C  CD2 . LEU A 1 106 ? 7.827   -1.775  2.465   1.00 44.05 ? 112 LEU A CD2 1 
ATOM   786  N  N   . LYS A 1 107 ? 3.790   -2.323  5.604   1.00 43.23 ? 113 LYS A N   1 
ATOM   787  C  CA  . LYS A 1 107 ? 3.963   -2.425  7.077   1.00 43.30 ? 113 LYS A CA  1 
ATOM   788  C  C   . LYS A 1 107 ? 2.777   -3.137  7.730   1.00 45.99 ? 113 LYS A C   1 
ATOM   789  O  O   . LYS A 1 107 ? 2.933   -3.576  8.877   1.00 48.86 ? 113 LYS A O   1 
ATOM   790  C  CB  . LYS A 1 107 ? 4.133   -1.033  7.684   1.00 43.36 ? 113 LYS A CB  1 
ATOM   791  C  CG  . LYS A 1 107 ? 5.463   -0.360  7.401   1.00 43.82 ? 113 LYS A CG  1 
ATOM   792  C  CD  . LYS A 1 107 ? 5.468   1.075   7.851   1.00 45.29 ? 113 LYS A CD  1 
ATOM   793  C  CE  . LYS A 1 107 ? 6.798   1.764   7.669   1.00 44.15 ? 113 LYS A CE  1 
ATOM   794  N  NZ  . LYS A 1 107 ? 6.718   3.191   8.050   1.00 46.96 ? 113 LYS A NZ  1 
ATOM   795  N  N   . ASN A 1 108 ? 1.641   -3.273  7.042   1.00 44.22 ? 114 ASN A N   1 
ATOM   796  C  CA  . ASN A 1 108 ? 0.364   -3.649  7.696   1.00 44.91 ? 114 ASN A CA  1 
ATOM   797  C  C   . ASN A 1 108 ? -0.159  -4.983  7.155   1.00 45.01 ? 114 ASN A C   1 
ATOM   798  O  O   . ASN A 1 108 ? 0.345   -5.464  6.133   1.00 46.35 ? 114 ASN A O   1 
ATOM   799  C  CB  . ASN A 1 108 ? -0.632  -2.492  7.594   1.00 43.55 ? 114 ASN A CB  1 
ATOM   800  C  CG  . ASN A 1 108 ? -0.234  -1.363  8.516   1.00 43.94 ? 114 ASN A CG  1 
ATOM   801  O  OD1 . ASN A 1 108 ? -0.380  -1.486  9.731   1.00 45.30 ? 114 ASN A OD1 1 
ATOM   802  N  ND2 . ASN A 1 108 ? 0.320   -0.285  7.975   1.00 39.56 ? 114 ASN A ND2 1 
ATOM   803  N  N   . THR A 1 109 ? -1.152  -5.542  7.850   1.00 44.74 ? 115 THR A N   1 
ATOM   804  C  CA  . THR A 1 109 ? -1.737  -6.881  7.606   1.00 46.54 ? 115 THR A CA  1 
ATOM   805  C  C   . THR A 1 109 ? -3.262  -6.800  7.699   1.00 41.46 ? 115 THR A C   1 
ATOM   806  O  O   . THR A 1 109 ? -3.763  -6.073  8.565   1.00 45.94 ? 115 THR A O   1 
ATOM   807  C  CB  . THR A 1 109 ? -1.188  -7.900  8.615   1.00 52.31 ? 115 THR A CB  1 
ATOM   808  O  OG1 . THR A 1 109 ? 0.233   -7.900  8.490   1.00 55.69 ? 115 THR A OG1 1 
ATOM   809  C  CG2 . THR A 1 109 ? -1.727  -9.296  8.386   1.00 53.57 ? 115 THR A CG2 1 
ATOM   810  N  N   . VAL A 1 110 ? -3.961  -7.543  6.849   1.00 47.14 ? 116 VAL A N   1 
ATOM   811  C  CA  . VAL A 1 110 ? -5.451  -7.569  6.786   1.00 49.65 ? 116 VAL A CA  1 
ATOM   812  C  C   . VAL A 1 110 ? -5.963  -8.601  7.800   1.00 52.46 ? 116 VAL A C   1 
ATOM   813  O  O   . VAL A 1 110 ? -5.520  -9.756  7.705   1.00 56.54 ? 116 VAL A O   1 
ATOM   814  C  CB  . VAL A 1 110 ? -5.925  -7.897  5.359   1.00 48.78 ? 116 VAL A CB  1 
ATOM   815  C  CG1 . VAL A 1 110 ? -7.445  -7.906  5.248   1.00 47.62 ? 116 VAL A CG1 1 
ATOM   816  C  CG2 . VAL A 1 110 ? -5.314  -6.947  4.336   1.00 49.64 ? 116 VAL A CG2 1 
ATOM   817  N  N   . CYS A 1 111 ? -6.841  -8.191  8.728   1.00 59.12 ? 117 CYS A N   1 
ATOM   818  C  CA  . CYS A 1 111 ? -7.661  -9.077  9.613   1.00 60.32 ? 117 CYS A CA  1 
ATOM   819  C  C   . CYS A 1 111 ? -8.366  -10.111 8.724   1.00 65.28 ? 117 CYS A C   1 
ATOM   820  O  O   . CYS A 1 111 ? -9.151  -9.710  7.841   1.00 59.55 ? 117 CYS A O   1 
ATOM   821  C  CB  . CYS A 1 111 ? -8.657  -8.258  10.439  1.00 61.59 ? 117 CYS A CB  1 
ATOM   822  S  SG  . CYS A 1 111 ? -9.657  -9.167  11.660  1.00 56.33 ? 117 CYS A SG  1 
ATOM   823  N  N   . THR A 1 112 ? -8.065  -11.396 8.918   1.00 68.42 ? 118 THR A N   1 
ATOM   824  C  CA  . THR A 1 112 ? -8.664  -12.524 8.155   1.00 71.30 ? 118 THR A CA  1 
ATOM   825  C  C   . THR A 1 112 ? -10.147 -12.685 8.525   1.00 69.23 ? 118 THR A C   1 
ATOM   826  O  O   . THR A 1 112 ? -10.856 -13.396 7.787   1.00 67.40 ? 118 THR A O   1 
ATOM   827  C  CB  . THR A 1 112 ? -7.888  -13.824 8.404   1.00 76.03 ? 118 THR A CB  1 
ATOM   828  O  OG1 . THR A 1 112 ? -8.018  -14.122 9.795   1.00 77.40 ? 118 THR A OG1 1 
ATOM   829  C  CG2 . THR A 1 112 ? -6.425  -13.726 8.026   1.00 74.33 ? 118 THR A CG2 1 
ATOM   830  N  N   . VAL A 1 113 ? -10.597 -12.052 9.615   1.00 71.35 ? 119 VAL A N   1 
ATOM   831  C  CA  . VAL A 1 113 ? -12.017 -12.085 10.085  1.00 73.27 ? 119 VAL A CA  1 
ATOM   832  C  C   . VAL A 1 113 ? -12.819 -10.991 9.365   1.00 71.66 ? 119 VAL A C   1 
ATOM   833  O  O   . VAL A 1 113 ? -13.654 -11.348 8.513   1.00 74.08 ? 119 VAL A O   1 
ATOM   834  C  CB  . VAL A 1 113 ? -12.120 -11.941 11.618  1.00 77.29 ? 119 VAL A CB  1 
ATOM   835  C  CG1 . VAL A 1 113 ? -13.542 -12.169 12.105  1.00 75.77 ? 119 VAL A CG1 1 
ATOM   836  C  CG2 . VAL A 1 113 ? -11.155 -12.870 12.340  1.00 77.36 ? 119 VAL A CG2 1 
ATOM   837  N  N   . CYS A 1 114 ? -12.585 -9.715  9.700   1.00 66.38 ? 120 CYS A N   1 
ATOM   838  C  CA  . CYS A 1 114 ? -13.405 -8.565  9.233   1.00 64.44 ? 120 CYS A CA  1 
ATOM   839  C  C   . CYS A 1 114 ? -12.896 -8.038  7.883   1.00 59.77 ? 120 CYS A C   1 
ATOM   840  O  O   . CYS A 1 114 ? -13.644 -7.284  7.251   1.00 60.41 ? 120 CYS A O   1 
ATOM   841  C  CB  . CYS A 1 114 ? -13.446 -7.452  10.271  1.00 64.95 ? 120 CYS A CB  1 
ATOM   842  S  SG  . CYS A 1 114 ? -11.840 -6.677  10.579  1.00 64.84 ? 120 CYS A SG  1 
ATOM   843  N  N   . GLY A 1 115 ? -11.687 -8.418  7.453   1.00 54.65 ? 121 GLY A N   1 
ATOM   844  C  CA  . GLY A 1 115 ? -11.111 -8.022  6.150   1.00 52.59 ? 121 GLY A CA  1 
ATOM   845  C  C   . GLY A 1 115 ? -10.624 -6.579  6.146   1.00 47.76 ? 121 GLY A C   1 
ATOM   846  O  O   . GLY A 1 115 ? -10.383 -6.046  5.041   1.00 49.37 ? 121 GLY A O   1 
ATOM   847  N  N   . MET A 1 116 ? -10.468 -5.974  7.328   1.00 44.88 ? 122 MET A N   1 
ATOM   848  C  CA  . MET A 1 116 ? -9.955  -4.592  7.513   1.00 49.25 ? 122 MET A CA  1 
ATOM   849  C  C   . MET A 1 116 ? -8.525  -4.648  8.064   1.00 46.01 ? 122 MET A C   1 
ATOM   850  O  O   . MET A 1 116 ? -8.128  -5.717  8.576   1.00 50.44 ? 122 MET A O   1 
ATOM   851  C  CB  . MET A 1 116 ? -10.862 -3.809  8.466   1.00 53.33 ? 122 MET A CB  1 
ATOM   852  C  CG  . MET A 1 116 ? -12.278 -3.650  7.936   1.00 56.76 ? 122 MET A CG  1 
ATOM   853  S  SD  . MET A 1 116 ? -13.230 -2.447  8.887   1.00 62.99 ? 122 MET A SD  1 
ATOM   854  C  CE  . MET A 1 116 ? -14.229 -3.535  9.901   1.00 71.93 ? 122 MET A CE  1 
ATOM   855  N  N   . TRP A 1 117 ? -7.769  -3.551  7.963   1.00 44.54 ? 123 TRP A N   1 
ATOM   856  C  CA  . TRP A 1 117 ? -6.352  -3.495  8.419   1.00 45.05 ? 123 TRP A CA  1 
ATOM   857  C  C   . TRP A 1 117 ? -6.294  -3.674  9.941   1.00 48.81 ? 123 TRP A C   1 
ATOM   858  O  O   . TRP A 1 117 ? -6.975  -2.904  10.658  1.00 48.96 ? 123 TRP A O   1 
ATOM   859  C  CB  . TRP A 1 117 ? -5.674  -2.187  7.996   1.00 45.64 ? 123 TRP A CB  1 
ATOM   860  C  CG  . TRP A 1 117 ? -5.491  -2.045  6.516   1.00 41.27 ? 123 TRP A CG  1 
ATOM   861  C  CD1 . TRP A 1 117 ? -6.180  -1.210  5.686   1.00 43.48 ? 123 TRP A CD1 1 
ATOM   862  C  CD2 . TRP A 1 117 ? -4.557  -2.758  5.683   1.00 41.83 ? 123 TRP A CD2 1 
ATOM   863  N  NE1 . TRP A 1 117 ? -5.739  -1.354  4.396   1.00 42.91 ? 123 TRP A NE1 1 
ATOM   864  C  CE2 . TRP A 1 117 ? -4.740  -2.286  4.364   1.00 40.38 ? 123 TRP A CE2 1 
ATOM   865  C  CE3 . TRP A 1 117 ? -3.581  -3.732  5.916   1.00 40.95 ? 123 TRP A CE3 1 
ATOM   866  C  CZ2 . TRP A 1 117 ? -3.986  -2.759  3.295   1.00 41.61 ? 123 TRP A CZ2 1 
ATOM   867  C  CZ3 . TRP A 1 117 ? -2.830  -4.197  4.858   1.00 42.11 ? 123 TRP A CZ3 1 
ATOM   868  C  CH2 . TRP A 1 117 ? -3.038  -3.721  3.564   1.00 43.00 ? 123 TRP A CH2 1 
ATOM   869  N  N   . LYS A 1 118 ? -5.501  -4.643  10.402  1.00 51.79 ? 124 LYS A N   1 
ATOM   870  C  CA  . LYS A 1 118 ? -5.209  -4.864  11.843  1.00 55.40 ? 124 LYS A CA  1 
ATOM   871  C  C   . LYS A 1 118 ? -4.608  -3.576  12.414  1.00 56.95 ? 124 LYS A C   1 
ATOM   872  O  O   . LYS A 1 118 ? -3.688  -3.016  11.779  1.00 59.97 ? 124 LYS A O   1 
ATOM   873  C  CB  . LYS A 1 118 ? -4.267  -6.058  12.028  1.00 59.32 ? 124 LYS A CB  1 
ATOM   874  C  CG  . LYS A 1 118 ? -4.866  -7.404  11.646  1.00 64.29 ? 124 LYS A CG  1 
ATOM   875  C  CD  . LYS A 1 118 ? -3.963  -8.588  11.934  1.00 71.71 ? 124 LYS A CD  1 
ATOM   876  C  CE  . LYS A 1 118 ? -4.614  -9.916  11.599  1.00 77.60 ? 124 LYS A CE  1 
ATOM   877  N  NZ  . LYS A 1 118 ? -3.900  -11.059 12.218  1.00 80.32 ? 124 LYS A NZ  1 
ATOM   878  N  N   . GLY A 1 119 ? -5.153  -3.094  13.533  1.00 53.14 ? 125 GLY A N   1 
ATOM   879  C  CA  . GLY A 1 119 ? -4.653  -1.904  14.244  1.00 53.14 ? 125 GLY A CA  1 
ATOM   880  C  C   . GLY A 1 119 ? -5.230  -0.605  13.712  1.00 53.39 ? 125 GLY A C   1 
ATOM   881  O  O   . GLY A 1 119 ? -4.831  0.451   14.224  1.00 59.72 ? 125 GLY A O   1 
ATOM   882  N  N   . TYR A 1 120 ? -6.123  -0.655  12.721  1.00 54.57 ? 126 TYR A N   1 
ATOM   883  C  CA  . TYR A 1 120 ? -6.746  0.553   12.120  1.00 54.46 ? 126 TYR A CA  1 
ATOM   884  C  C   . TYR A 1 120 ? -8.259  0.341   12.036  1.00 58.48 ? 126 TYR A C   1 
ATOM   885  O  O   . TYR A 1 120 ? -8.921  0.506   13.073  1.00 61.70 ? 126 TYR A O   1 
ATOM   886  C  CB  . TYR A 1 120 ? -6.086  0.882   10.778  1.00 50.92 ? 126 TYR A CB  1 
ATOM   887  C  CG  . TYR A 1 120 ? -4.676  1.385   10.921  1.00 46.55 ? 126 TYR A CG  1 
ATOM   888  C  CD1 . TYR A 1 120 ? -4.425  2.718   11.191  1.00 46.20 ? 126 TYR A CD1 1 
ATOM   889  C  CD2 . TYR A 1 120 ? -3.595  0.523   10.827  1.00 46.55 ? 126 TYR A CD2 1 
ATOM   890  C  CE1 . TYR A 1 120 ? -3.134  3.188   11.355  1.00 47.46 ? 126 TYR A CE1 1 
ATOM   891  C  CE2 . TYR A 1 120 ? -2.297  0.979   10.979  1.00 44.21 ? 126 TYR A CE2 1 
ATOM   892  C  CZ  . TYR A 1 120 ? -2.066  2.315   11.241  1.00 44.38 ? 126 TYR A CZ  1 
ATOM   893  O  OH  . TYR A 1 120 ? -0.797  2.783   11.390  1.00 46.55 ? 126 TYR A OH  1 
ATOM   894  N  N   . GLY A 1 121 ? -8.770  -0.020  10.857  1.00 61.93 ? 127 GLY A N   1 
ATOM   895  C  CA  . GLY A 1 121 ? -10.198 -0.292  10.617  1.00 65.89 ? 127 GLY A CA  1 
ATOM   896  C  C   . GLY A 1 121 ? -10.711 -1.418  11.498  1.00 66.03 ? 127 GLY A C   1 
ATOM   897  O  O   . GLY A 1 121 ? -11.852 -1.301  11.983  1.00 66.05 ? 127 GLY A O   1 
ATOM   898  N  N   . CYS A 1 122 ? -9.909  -2.468  11.698  1.00 66.76 ? 128 CYS A N   1 
ATOM   899  C  CA  . CYS A 1 122 ? -10.283 -3.670  12.490  1.00 70.56 ? 128 CYS A CA  1 
ATOM   900  C  C   . CYS A 1 122 ? -10.599 -3.263  13.936  1.00 78.31 ? 128 CYS A C   1 
ATOM   901  O  O   . CYS A 1 122 ? -9.733  -2.629  14.576  1.00 81.73 ? 128 CYS A O   1 
ATOM   902  C  CB  . CYS A 1 122 ? -9.179  -4.718  12.499  1.00 68.60 ? 128 CYS A CB  1 
ATOM   903  S  SG  . CYS A 1 122 ? -9.617  -6.203  13.445  1.00 68.02 ? 128 CYS A SG  1 
ATOM   904  N  N   . SER A 1 123 ? -11.795 -3.619  14.419  1.00 84.42 ? 129 SER A N   1 
ATOM   905  C  CA  . SER A 1 123 ? -12.238 -3.446  15.830  1.00 87.38 ? 129 SER A CA  1 
ATOM   906  C  C   . SER A 1 123 ? -12.714 -4.792  16.400  1.00 87.52 ? 129 SER A C   1 
ATOM   907  O  O   . SER A 1 123 ? -13.646 -4.788  17.226  1.00 94.15 ? 129 SER A O   1 
ATOM   908  C  CB  . SER A 1 123 ? -13.300 -2.373  15.932  1.00 87.85 ? 129 SER A CB  1 
ATOM   909  O  OG  . SER A 1 123 ? -14.395 -2.648  15.069  1.00 88.03 ? 129 SER A OG  1 
ATOM   910  N  N   . CYS A 1 124 ? -12.080 -5.898  15.988  1.00 83.54 ? 130 CYS A N   1 
ATOM   911  C  CA  . CYS A 1 124 ? -12.387 -7.284  16.444  1.00 84.74 ? 130 CYS A CA  1 
ATOM   912  C  C   . CYS A 1 124 ? -11.999 -7.441  17.919  1.00 83.75 ? 130 CYS A C   1 
ATOM   913  O  O   . CYS A 1 124 ? -10.922 -7.021  18.342  1.00 84.07 ? 130 CYS A O   1 
ATOM   914  C  CB  . CYS A 1 124 ? -11.663 -8.327  15.598  1.00 81.88 ? 130 CYS A CB  1 
ATOM   915  S  SG  . CYS A 1 124 ? -12.544 -8.770  14.079  1.00 83.94 ? 130 CYS A SG  1 
HETATM 916  ZN ZN  . ZN  B 2 .   ? 2.382   -6.113  -6.384  1.00 36.74 ? 201 ZN  A ZN  1 
HETATM 917  ZN ZN  . ZN  C 2 .   ? -10.847 -7.624  12.385  1.00 67.84 ? 202 ZN  A ZN  1 
HETATM 918  S  S   . DMS D 3 .   ? 10.029  11.687  -3.320  1.00 51.07 ? 203 DMS A S   1 
HETATM 919  O  O   . DMS D 3 .   ? 11.163  12.249  -4.143  1.00 55.63 ? 203 DMS A O   1 
HETATM 920  C  C1  . DMS D 3 .   ? 8.555   11.882  -4.307  1.00 49.82 ? 203 DMS A C1  1 
HETATM 921  C  C2  . DMS D 3 .   ? 10.151  9.913   -3.442  1.00 47.26 ? 203 DMS A C2  1 
HETATM 922  S  S   . DMS E 3 .   ? 14.336  -4.401  -13.227 0.33 77.20 ? 204 DMS A S   1 
HETATM 923  O  O   . DMS E 3 .   ? 13.444  -5.474  -13.760 0.33 60.80 ? 204 DMS A O   1 
HETATM 924  C  C1  . DMS E 3 .   ? 14.054  -4.351  -11.475 0.33 68.74 ? 204 DMS A C1  1 
HETATM 925  C  C2  . DMS E 3 .   ? 13.555  -2.862  -13.647 0.33 72.39 ? 204 DMS A C2  1 
HETATM 926  N  N1  . PIM F 4 .   ? 21.104  3.768   -6.487  1.00 45.31 ? 205 PIM A N1  1 
HETATM 927  C  C2  . PIM F 4 .   ? 20.465  2.767   -7.118  1.00 39.90 ? 205 PIM A C2  1 
HETATM 928  N  N3  . PIM F 4 .   ? 19.632  3.227   -8.019  1.00 41.15 ? 205 PIM A N3  1 
HETATM 929  C  C4  . PIM F 4 .   ? 19.748  4.595   -7.970  1.00 41.45 ? 205 PIM A C4  1 
HETATM 930  C  C5  . PIM F 4 .   ? 20.667  4.953   -7.030  1.00 43.57 ? 205 PIM A C5  1 
HETATM 931  C  C6  . PIM F 4 .   ? 21.148  6.271   -6.593  1.00 46.17 ? 205 PIM A C6  1 
HETATM 932  C  C7  . PIM F 4 .   ? 21.838  6.424   -5.395  1.00 47.33 ? 205 PIM A C7  1 
HETATM 933  C  C8  . PIM F 4 .   ? 22.275  7.673   -4.985  1.00 51.11 ? 205 PIM A C8  1 
HETATM 934  C  C9  . PIM F 4 .   ? 22.044  8.782   -5.765  1.00 52.83 ? 205 PIM A C9  1 
HETATM 935  C  C10 . PIM F 4 .   ? 21.370  8.649   -6.958  1.00 53.21 ? 205 PIM A C10 1 
HETATM 936  C  C11 . PIM F 4 .   ? 20.923  7.406   -7.372  1.00 52.15 ? 205 PIM A C11 1 
HETATM 937  N  N1  . PIM G 4 .   ? -11.316 11.539  2.938   1.00 53.33 ? 206 PIM A N1  1 
HETATM 938  C  C2  . PIM G 4 .   ? -11.786 10.975  4.057   1.00 54.14 ? 206 PIM A C2  1 
HETATM 939  N  N3  . PIM G 4 .   ? -13.042 11.314  4.268   1.00 56.69 ? 206 PIM A N3  1 
HETATM 940  C  C4  . PIM G 4 .   ? -13.395 12.136  3.228   1.00 55.12 ? 206 PIM A C4  1 
HETATM 941  C  C5  . PIM G 4 .   ? -12.327 12.289  2.389   1.00 57.99 ? 206 PIM A C5  1 
HETATM 942  C  C6  . PIM G 4 .   ? -12.179 13.057  1.147   1.00 60.87 ? 206 PIM A C6  1 
HETATM 943  C  C7  . PIM G 4 .   ? -10.966 13.092  0.460   1.00 61.43 ? 206 PIM A C7  1 
HETATM 944  C  C8  . PIM G 4 .   ? -10.840 13.816  -0.717  1.00 61.28 ? 206 PIM A C8  1 
HETATM 945  C  C9  . PIM G 4 .   ? -11.916 14.510  -1.224  1.00 63.72 ? 206 PIM A C9  1 
HETATM 946  C  C10 . PIM G 4 .   ? -13.123 14.487  -0.557  1.00 64.31 ? 206 PIM A C10 1 
HETATM 947  C  C11 . PIM G 4 .   ? -13.258 13.768  0.620   1.00 64.50 ? 206 PIM A C11 1 
HETATM 948  C  C1  . GOL H 5 .   ? -6.377  8.753   -11.184 1.00 58.59 ? 207 GOL A C1  1 
HETATM 949  O  O1  . GOL H 5 .   ? -5.675  8.339   -12.366 1.00 46.84 ? 207 GOL A O1  1 
HETATM 950  C  C2  . GOL H 5 .   ? -5.716  9.894   -10.416 1.00 59.50 ? 207 GOL A C2  1 
HETATM 951  O  O2  . GOL H 5 .   ? -5.735  11.093  -11.189 1.00 64.48 ? 207 GOL A O2  1 
HETATM 952  C  C3  . GOL H 5 .   ? -4.292  9.620   -9.970  1.00 60.16 ? 207 GOL A C3  1 
HETATM 953  O  O3  . GOL H 5 .   ? -4.046  10.071  -8.636  1.00 54.42 ? 207 GOL A O3  1 
HETATM 954  C  C1  . GOL I 5 .   ? -0.244  -5.986  1.237   1.00 70.36 ? 208 GOL A C1  1 
HETATM 955  O  O1  . GOL I 5 .   ? -0.269  -7.025  0.262   1.00 74.97 ? 208 GOL A O1  1 
HETATM 956  C  C2  . GOL I 5 .   ? -0.599  -6.502  2.617   1.00 73.40 ? 208 GOL A C2  1 
HETATM 957  O  O2  . GOL I 5 .   ? -1.624  -7.493  2.522   1.00 75.33 ? 208 GOL A O2  1 
HETATM 958  C  C3  . GOL I 5 .   ? 0.593   -7.069  3.360   1.00 74.76 ? 208 GOL A C3  1 
HETATM 959  O  O3  . GOL I 5 .   ? 1.311   -6.045  4.047   1.00 66.65 ? 208 GOL A O3  1 
HETATM 960  CL CL  . CL  J 6 .   ? -8.498  0.746   7.885   1.00 52.77 ? 209 CL  A CL  1 
HETATM 961  CL CL  . CL  K 6 .   ? 7.114   8.660   -11.333 1.00 39.80 ? 210 CL  A CL  1 
HETATM 962  O  O   . HOH L 7 .   ? -4.407  -9.524  -7.095  1.00 52.22 ? 301 HOH A O   1 
HETATM 963  O  O   . HOH L 7 .   ? 5.762   -4.466  -11.855 1.00 56.78 ? 302 HOH A O   1 
HETATM 964  O  O   . HOH L 7 .   ? -16.268 -4.815  0.493   1.00 53.05 ? 303 HOH A O   1 
HETATM 965  O  O   . HOH L 7 .   ? 12.088  -7.794  -12.928 1.00 55.15 ? 304 HOH A O   1 
HETATM 966  O  O   . HOH L 7 .   ? 9.736   9.466   6.090   1.00 37.78 ? 305 HOH A O   1 
HETATM 967  O  O   . HOH L 7 .   ? -12.998 5.786   -8.829  1.00 55.92 ? 306 HOH A O   1 
HETATM 968  O  O   . HOH L 7 .   ? -1.692  -3.766  10.313  1.00 47.98 ? 307 HOH A O   1 
HETATM 969  O  O   . HOH L 7 .   ? -8.792  1.789   -11.987 1.00 38.04 ? 308 HOH A O   1 
HETATM 970  O  O   . HOH L 7 .   ? -10.949 -5.457  -9.379  1.00 49.35 ? 309 HOH A O   1 
HETATM 971  O  O   . HOH L 7 .   ? -6.323  -9.696  -2.933  1.00 56.30 ? 310 HOH A O   1 
HETATM 972  O  O   . HOH L 7 .   ? -19.250 3.217   5.173   1.00 56.23 ? 311 HOH A O   1 
HETATM 973  O  O   . HOH L 7 .   ? -9.852  8.039   -2.658  1.00 41.30 ? 312 HOH A O   1 
HETATM 974  O  O   . HOH L 7 .   ? -16.520 0.537   7.287   1.00 50.88 ? 313 HOH A O   1 
HETATM 975  O  O   . HOH L 7 .   ? 13.337  -1.238  8.718   1.00 66.24 ? 314 HOH A O   1 
HETATM 976  O  O   . HOH L 7 .   ? 5.984   -11.976 -8.421  1.00 49.75 ? 315 HOH A O   1 
HETATM 977  O  O   . HOH L 7 .   ? 6.696   -7.607  2.217   1.00 57.43 ? 316 HOH A O   1 
HETATM 978  O  O   . HOH L 7 .   ? -1.120  10.454  -1.292  1.00 64.21 ? 317 HOH A O   1 
HETATM 979  O  O   . HOH L 7 .   ? 2.335   9.212   -1.803  1.00 46.17 ? 318 HOH A O   1 
HETATM 980  O  O   . HOH L 7 .   ? -2.125  -8.949  4.712   1.00 46.43 ? 319 HOH A O   1 
HETATM 981  O  O   . HOH L 7 .   ? 9.800   2.880   8.303   1.00 41.49 ? 320 HOH A O   1 
HETATM 982  O  O   . HOH L 7 .   ? -9.836  -6.826  2.524   1.00 44.79 ? 321 HOH A O   1 
HETATM 983  O  O   . HOH L 7 .   ? 5.487   7.311   5.880   1.00 43.55 ? 322 HOH A O   1 
HETATM 984  O  O   . HOH L 7 .   ? -16.138 -3.871  -4.105  1.00 49.97 ? 323 HOH A O   1 
HETATM 985  O  O   . HOH L 7 .   ? 13.855  11.659  -1.507  1.00 52.93 ? 324 HOH A O   1 
HETATM 986  O  O   . HOH L 7 .   ? 5.821   3.320   10.589  1.00 58.27 ? 325 HOH A O   1 
HETATM 987  O  O   . HOH L 7 .   ? -4.482  10.388  -13.685 1.00 56.10 ? 326 HOH A O   1 
HETATM 988  O  O   . HOH L 7 .   ? 10.379  9.288   -11.555 1.00 52.57 ? 327 HOH A O   1 
HETATM 989  O  O   . HOH L 7 .   ? 3.803   5.746   -0.850  1.00 34.02 ? 328 HOH A O   1 
HETATM 990  O  O   . HOH L 7 .   ? 15.024  -6.755  -4.413  1.00 44.99 ? 329 HOH A O   1 
HETATM 991  O  O   . HOH L 7 .   ? 7.179   2.452   -10.483 1.00 33.03 ? 330 HOH A O   1 
HETATM 992  O  O   . HOH L 7 .   ? 5.376   13.706  -7.023  1.00 46.18 ? 331 HOH A O   1 
HETATM 993  O  O   . HOH L 7 .   ? 3.776   -2.359  -0.649  1.00 40.79 ? 332 HOH A O   1 
HETATM 994  O  O   . HOH L 7 .   ? 6.273   12.263  -0.582  1.00 43.07 ? 333 HOH A O   1 
HETATM 995  O  O   . HOH L 7 .   ? 6.498   -7.065  -10.181 1.00 45.79 ? 334 HOH A O   1 
HETATM 996  O  O   . HOH L 7 .   ? 3.800   12.056  0.659   1.00 45.42 ? 335 HOH A O   1 
HETATM 997  O  O   . HOH L 7 .   ? -11.292 7.506   -9.859  1.00 41.76 ? 336 HOH A O   1 
HETATM 998  O  O   . HOH L 7 .   ? 21.956  -5.805  -3.313  1.00 31.61 ? 337 HOH A O   1 
HETATM 999  O  O   . HOH L 7 .   ? -15.976 4.754   -1.272  1.00 51.20 ? 338 HOH A O   1 
HETATM 1000 O  O   . HOH L 7 .   ? -11.410 10.003  11.145  1.00 73.22 ? 339 HOH A O   1 
HETATM 1001 O  O   . HOH L 7 .   ? 4.738   4.004   6.054   1.00 47.33 ? 340 HOH A O   1 
HETATM 1002 O  O   . HOH L 7 .   ? 17.322  2.542   3.132   1.00 41.92 ? 341 HOH A O   1 
HETATM 1003 O  O   . HOH L 7 .   ? -9.455  -1.797  6.223   1.00 43.95 ? 342 HOH A O   1 
HETATM 1004 O  O   . HOH L 7 .   ? -6.517  -1.660  -9.816  1.00 45.86 ? 343 HOH A O   1 
HETATM 1005 O  O   . HOH L 7 .   ? 1.265   1.882   9.552   1.00 48.02 ? 344 HOH A O   1 
HETATM 1006 O  O   . HOH L 7 .   ? 0.892   4.867   -10.720 1.00 49.69 ? 345 HOH A O   1 
HETATM 1007 O  O   . HOH L 7 .   ? 7.096   -5.823  4.782   1.00 55.61 ? 346 HOH A O   1 
HETATM 1008 O  O   . HOH L 7 .   ? -9.838  12.714  -4.129  1.00 69.42 ? 347 HOH A O   1 
HETATM 1009 O  O   . HOH L 7 .   ? 6.944   6.073   8.323   1.00 54.15 ? 348 HOH A O   1 
HETATM 1010 O  O   . HOH L 7 .   ? -12.290 -7.713  1.276   1.00 55.56 ? 349 HOH A O   1 
HETATM 1011 O  O   . HOH L 7 .   ? 6.971   -3.692  9.283   1.00 65.96 ? 350 HOH A O   1 
HETATM 1012 O  O   . HOH L 7 .   ? 19.952  -4.050  9.626   1.00 58.24 ? 351 HOH A O   1 
HETATM 1013 O  O   . HOH L 7 .   ? -17.249 3.132   -2.563  1.00 56.49 ? 352 HOH A O   1 
HETATM 1014 O  O   . HOH L 7 .   ? -7.851  7.772   9.228   1.00 60.13 ? 353 HOH A O   1 
HETATM 1015 O  O   . HOH L 7 .   ? -18.096 5.771   6.608   1.00 55.50 ? 354 HOH A O   1 
HETATM 1016 O  O   . HOH L 7 .   ? 11.352  -7.455  0.434   1.00 49.18 ? 355 HOH A O   1 
HETATM 1017 O  O   . HOH L 7 .   ? -3.914  -2.411  -9.920  1.00 37.02 ? 356 HOH A O   1 
HETATM 1018 O  O   . HOH L 7 .   ? 13.982  10.190  -9.595  1.00 40.52 ? 357 HOH A O   1 
HETATM 1019 O  O   . HOH L 7 .   ? 18.996  -5.337  1.560   1.00 51.10 ? 358 HOH A O   1 
HETATM 1020 O  O   . HOH L 7 .   ? 1.683   5.274   5.673   1.00 56.26 ? 359 HOH A O   1 
HETATM 1021 O  O   . HOH L 7 .   ? 2.882   -0.500  -10.071 1.00 43.05 ? 360 HOH A O   1 
HETATM 1022 O  O   . HOH L 7 .   ? 6.746   14.680  -1.925  1.00 53.73 ? 361 HOH A O   1 
HETATM 1023 O  O   . HOH L 7 .   ? 4.654   12.994  3.319   1.00 43.74 ? 362 HOH A O   1 
HETATM 1024 O  O   . HOH L 7 .   ? -11.963 10.624  -3.586  1.00 51.78 ? 363 HOH A O   1 
HETATM 1025 O  O   . HOH L 7 .   ? 7.731   -4.802  -15.423 1.00 46.74 ? 364 HOH A O   1 
HETATM 1026 O  O   . HOH L 7 .   ? -12.239 2.779   9.526   1.00 51.27 ? 365 HOH A O   1 
HETATM 1027 O  O   . HOH L 7 .   ? 0.703   9.048   -4.023  1.00 43.01 ? 366 HOH A O   1 
HETATM 1028 O  O   . HOH L 7 .   ? 13.027  -8.024  -2.043  1.00 54.84 ? 367 HOH A O   1 
HETATM 1029 O  O   . HOH L 7 .   ? -2.841  0.893   -9.812  1.00 33.37 ? 368 HOH A O   1 
HETATM 1030 O  O   . HOH L 7 .   ? 13.719  12.977  1.077   1.00 40.58 ? 369 HOH A O   1 
HETATM 1031 O  O   . HOH L 7 .   ? -14.446 -6.842  -2.729  1.00 50.49 ? 370 HOH A O   1 
HETATM 1032 O  O   . HOH L 7 .   ? 9.502   12.068  -8.686  1.00 34.85 ? 371 HOH A O   1 
HETATM 1033 O  O   . HOH L 7 .   ? 3.706   -6.856  -10.685 1.00 57.67 ? 372 HOH A O   1 
HETATM 1034 O  O   . HOH L 7 .   ? 3.967   -6.801  2.279   1.00 57.28 ? 373 HOH A O   1 
HETATM 1035 O  O   . HOH L 7 .   ? -16.179 4.641   -7.242  1.00 60.75 ? 374 HOH A O   1 
HETATM 1036 O  O   . HOH L 7 .   ? -7.703  -2.503  -11.958 1.00 62.74 ? 375 HOH A O   1 
HETATM 1037 O  O   . HOH L 7 .   ? 2.203   -6.487  -2.094  1.00 48.31 ? 376 HOH A O   1 
HETATM 1038 O  O   . HOH L 7 .   ? 9.048   5.605   9.426   1.00 48.19 ? 377 HOH A O   1 
HETATM 1039 O  O   . HOH L 7 .   ? -18.630 1.843   7.060   1.00 69.16 ? 378 HOH A O   1 
HETATM 1040 O  O   . HOH L 7 .   ? 2.843   -4.961  -0.056  1.00 54.98 ? 379 HOH A O   1 
HETATM 1041 O  O   . HOH L 7 .   ? -24.505 3.557   0.421   1.00 66.82 ? 380 HOH A O   1 
HETATM 1042 O  O   . HOH L 7 .   ? 6.445   12.556  4.936   1.00 56.76 ? 381 HOH A O   1 
HETATM 1043 O  O   . HOH L 7 .   ? -3.192  -2.922  -12.398 1.00 62.24 ? 382 HOH A O   1 
HETATM 1044 O  O   . HOH L 7 .   ? -9.618  3.385   9.084   1.00 58.36 ? 383 HOH A O   1 
HETATM 1045 O  O   . HOH L 7 .   ? -0.711  1.240   -11.800 1.00 48.97 ? 384 HOH A O   1 
HETATM 1046 O  O   . HOH L 7 .   ? 2.165   3.993   7.517   1.00 39.86 ? 385 HOH A O   1 
HETATM 1047 O  O   . HOH L 7 .   ? 2.034   2.230   -11.101 1.00 40.97 ? 386 HOH A O   1 
HETATM 1048 O  O   . HOH L 7 .   ? 7.076   9.272   6.288   1.00 50.89 ? 387 HOH A O   1 
HETATM 1049 O  O   . HOH L 7 .   ? 1.225   11.633  -2.454  1.00 57.54 ? 388 HOH A O   1 
HETATM 1050 O  O   . HOH L 7 .   ? 9.372   0.275   9.944   1.00 61.12 ? 389 HOH A O   1 
HETATM 1051 O  O   . HOH L 7 .   ? -8.063  4.399   10.909  1.00 61.31 ? 390 HOH A O   1 
HETATM 1052 O  O   . HOH L 7 .   ? 7.712   -1.259  10.150  1.00 59.55 ? 391 HOH A O   1 
HETATM 1053 O  O   . HOH L 7 .   ? -17.065 15.426  -0.095  0.33 71.57 ? 392 HOH A O   1 
# 
